data_1XHD
# 
_entry.id   1XHD 
# 
_audit_conform.dict_name       mmcif_pdbx.dic 
_audit_conform.dict_version    5.398 
_audit_conform.dict_location   http://mmcif.pdb.org/dictionaries/ascii/mmcif_pdbx.dic 
# 
loop_
_database_2.database_id 
_database_2.database_code 
_database_2.pdbx_database_accession 
_database_2.pdbx_DOI 
PDB   1XHD         pdb_00001xhd 10.2210/pdb1xhd/pdb 
RCSB  RCSB030362   ?            ?                   
WWPDB D_1000030362 ?            ?                   
# 
loop_
_pdbx_audit_revision_history.ordinal 
_pdbx_audit_revision_history.data_content_type 
_pdbx_audit_revision_history.major_revision 
_pdbx_audit_revision_history.minor_revision 
_pdbx_audit_revision_history.revision_date 
1 'Structure model' 1 0 2004-11-02 
2 'Structure model' 1 1 2008-04-30 
3 'Structure model' 1 2 2011-07-13 
4 'Structure model' 1 3 2024-10-30 
# 
_pdbx_audit_revision_details.ordinal             1 
_pdbx_audit_revision_details.revision_ordinal    1 
_pdbx_audit_revision_details.data_content_type   'Structure model' 
_pdbx_audit_revision_details.provider            repository 
_pdbx_audit_revision_details.type                'Initial release' 
_pdbx_audit_revision_details.description         ? 
_pdbx_audit_revision_details.details             ? 
# 
loop_
_pdbx_audit_revision_group.ordinal 
_pdbx_audit_revision_group.revision_ordinal 
_pdbx_audit_revision_group.data_content_type 
_pdbx_audit_revision_group.group 
1 2 'Structure model' 'Version format compliance' 
2 3 'Structure model' Advisory                    
3 3 'Structure model' 'Derived calculations'      
4 3 'Structure model' 'Source and taxonomy'       
5 3 'Structure model' 'Version format compliance' 
6 4 'Structure model' 'Data collection'           
7 4 'Structure model' 'Database references'       
8 4 'Structure model' 'Derived calculations'      
9 4 'Structure model' 'Structure summary'         
# 
loop_
_pdbx_audit_revision_category.ordinal 
_pdbx_audit_revision_category.revision_ordinal 
_pdbx_audit_revision_category.data_content_type 
_pdbx_audit_revision_category.category 
1 4 'Structure model' chem_comp_atom            
2 4 'Structure model' chem_comp_bond            
3 4 'Structure model' database_2                
4 4 'Structure model' pdbx_entry_details        
5 4 'Structure model' pdbx_modification_feature 
6 4 'Structure model' struct_conn               
7 4 'Structure model' struct_ref_seq_dif        
8 4 'Structure model' struct_site               
# 
loop_
_pdbx_audit_revision_item.ordinal 
_pdbx_audit_revision_item.revision_ordinal 
_pdbx_audit_revision_item.data_content_type 
_pdbx_audit_revision_item.item 
1 4 'Structure model' '_database_2.pdbx_DOI'                
2 4 'Structure model' '_database_2.pdbx_database_accession' 
3 4 'Structure model' '_struct_conn.pdbx_leaving_atom_flag' 
4 4 'Structure model' '_struct_ref_seq_dif.details'         
5 4 'Structure model' '_struct_site.pdbx_auth_asym_id'      
6 4 'Structure model' '_struct_site.pdbx_auth_comp_id'      
7 4 'Structure model' '_struct_site.pdbx_auth_seq_id'       
# 
_pdbx_database_status.status_code                     REL 
_pdbx_database_status.entry_id                        1XHD 
_pdbx_database_status.recvd_initial_deposition_date   2004-09-17 
_pdbx_database_status.deposit_site                    RCSB 
_pdbx_database_status.process_site                    RCSB 
_pdbx_database_status.SG_entry                        Y 
_pdbx_database_status.status_code_sf                  REL 
_pdbx_database_status.pdb_format_compatible           Y 
_pdbx_database_status.status_code_mr                  ? 
_pdbx_database_status.status_code_cs                  ? 
_pdbx_database_status.status_code_nmr_data            ? 
_pdbx_database_status.methods_development_category    ? 
# 
_pdbx_database_related.db_name        TargetDB 
_pdbx_database_related.db_id          APC26171 
_pdbx_database_related.details        . 
_pdbx_database_related.content_type   unspecified 
# 
loop_
_audit_author.name 
_audit_author.pdbx_ordinal 
'Osipiuk, J.'                                   1 
'Zhou, M.'                                      2 
'Moy, S.'                                       3 
'Collart, F.'                                   4 
'Joachimiak, A.'                                5 
'Midwest Center for Structural Genomics (MCSG)' 6 
# 
_citation.id                        primary 
_citation.title                     
'X-ray crystal structure of putative acetyltransferase, product of BC4754 gene from Bacillus cereus.' 
_citation.journal_abbrev            'To be Published' 
_citation.journal_volume            ? 
_citation.page_first                ? 
_citation.page_last                 ? 
_citation.year                      ? 
_citation.journal_id_ASTM           ? 
_citation.country                   ? 
_citation.journal_id_ISSN           ? 
_citation.journal_id_CSD            0353 
_citation.book_publisher            ? 
_citation.pdbx_database_id_PubMed   ? 
_citation.pdbx_database_id_DOI      ? 
# 
loop_
_citation_author.citation_id 
_citation_author.name 
_citation_author.ordinal 
_citation_author.identifier_ORCID 
primary 'Osipiuk, J.'                                   1 ? 
primary 'Zhou, M.'                                      2 ? 
primary 'Moy, S.'                                       3 ? 
primary 'Collart, F.'                                   4 ? 
primary 'Joachimiak, A.'                                5 ? 
primary 'Midwest Center for Structural Genomics (MCSG)' 6 ? 
# 
loop_
_entity.id 
_entity.type 
_entity.src_method 
_entity.pdbx_description 
_entity.formula_weight 
_entity.pdbx_number_of_molecules 
_entity.pdbx_ec 
_entity.pdbx_mutation 
_entity.pdbx_fragment 
_entity.details 
1 polymer     man 'putative acetyltransferase/acyltransferase' 19277.531 1   ? ? ? ? 
2 non-polymer syn 'SULFATE ION'                                96.063    1   ? ? ? ? 
3 water       nat water                                        18.015    130 ? ? ? ? 
# 
_entity_poly.entity_id                      1 
_entity_poly.type                           'polypeptide(L)' 
_entity_poly.nstd_linkage                   no 
_entity_poly.nstd_monomer                   yes 
_entity_poly.pdbx_seq_one_letter_code       
;SNA(MSE)IYPYKEKKPKIASSAFIADYVTITGDVYVGEESSIWFNTVIRGDVSPTIIGDRVNVQDQCTLHQSPQYPLIL
EDDVTVGHQVILHSCHIKKDALIG(MSE)GSIILDGAEIGEGAFIGAGSLVSQGKKIPPNTLAFGRPAKVIRELTAEDRK
D(MSE)ERIRTQYVEKGQYYKSLQK
;
_entity_poly.pdbx_seq_one_letter_code_can   
;SNAMIYPYKEKKPKIASSAFIADYVTITGDVYVGEESSIWFNTVIRGDVSPTIIGDRVNVQDQCTLHQSPQYPLILEDDV
TVGHQVILHSCHIKKDALIGMGSIILDGAEIGEGAFIGAGSLVSQGKKIPPNTLAFGRPAKVIRELTAEDRKDMERIRTQ
YVEKGQYYKSLQK
;
_entity_poly.pdbx_strand_id                 A 
_entity_poly.pdbx_target_identifier         APC26171 
# 
loop_
_pdbx_entity_nonpoly.entity_id 
_pdbx_entity_nonpoly.name 
_pdbx_entity_nonpoly.comp_id 
2 'SULFATE ION' SO4 
3 water         HOH 
# 
loop_
_entity_poly_seq.entity_id 
_entity_poly_seq.num 
_entity_poly_seq.mon_id 
_entity_poly_seq.hetero 
1 1   SER n 
1 2   ASN n 
1 3   ALA n 
1 4   MSE n 
1 5   ILE n 
1 6   TYR n 
1 7   PRO n 
1 8   TYR n 
1 9   LYS n 
1 10  GLU n 
1 11  LYS n 
1 12  LYS n 
1 13  PRO n 
1 14  LYS n 
1 15  ILE n 
1 16  ALA n 
1 17  SER n 
1 18  SER n 
1 19  ALA n 
1 20  PHE n 
1 21  ILE n 
1 22  ALA n 
1 23  ASP n 
1 24  TYR n 
1 25  VAL n 
1 26  THR n 
1 27  ILE n 
1 28  THR n 
1 29  GLY n 
1 30  ASP n 
1 31  VAL n 
1 32  TYR n 
1 33  VAL n 
1 34  GLY n 
1 35  GLU n 
1 36  GLU n 
1 37  SER n 
1 38  SER n 
1 39  ILE n 
1 40  TRP n 
1 41  PHE n 
1 42  ASN n 
1 43  THR n 
1 44  VAL n 
1 45  ILE n 
1 46  ARG n 
1 47  GLY n 
1 48  ASP n 
1 49  VAL n 
1 50  SER n 
1 51  PRO n 
1 52  THR n 
1 53  ILE n 
1 54  ILE n 
1 55  GLY n 
1 56  ASP n 
1 57  ARG n 
1 58  VAL n 
1 59  ASN n 
1 60  VAL n 
1 61  GLN n 
1 62  ASP n 
1 63  GLN n 
1 64  CYS n 
1 65  THR n 
1 66  LEU n 
1 67  HIS n 
1 68  GLN n 
1 69  SER n 
1 70  PRO n 
1 71  GLN n 
1 72  TYR n 
1 73  PRO n 
1 74  LEU n 
1 75  ILE n 
1 76  LEU n 
1 77  GLU n 
1 78  ASP n 
1 79  ASP n 
1 80  VAL n 
1 81  THR n 
1 82  VAL n 
1 83  GLY n 
1 84  HIS n 
1 85  GLN n 
1 86  VAL n 
1 87  ILE n 
1 88  LEU n 
1 89  HIS n 
1 90  SER n 
1 91  CYS n 
1 92  HIS n 
1 93  ILE n 
1 94  LYS n 
1 95  LYS n 
1 96  ASP n 
1 97  ALA n 
1 98  LEU n 
1 99  ILE n 
1 100 GLY n 
1 101 MSE n 
1 102 GLY n 
1 103 SER n 
1 104 ILE n 
1 105 ILE n 
1 106 LEU n 
1 107 ASP n 
1 108 GLY n 
1 109 ALA n 
1 110 GLU n 
1 111 ILE n 
1 112 GLY n 
1 113 GLU n 
1 114 GLY n 
1 115 ALA n 
1 116 PHE n 
1 117 ILE n 
1 118 GLY n 
1 119 ALA n 
1 120 GLY n 
1 121 SER n 
1 122 LEU n 
1 123 VAL n 
1 124 SER n 
1 125 GLN n 
1 126 GLY n 
1 127 LYS n 
1 128 LYS n 
1 129 ILE n 
1 130 PRO n 
1 131 PRO n 
1 132 ASN n 
1 133 THR n 
1 134 LEU n 
1 135 ALA n 
1 136 PHE n 
1 137 GLY n 
1 138 ARG n 
1 139 PRO n 
1 140 ALA n 
1 141 LYS n 
1 142 VAL n 
1 143 ILE n 
1 144 ARG n 
1 145 GLU n 
1 146 LEU n 
1 147 THR n 
1 148 ALA n 
1 149 GLU n 
1 150 ASP n 
1 151 ARG n 
1 152 LYS n 
1 153 ASP n 
1 154 MSE n 
1 155 GLU n 
1 156 ARG n 
1 157 ILE n 
1 158 ARG n 
1 159 THR n 
1 160 GLN n 
1 161 TYR n 
1 162 VAL n 
1 163 GLU n 
1 164 LYS n 
1 165 GLY n 
1 166 GLN n 
1 167 TYR n 
1 168 TYR n 
1 169 LYS n 
1 170 SER n 
1 171 LEU n 
1 172 GLN n 
1 173 LYS n 
# 
_entity_src_gen.entity_id                          1 
_entity_src_gen.pdbx_src_id                        1 
_entity_src_gen.pdbx_alt_source_flag               sample 
_entity_src_gen.pdbx_seq_type                      ? 
_entity_src_gen.pdbx_beg_seq_num                   ? 
_entity_src_gen.pdbx_end_seq_num                   ? 
_entity_src_gen.gene_src_common_name               ? 
_entity_src_gen.gene_src_genus                     Bacillus 
_entity_src_gen.pdbx_gene_src_gene                 BC4754 
_entity_src_gen.gene_src_species                   'Bacillus cereus' 
_entity_src_gen.gene_src_strain                    'ATCC 14579' 
_entity_src_gen.gene_src_tissue                    ? 
_entity_src_gen.gene_src_tissue_fraction           ? 
_entity_src_gen.gene_src_details                   ? 
_entity_src_gen.pdbx_gene_src_fragment             ? 
_entity_src_gen.pdbx_gene_src_scientific_name      'Bacillus cereus' 
_entity_src_gen.pdbx_gene_src_ncbi_taxonomy_id     226900 
_entity_src_gen.pdbx_gene_src_variant              ? 
_entity_src_gen.pdbx_gene_src_cell_line            ? 
_entity_src_gen.pdbx_gene_src_atcc                 ? 
_entity_src_gen.pdbx_gene_src_organ                ? 
_entity_src_gen.pdbx_gene_src_organelle            ? 
_entity_src_gen.pdbx_gene_src_cell                 ? 
_entity_src_gen.pdbx_gene_src_cellular_location    ? 
_entity_src_gen.host_org_common_name               ? 
_entity_src_gen.pdbx_host_org_scientific_name      'Escherichia coli' 
_entity_src_gen.pdbx_host_org_ncbi_taxonomy_id     562 
_entity_src_gen.host_org_genus                     Escherichia 
_entity_src_gen.pdbx_host_org_gene                 ? 
_entity_src_gen.pdbx_host_org_organ                ? 
_entity_src_gen.host_org_species                   ? 
_entity_src_gen.pdbx_host_org_tissue               ? 
_entity_src_gen.pdbx_host_org_tissue_fraction      ? 
_entity_src_gen.pdbx_host_org_strain               'BL21[DE3]pMAGIC' 
_entity_src_gen.pdbx_host_org_variant              ? 
_entity_src_gen.pdbx_host_org_cell_line            ? 
_entity_src_gen.pdbx_host_org_atcc                 ? 
_entity_src_gen.pdbx_host_org_culture_collection   ? 
_entity_src_gen.pdbx_host_org_cell                 ? 
_entity_src_gen.pdbx_host_org_organelle            ? 
_entity_src_gen.pdbx_host_org_cellular_location    ? 
_entity_src_gen.pdbx_host_org_vector_type          plasmid 
_entity_src_gen.pdbx_host_org_vector               ? 
_entity_src_gen.host_org_details                   ? 
_entity_src_gen.expression_system_id               ? 
_entity_src_gen.plasmid_name                       pMCSG7 
_entity_src_gen.plasmid_details                    ? 
_entity_src_gen.pdbx_description                   ? 
# 
loop_
_chem_comp.id 
_chem_comp.type 
_chem_comp.mon_nstd_flag 
_chem_comp.name 
_chem_comp.pdbx_synonyms 
_chem_comp.formula 
_chem_comp.formula_weight 
ALA 'L-peptide linking' y ALANINE          ? 'C3 H7 N O2'     89.093  
ARG 'L-peptide linking' y ARGININE         ? 'C6 H15 N4 O2 1' 175.209 
ASN 'L-peptide linking' y ASPARAGINE       ? 'C4 H8 N2 O3'    132.118 
ASP 'L-peptide linking' y 'ASPARTIC ACID'  ? 'C4 H7 N O4'     133.103 
CYS 'L-peptide linking' y CYSTEINE         ? 'C3 H7 N O2 S'   121.158 
GLN 'L-peptide linking' y GLUTAMINE        ? 'C5 H10 N2 O3'   146.144 
GLU 'L-peptide linking' y 'GLUTAMIC ACID'  ? 'C5 H9 N O4'     147.129 
GLY 'peptide linking'   y GLYCINE          ? 'C2 H5 N O2'     75.067  
HIS 'L-peptide linking' y HISTIDINE        ? 'C6 H10 N3 O2 1' 156.162 
HOH non-polymer         . WATER            ? 'H2 O'           18.015  
ILE 'L-peptide linking' y ISOLEUCINE       ? 'C6 H13 N O2'    131.173 
LEU 'L-peptide linking' y LEUCINE          ? 'C6 H13 N O2'    131.173 
LYS 'L-peptide linking' y LYSINE           ? 'C6 H15 N2 O2 1' 147.195 
MET 'L-peptide linking' y METHIONINE       ? 'C5 H11 N O2 S'  149.211 
MSE 'L-peptide linking' n SELENOMETHIONINE ? 'C5 H11 N O2 Se' 196.106 
PHE 'L-peptide linking' y PHENYLALANINE    ? 'C9 H11 N O2'    165.189 
PRO 'L-peptide linking' y PROLINE          ? 'C5 H9 N O2'     115.130 
SER 'L-peptide linking' y SERINE           ? 'C3 H7 N O3'     105.093 
SO4 non-polymer         . 'SULFATE ION'    ? 'O4 S -2'        96.063  
THR 'L-peptide linking' y THREONINE        ? 'C4 H9 N O3'     119.119 
TRP 'L-peptide linking' y TRYPTOPHAN       ? 'C11 H12 N2 O2'  204.225 
TYR 'L-peptide linking' y TYROSINE         ? 'C9 H11 N O3'    181.189 
VAL 'L-peptide linking' y VALINE           ? 'C5 H11 N O2'    117.146 
# 
loop_
_pdbx_poly_seq_scheme.asym_id 
_pdbx_poly_seq_scheme.entity_id 
_pdbx_poly_seq_scheme.seq_id 
_pdbx_poly_seq_scheme.mon_id 
_pdbx_poly_seq_scheme.ndb_seq_num 
_pdbx_poly_seq_scheme.pdb_seq_num 
_pdbx_poly_seq_scheme.auth_seq_num 
_pdbx_poly_seq_scheme.pdb_mon_id 
_pdbx_poly_seq_scheme.auth_mon_id 
_pdbx_poly_seq_scheme.pdb_strand_id 
_pdbx_poly_seq_scheme.pdb_ins_code 
_pdbx_poly_seq_scheme.hetero 
A 1 1   SER 1   -2  -2  SER SER A . n 
A 1 2   ASN 2   -1  -1  ASN ASN A . n 
A 1 3   ALA 3   0   0   ALA ALA A . n 
A 1 4   MSE 4   1   1   MSE MSE A . n 
A 1 5   ILE 5   2   2   ILE ILE A . n 
A 1 6   TYR 6   3   3   TYR TYR A . n 
A 1 7   PRO 7   4   4   PRO PRO A . n 
A 1 8   TYR 8   5   5   TYR TYR A . n 
A 1 9   LYS 9   6   6   LYS LYS A . n 
A 1 10  GLU 10  7   7   GLU GLU A . n 
A 1 11  LYS 11  8   8   LYS LYS A . n 
A 1 12  LYS 12  9   9   LYS LYS A . n 
A 1 13  PRO 13  10  10  PRO PRO A . n 
A 1 14  LYS 14  11  11  LYS LYS A . n 
A 1 15  ILE 15  12  12  ILE ILE A . n 
A 1 16  ALA 16  13  13  ALA ALA A . n 
A 1 17  SER 17  14  14  SER SER A . n 
A 1 18  SER 18  15  15  SER SER A . n 
A 1 19  ALA 19  16  16  ALA ALA A . n 
A 1 20  PHE 20  17  17  PHE PHE A . n 
A 1 21  ILE 21  18  18  ILE ILE A . n 
A 1 22  ALA 22  19  19  ALA ALA A . n 
A 1 23  ASP 23  20  20  ASP ASP A . n 
A 1 24  TYR 24  21  21  TYR TYR A . n 
A 1 25  VAL 25  22  22  VAL VAL A . n 
A 1 26  THR 26  23  23  THR THR A . n 
A 1 27  ILE 27  24  24  ILE ILE A . n 
A 1 28  THR 28  25  25  THR THR A . n 
A 1 29  GLY 29  26  26  GLY GLY A . n 
A 1 30  ASP 30  27  27  ASP ASP A . n 
A 1 31  VAL 31  28  28  VAL VAL A . n 
A 1 32  TYR 32  29  29  TYR TYR A . n 
A 1 33  VAL 33  30  30  VAL VAL A . n 
A 1 34  GLY 34  31  31  GLY GLY A . n 
A 1 35  GLU 35  32  32  GLU GLU A . n 
A 1 36  GLU 36  33  33  GLU GLU A . n 
A 1 37  SER 37  34  34  SER SER A . n 
A 1 38  SER 38  35  35  SER SER A . n 
A 1 39  ILE 39  36  36  ILE ILE A . n 
A 1 40  TRP 40  37  37  TRP TRP A . n 
A 1 41  PHE 41  38  38  PHE PHE A . n 
A 1 42  ASN 42  39  39  ASN ASN A . n 
A 1 43  THR 43  40  40  THR THR A . n 
A 1 44  VAL 44  41  41  VAL VAL A . n 
A 1 45  ILE 45  42  42  ILE ILE A . n 
A 1 46  ARG 46  43  43  ARG ARG A . n 
A 1 47  GLY 47  44  44  GLY GLY A . n 
A 1 48  ASP 48  45  45  ASP ASP A . n 
A 1 49  VAL 49  46  46  VAL VAL A . n 
A 1 50  SER 50  47  47  SER SER A . n 
A 1 51  PRO 51  48  48  PRO PRO A . n 
A 1 52  THR 52  49  49  THR THR A . n 
A 1 53  ILE 53  50  50  ILE ILE A . n 
A 1 54  ILE 54  51  51  ILE ILE A . n 
A 1 55  GLY 55  52  52  GLY GLY A . n 
A 1 56  ASP 56  53  53  ASP ASP A . n 
A 1 57  ARG 57  54  54  ARG ARG A . n 
A 1 58  VAL 58  55  55  VAL VAL A . n 
A 1 59  ASN 59  56  56  ASN ASN A . n 
A 1 60  VAL 60  57  57  VAL VAL A . n 
A 1 61  GLN 61  58  58  GLN GLN A . n 
A 1 62  ASP 62  59  59  ASP ASP A . n 
A 1 63  GLN 63  60  60  GLN GLN A . n 
A 1 64  CYS 64  61  61  CYS CYS A . n 
A 1 65  THR 65  62  62  THR THR A . n 
A 1 66  LEU 66  63  63  LEU LEU A . n 
A 1 67  HIS 67  64  64  HIS HIS A . n 
A 1 68  GLN 68  65  65  GLN GLN A . n 
A 1 69  SER 69  66  66  SER SER A . n 
A 1 70  PRO 70  67  67  PRO PRO A . n 
A 1 71  GLN 71  68  68  GLN GLN A . n 
A 1 72  TYR 72  69  69  TYR TYR A . n 
A 1 73  PRO 73  70  70  PRO PRO A . n 
A 1 74  LEU 74  71  71  LEU LEU A . n 
A 1 75  ILE 75  72  72  ILE ILE A . n 
A 1 76  LEU 76  73  73  LEU LEU A . n 
A 1 77  GLU 77  74  74  GLU GLU A . n 
A 1 78  ASP 78  75  75  ASP ASP A . n 
A 1 79  ASP 79  76  76  ASP ASP A . n 
A 1 80  VAL 80  77  77  VAL VAL A . n 
A 1 81  THR 81  78  78  THR THR A . n 
A 1 82  VAL 82  79  79  VAL VAL A . n 
A 1 83  GLY 83  80  80  GLY GLY A . n 
A 1 84  HIS 84  81  81  HIS HIS A . n 
A 1 85  GLN 85  82  82  GLN GLN A . n 
A 1 86  VAL 86  83  83  VAL VAL A . n 
A 1 87  ILE 87  84  84  ILE ILE A . n 
A 1 88  LEU 88  85  85  LEU LEU A . n 
A 1 89  HIS 89  86  86  HIS HIS A . n 
A 1 90  SER 90  87  87  SER SER A . n 
A 1 91  CYS 91  88  88  CYS CYS A . n 
A 1 92  HIS 92  89  89  HIS HIS A . n 
A 1 93  ILE 93  90  90  ILE ILE A . n 
A 1 94  LYS 94  91  91  LYS LYS A . n 
A 1 95  LYS 95  92  92  LYS LYS A . n 
A 1 96  ASP 96  93  93  ASP ASP A . n 
A 1 97  ALA 97  94  94  ALA ALA A . n 
A 1 98  LEU 98  95  95  LEU LEU A . n 
A 1 99  ILE 99  96  96  ILE ILE A . n 
A 1 100 GLY 100 97  97  GLY GLY A . n 
A 1 101 MSE 101 98  98  MSE MSE A . n 
A 1 102 GLY 102 99  99  GLY GLY A . n 
A 1 103 SER 103 100 100 SER SER A . n 
A 1 104 ILE 104 101 101 ILE ILE A . n 
A 1 105 ILE 105 102 102 ILE ILE A . n 
A 1 106 LEU 106 103 103 LEU LEU A . n 
A 1 107 ASP 107 104 104 ASP ASP A . n 
A 1 108 GLY 108 105 105 GLY GLY A . n 
A 1 109 ALA 109 106 106 ALA ALA A . n 
A 1 110 GLU 110 107 107 GLU GLU A . n 
A 1 111 ILE 111 108 108 ILE ILE A . n 
A 1 112 GLY 112 109 109 GLY GLY A . n 
A 1 113 GLU 113 110 110 GLU GLU A . n 
A 1 114 GLY 114 111 111 GLY GLY A . n 
A 1 115 ALA 115 112 112 ALA ALA A . n 
A 1 116 PHE 116 113 113 PHE PHE A . n 
A 1 117 ILE 117 114 114 ILE ILE A . n 
A 1 118 GLY 118 115 115 GLY GLY A . n 
A 1 119 ALA 119 116 116 ALA ALA A . n 
A 1 120 GLY 120 117 117 GLY GLY A . n 
A 1 121 SER 121 118 118 SER SER A . n 
A 1 122 LEU 122 119 119 LEU LEU A . n 
A 1 123 VAL 123 120 120 VAL VAL A . n 
A 1 124 SER 124 121 121 SER SER A . n 
A 1 125 GLN 125 122 122 GLN GLN A . n 
A 1 126 GLY 126 123 123 GLY GLY A . n 
A 1 127 LYS 127 124 124 LYS LYS A . n 
A 1 128 LYS 128 125 125 LYS LYS A . n 
A 1 129 ILE 129 126 126 ILE ILE A . n 
A 1 130 PRO 130 127 127 PRO PRO A . n 
A 1 131 PRO 131 128 128 PRO PRO A . n 
A 1 132 ASN 132 129 129 ASN ASN A . n 
A 1 133 THR 133 130 130 THR THR A . n 
A 1 134 LEU 134 131 131 LEU LEU A . n 
A 1 135 ALA 135 132 132 ALA ALA A . n 
A 1 136 PHE 136 133 133 PHE PHE A . n 
A 1 137 GLY 137 134 134 GLY GLY A . n 
A 1 138 ARG 138 135 135 ARG ARG A . n 
A 1 139 PRO 139 136 136 PRO PRO A . n 
A 1 140 ALA 140 137 137 ALA ALA A . n 
A 1 141 LYS 141 138 138 LYS LYS A . n 
A 1 142 VAL 142 139 139 VAL VAL A . n 
A 1 143 ILE 143 140 140 ILE ILE A . n 
A 1 144 ARG 144 141 141 ARG ARG A . n 
A 1 145 GLU 145 142 142 GLU GLU A . n 
A 1 146 LEU 146 143 143 LEU LEU A . n 
A 1 147 THR 147 144 144 THR THR A . n 
A 1 148 ALA 148 145 145 ALA ALA A . n 
A 1 149 GLU 149 146 146 GLU GLU A . n 
A 1 150 ASP 150 147 147 ASP ASP A . n 
A 1 151 ARG 151 148 148 ARG ARG A . n 
A 1 152 LYS 152 149 149 LYS LYS A . n 
A 1 153 ASP 153 150 150 ASP ASP A . n 
A 1 154 MSE 154 151 151 MSE MSE A . n 
A 1 155 GLU 155 152 152 GLU GLU A . n 
A 1 156 ARG 156 153 153 ARG ARG A . n 
A 1 157 ILE 157 154 154 ILE ILE A . n 
A 1 158 ARG 158 155 155 ARG ARG A . n 
A 1 159 THR 159 156 156 THR THR A . n 
A 1 160 GLN 160 157 157 GLN GLN A . n 
A 1 161 TYR 161 158 158 TYR TYR A . n 
A 1 162 VAL 162 159 159 VAL VAL A . n 
A 1 163 GLU 163 160 160 GLU GLU A . n 
A 1 164 LYS 164 161 161 LYS LYS A . n 
A 1 165 GLY 165 162 162 GLY GLY A . n 
A 1 166 GLN 166 163 163 GLN GLN A . n 
A 1 167 TYR 167 164 164 TYR TYR A . n 
A 1 168 TYR 168 165 165 TYR TYR A . n 
A 1 169 LYS 169 166 166 LYS LYS A . n 
A 1 170 SER 170 167 167 SER SER A . n 
A 1 171 LEU 171 168 168 LEU LEU A . n 
A 1 172 GLN 172 169 169 GLN GLN A . n 
A 1 173 LYS 173 170 ?   ?   ?   A . n 
# 
loop_
_pdbx_nonpoly_scheme.asym_id 
_pdbx_nonpoly_scheme.entity_id 
_pdbx_nonpoly_scheme.mon_id 
_pdbx_nonpoly_scheme.ndb_seq_num 
_pdbx_nonpoly_scheme.pdb_seq_num 
_pdbx_nonpoly_scheme.auth_seq_num 
_pdbx_nonpoly_scheme.pdb_mon_id 
_pdbx_nonpoly_scheme.auth_mon_id 
_pdbx_nonpoly_scheme.pdb_strand_id 
_pdbx_nonpoly_scheme.pdb_ins_code 
B 2 SO4 1   201 201 SO4 SO4 A . 
C 3 HOH 1   202 1   HOH HOH A . 
C 3 HOH 2   203 2   HOH HOH A . 
C 3 HOH 3   204 3   HOH HOH A . 
C 3 HOH 4   205 4   HOH HOH A . 
C 3 HOH 5   206 5   HOH HOH A . 
C 3 HOH 6   207 6   HOH HOH A . 
C 3 HOH 7   208 7   HOH HOH A . 
C 3 HOH 8   209 8   HOH HOH A . 
C 3 HOH 9   210 9   HOH HOH A . 
C 3 HOH 10  211 10  HOH HOH A . 
C 3 HOH 11  212 11  HOH HOH A . 
C 3 HOH 12  213 12  HOH HOH A . 
C 3 HOH 13  214 13  HOH HOH A . 
C 3 HOH 14  215 14  HOH HOH A . 
C 3 HOH 15  216 15  HOH HOH A . 
C 3 HOH 16  217 16  HOH HOH A . 
C 3 HOH 17  218 17  HOH HOH A . 
C 3 HOH 18  219 18  HOH HOH A . 
C 3 HOH 19  220 19  HOH HOH A . 
C 3 HOH 20  221 20  HOH HOH A . 
C 3 HOH 21  222 21  HOH HOH A . 
C 3 HOH 22  223 22  HOH HOH A . 
C 3 HOH 23  224 23  HOH HOH A . 
C 3 HOH 24  225 24  HOH HOH A . 
C 3 HOH 25  226 25  HOH HOH A . 
C 3 HOH 26  227 26  HOH HOH A . 
C 3 HOH 27  228 27  HOH HOH A . 
C 3 HOH 28  229 28  HOH HOH A . 
C 3 HOH 29  230 29  HOH HOH A . 
C 3 HOH 30  231 30  HOH HOH A . 
C 3 HOH 31  232 31  HOH HOH A . 
C 3 HOH 32  233 32  HOH HOH A . 
C 3 HOH 33  234 33  HOH HOH A . 
C 3 HOH 34  235 34  HOH HOH A . 
C 3 HOH 35  236 35  HOH HOH A . 
C 3 HOH 36  237 36  HOH HOH A . 
C 3 HOH 37  238 37  HOH HOH A . 
C 3 HOH 38  239 38  HOH HOH A . 
C 3 HOH 39  240 39  HOH HOH A . 
C 3 HOH 40  241 40  HOH HOH A . 
C 3 HOH 41  242 41  HOH HOH A . 
C 3 HOH 42  243 42  HOH HOH A . 
C 3 HOH 43  244 43  HOH HOH A . 
C 3 HOH 44  245 44  HOH HOH A . 
C 3 HOH 45  246 45  HOH HOH A . 
C 3 HOH 46  247 46  HOH HOH A . 
C 3 HOH 47  248 47  HOH HOH A . 
C 3 HOH 48  249 48  HOH HOH A . 
C 3 HOH 49  250 49  HOH HOH A . 
C 3 HOH 50  251 50  HOH HOH A . 
C 3 HOH 51  252 51  HOH HOH A . 
C 3 HOH 52  253 52  HOH HOH A . 
C 3 HOH 53  254 53  HOH HOH A . 
C 3 HOH 54  255 54  HOH HOH A . 
C 3 HOH 55  256 55  HOH HOH A . 
C 3 HOH 56  257 56  HOH HOH A . 
C 3 HOH 57  258 57  HOH HOH A . 
C 3 HOH 58  259 58  HOH HOH A . 
C 3 HOH 59  260 59  HOH HOH A . 
C 3 HOH 60  261 60  HOH HOH A . 
C 3 HOH 61  262 61  HOH HOH A . 
C 3 HOH 62  263 62  HOH HOH A . 
C 3 HOH 63  264 63  HOH HOH A . 
C 3 HOH 64  265 64  HOH HOH A . 
C 3 HOH 65  266 65  HOH HOH A . 
C 3 HOH 66  267 66  HOH HOH A . 
C 3 HOH 67  268 67  HOH HOH A . 
C 3 HOH 68  269 68  HOH HOH A . 
C 3 HOH 69  270 69  HOH HOH A . 
C 3 HOH 70  271 70  HOH HOH A . 
C 3 HOH 71  272 71  HOH HOH A . 
C 3 HOH 72  273 72  HOH HOH A . 
C 3 HOH 73  274 73  HOH HOH A . 
C 3 HOH 74  275 74  HOH HOH A . 
C 3 HOH 75  276 75  HOH HOH A . 
C 3 HOH 76  277 76  HOH HOH A . 
C 3 HOH 77  278 77  HOH HOH A . 
C 3 HOH 78  279 78  HOH HOH A . 
C 3 HOH 79  280 79  HOH HOH A . 
C 3 HOH 80  281 80  HOH HOH A . 
C 3 HOH 81  282 81  HOH HOH A . 
C 3 HOH 82  283 82  HOH HOH A . 
C 3 HOH 83  284 83  HOH HOH A . 
C 3 HOH 84  285 84  HOH HOH A . 
C 3 HOH 85  286 85  HOH HOH A . 
C 3 HOH 86  287 86  HOH HOH A . 
C 3 HOH 87  288 87  HOH HOH A . 
C 3 HOH 88  289 88  HOH HOH A . 
C 3 HOH 89  290 89  HOH HOH A . 
C 3 HOH 90  291 90  HOH HOH A . 
C 3 HOH 91  292 91  HOH HOH A . 
C 3 HOH 92  293 92  HOH HOH A . 
C 3 HOH 93  294 93  HOH HOH A . 
C 3 HOH 94  295 94  HOH HOH A . 
C 3 HOH 95  296 95  HOH HOH A . 
C 3 HOH 96  297 96  HOH HOH A . 
C 3 HOH 97  298 97  HOH HOH A . 
C 3 HOH 98  299 98  HOH HOH A . 
C 3 HOH 99  300 99  HOH HOH A . 
C 3 HOH 100 301 100 HOH HOH A . 
C 3 HOH 101 302 101 HOH HOH A . 
C 3 HOH 102 303 102 HOH HOH A . 
C 3 HOH 103 304 103 HOH HOH A . 
C 3 HOH 104 305 104 HOH HOH A . 
C 3 HOH 105 306 105 HOH HOH A . 
C 3 HOH 106 307 106 HOH HOH A . 
C 3 HOH 107 308 107 HOH HOH A . 
C 3 HOH 108 309 108 HOH HOH A . 
C 3 HOH 109 310 109 HOH HOH A . 
C 3 HOH 110 311 110 HOH HOH A . 
C 3 HOH 111 312 111 HOH HOH A . 
C 3 HOH 112 313 112 HOH HOH A . 
C 3 HOH 113 314 113 HOH HOH A . 
C 3 HOH 114 315 114 HOH HOH A . 
C 3 HOH 115 316 115 HOH HOH A . 
C 3 HOH 116 317 116 HOH HOH A . 
C 3 HOH 117 318 117 HOH HOH A . 
C 3 HOH 118 319 118 HOH HOH A . 
C 3 HOH 119 320 119 HOH HOH A . 
C 3 HOH 120 321 120 HOH HOH A . 
C 3 HOH 121 322 121 HOH HOH A . 
C 3 HOH 122 323 122 HOH HOH A . 
C 3 HOH 123 324 123 HOH HOH A . 
C 3 HOH 124 325 124 HOH HOH A . 
C 3 HOH 125 326 125 HOH HOH A . 
C 3 HOH 126 327 126 HOH HOH A . 
C 3 HOH 127 328 127 HOH HOH A . 
C 3 HOH 128 329 128 HOH HOH A . 
C 3 HOH 129 330 129 HOH HOH A . 
C 3 HOH 130 331 130 HOH HOH A . 
# 
loop_
_software.name 
_software.classification 
_software.version 
_software.citation_id 
_software.pdbx_ordinal 
REFMAC    refinement       5.1.24 ? 1 
HKL-2000  'data reduction' .      ? 2 
SCALEPACK 'data scaling'   .      ? 3 
SHELXD    phasing          .      ? 4 
RESOLVE   phasing          .      ? 5 
# 
_cell.entry_id           1XHD 
_cell.length_a           142.093 
_cell.length_b           142.093 
_cell.length_c           142.093 
_cell.angle_alpha        90.00 
_cell.angle_beta         90.00 
_cell.angle_gamma        90.00 
_cell.Z_PDB              24 
_cell.pdbx_unique_axis   ? 
# 
_symmetry.entry_id                         1XHD 
_symmetry.space_group_name_H-M             'I 21 3' 
_symmetry.pdbx_full_space_group_name_H-M   ? 
_symmetry.cell_setting                     ? 
_symmetry.Int_Tables_number                199 
_symmetry.space_group_name_Hall            ? 
# 
_exptl.entry_id          1XHD 
_exptl.method            'X-RAY DIFFRACTION' 
_exptl.crystals_number   1 
# 
_exptl_crystal.id                    1 
_exptl_crystal.density_meas          ? 
_exptl_crystal.density_Matthews      6.3 
_exptl_crystal.density_percent_sol   80.2 
_exptl_crystal.description           ? 
_exptl_crystal.F_000                 ? 
_exptl_crystal.preparation           ? 
# 
_exptl_crystal_grow.crystal_id      1 
_exptl_crystal_grow.method          'VAPOR DIFFUSION, SITTING DROP' 
_exptl_crystal_grow.temp            289 
_exptl_crystal_grow.temp_details    ? 
_exptl_crystal_grow.pH              4.2 
_exptl_crystal_grow.pdbx_details    
'SODIUM/POTASSIUM PHOSPHATE, PHOSPHATE CITRATE, pH 4.2, VAPOR DIFFUSION, SITTING DROP, temperature 289K' 
_exptl_crystal_grow.pdbx_pH_range   . 
# 
_diffrn.id                     1 
_diffrn.ambient_temp           100 
_diffrn.ambient_temp_details   ? 
_diffrn.crystal_id             1 
# 
_diffrn_detector.diffrn_id              1 
_diffrn_detector.detector               CCD 
_diffrn_detector.type                   SBC-3 
_diffrn_detector.pdbx_collection_date   2004-06-16 
_diffrn_detector.details                ? 
# 
_diffrn_radiation.diffrn_id                        1 
_diffrn_radiation.wavelength_id                    1 
_diffrn_radiation.pdbx_monochromatic_or_laue_m_l   M 
_diffrn_radiation.monochromator                    'double crystal monochromator' 
_diffrn_radiation.pdbx_diffrn_protocol             'SINGLE WAVELENGTH' 
_diffrn_radiation.pdbx_scattering_type             x-ray 
# 
_diffrn_radiation_wavelength.id           1 
_diffrn_radiation_wavelength.wavelength   0.979295 
_diffrn_radiation_wavelength.wt           1.0 
# 
_diffrn_source.diffrn_id                   1 
_diffrn_source.source                      SYNCHROTRON 
_diffrn_source.type                        'APS BEAMLINE 19-ID' 
_diffrn_source.pdbx_synchrotron_site       APS 
_diffrn_source.pdbx_synchrotron_beamline   19-ID 
_diffrn_source.pdbx_wavelength             ? 
_diffrn_source.pdbx_wavelength_list        0.979295 
# 
_reflns.entry_id                     1XHD 
_reflns.observed_criterion_sigma_F   0 
_reflns.observed_criterion_sigma_I   0 
_reflns.d_resolution_high            1.90 
_reflns.d_resolution_low             40 
_reflns.number_all                   37577 
_reflns.number_obs                   37525 
_reflns.percent_possible_obs         99.9 
_reflns.pdbx_Rmerge_I_obs            0.101 
_reflns.pdbx_Rsym_value              ? 
_reflns.pdbx_netI_over_sigmaI        48.4 
_reflns.B_iso_Wilson_estimate        ? 
_reflns.pdbx_redundancy              41.5 
_reflns.R_free_details               ? 
_reflns.limit_h_max                  ? 
_reflns.limit_h_min                  ? 
_reflns.limit_k_max                  ? 
_reflns.limit_k_min                  ? 
_reflns.limit_l_max                  ? 
_reflns.limit_l_min                  ? 
_reflns.observed_criterion_F_max     ? 
_reflns.observed_criterion_F_min     ? 
_reflns.pdbx_chi_squared             ? 
_reflns.pdbx_scaling_rejects         ? 
_reflns.pdbx_ordinal                 1 
_reflns.pdbx_diffrn_id               1 
# 
_reflns_shell.d_res_high             1.90 
_reflns_shell.d_res_low              1.94 
_reflns_shell.percent_possible_all   98.1 
_reflns_shell.Rmerge_I_obs           0.794 
_reflns_shell.pdbx_Rsym_value        ? 
_reflns_shell.meanI_over_sigI_obs    2.49 
_reflns_shell.pdbx_redundancy        15.7 
_reflns_shell.percent_possible_obs   ? 
_reflns_shell.number_unique_all      2401 
_reflns_shell.number_measured_all    ? 
_reflns_shell.number_measured_obs    ? 
_reflns_shell.number_unique_obs      ? 
_reflns_shell.pdbx_chi_squared       ? 
_reflns_shell.pdbx_ordinal           1 
_reflns_shell.pdbx_diffrn_id         1 
# 
_refine.entry_id                                 1XHD 
_refine.ls_number_reflns_obs                     37517 
_refine.ls_number_reflns_all                     37517 
_refine.pdbx_ls_sigma_I                          ? 
_refine.pdbx_ls_sigma_F                          0 
_refine.pdbx_data_cutoff_high_absF               ? 
_refine.pdbx_data_cutoff_low_absF                ? 
_refine.pdbx_data_cutoff_high_rms_absF           ? 
_refine.ls_d_res_low                             40.00 
_refine.ls_d_res_high                            1.90 
_refine.ls_percent_reflns_obs                    99.82 
_refine.ls_R_factor_obs                          0.15298 
_refine.ls_R_factor_all                          ? 
_refine.ls_R_factor_R_work                       0.15243 
_refine.ls_R_factor_R_free                       0.1632 
_refine.ls_R_factor_R_free_error                 ? 
_refine.ls_R_factor_R_free_error_details         ? 
_refine.ls_percent_reflns_R_free                 ? 
_refine.ls_number_reflns_R_free                  1873 
_refine.ls_number_parameters                     ? 
_refine.ls_number_restraints                     ? 
_refine.occupancy_min                            ? 
_refine.occupancy_max                            ? 
_refine.correlation_coeff_Fo_to_Fc               0.970 
_refine.correlation_coeff_Fo_to_Fc_free          ? 
_refine.B_iso_mean                               19.555 
_refine.aniso_B[1][1]                            ? 
_refine.aniso_B[2][2]                            ? 
_refine.aniso_B[3][3]                            ? 
_refine.aniso_B[1][2]                            ? 
_refine.aniso_B[1][3]                            ? 
_refine.aniso_B[2][3]                            ? 
_refine.solvent_model_details                    'BABINET MODEL WITH MASK' 
_refine.solvent_model_param_ksol                 ? 
_refine.solvent_model_param_bsol                 ? 
_refine.pdbx_solvent_vdw_probe_radii             1.40 
_refine.pdbx_solvent_ion_probe_radii             0.80 
_refine.pdbx_solvent_shrinkage_radii             0.80 
_refine.pdbx_ls_cross_valid_method               ? 
_refine.details                                  'HYDROGENS HAVE BEEN ADDED IN THE RIDING POSITIONS' 
_refine.pdbx_starting_model                      ? 
_refine.pdbx_method_to_determine_struct          SAD 
_refine.pdbx_isotropic_thermal_model             ? 
_refine.pdbx_stereochemistry_target_values       'MAXIMUM LIKELIHOOD' 
_refine.pdbx_stereochem_target_val_spec_case     ? 
_refine.pdbx_R_Free_selection_details            random 
_refine.pdbx_overall_ESU_R                       0.063 
_refine.pdbx_overall_ESU_R_Free                  ? 
_refine.overall_SU_ML                            0.033 
_refine.overall_SU_B                             1.098 
_refine.ls_redundancy_reflns_obs                 ? 
_refine.B_iso_min                                ? 
_refine.B_iso_max                                ? 
_refine.overall_SU_R_Cruickshank_DPI             ? 
_refine.overall_SU_R_free                        ? 
_refine.ls_wR_factor_R_free                      ? 
_refine.ls_wR_factor_R_work                      ? 
_refine.overall_FOM_free_R_set                   ? 
_refine.overall_FOM_work_R_set                   ? 
_refine.pdbx_refine_id                           'X-RAY DIFFRACTION' 
_refine.pdbx_TLS_residual_ADP_flag               'LIKELY RESIDUAL' 
_refine.pdbx_diffrn_id                           1 
_refine.pdbx_overall_phase_error                 ? 
_refine.pdbx_overall_SU_R_free_Cruickshank_DPI   ? 
_refine.pdbx_overall_SU_R_Blow_DPI               ? 
_refine.pdbx_overall_SU_R_free_Blow_DPI          ? 
# 
_refine_hist.pdbx_refine_id                   'X-RAY DIFFRACTION' 
_refine_hist.cycle_id                         LAST 
_refine_hist.pdbx_number_atoms_protein        1335 
_refine_hist.pdbx_number_atoms_nucleic_acid   0 
_refine_hist.pdbx_number_atoms_ligand         5 
_refine_hist.number_atoms_solvent             130 
_refine_hist.number_atoms_total               1470 
_refine_hist.d_res_high                       1.90 
_refine_hist.d_res_low                        40.00 
# 
loop_
_refine_ls_restr.type 
_refine_ls_restr.dev_ideal 
_refine_ls_restr.dev_ideal_target 
_refine_ls_restr.weight 
_refine_ls_restr.number 
_refine_ls_restr.pdbx_refine_id 
_refine_ls_restr.pdbx_restraint_function 
r_bond_refined_d         0.014 0.022 ? 1410 'X-RAY DIFFRACTION' ? 
r_bond_other_d           0.002 0.020 ? 1290 'X-RAY DIFFRACTION' ? 
r_angle_refined_deg      1.437 1.962 ? 1910 'X-RAY DIFFRACTION' ? 
r_angle_other_deg        0.801 3.000 ? 3027 'X-RAY DIFFRACTION' ? 
r_dihedral_angle_1_deg   6.902 5.000 ? 174  'X-RAY DIFFRACTION' ? 
r_dihedral_angle_2_deg   ?     ?     ? ?    'X-RAY DIFFRACTION' ? 
r_dihedral_angle_3_deg   ?     ?     ? ?    'X-RAY DIFFRACTION' ? 
r_dihedral_angle_4_deg   ?     ?     ? ?    'X-RAY DIFFRACTION' ? 
r_chiral_restr           0.087 0.200 ? 219  'X-RAY DIFFRACTION' ? 
r_gen_planes_refined     0.007 0.020 ? 1539 'X-RAY DIFFRACTION' ? 
r_gen_planes_other       0.006 0.020 ? 259  'X-RAY DIFFRACTION' ? 
r_nbd_refined            0.233 0.200 ? 286  'X-RAY DIFFRACTION' ? 
r_nbd_other              0.253 0.200 ? 1534 'X-RAY DIFFRACTION' ? 
r_nbtor_refined          ?     ?     ? ?    'X-RAY DIFFRACTION' ? 
r_nbtor_other            0.080 0.200 ? 836  'X-RAY DIFFRACTION' ? 
r_xyhbond_nbd_refined    0.181 0.200 ? 89   'X-RAY DIFFRACTION' ? 
r_xyhbond_nbd_other      ?     ?     ? ?    'X-RAY DIFFRACTION' ? 
r_metal_ion_refined      ?     ?     ? ?    'X-RAY DIFFRACTION' ? 
r_metal_ion_other        ?     ?     ? ?    'X-RAY DIFFRACTION' ? 
r_symmetry_vdw_refined   0.242 0.200 ? 13   'X-RAY DIFFRACTION' ? 
r_symmetry_vdw_other     0.217 0.200 ? 59   'X-RAY DIFFRACTION' ? 
r_symmetry_hbond_refined 0.235 0.200 ? 23   'X-RAY DIFFRACTION' ? 
r_symmetry_hbond_other   ?     ?     ? ?    'X-RAY DIFFRACTION' ? 
r_mcbond_it              0.756 1.500 ? 874  'X-RAY DIFFRACTION' ? 
r_mcbond_other           ?     ?     ? ?    'X-RAY DIFFRACTION' ? 
r_mcangle_it             1.471 2.000 ? 1427 'X-RAY DIFFRACTION' ? 
r_scbond_it              2.808 3.000 ? 536  'X-RAY DIFFRACTION' ? 
r_scangle_it             4.852 4.500 ? 483  'X-RAY DIFFRACTION' ? 
r_rigid_bond_restr       ?     ?     ? ?    'X-RAY DIFFRACTION' ? 
r_sphericity_free        ?     ?     ? ?    'X-RAY DIFFRACTION' ? 
r_sphericity_bonded      ?     ?     ? ?    'X-RAY DIFFRACTION' ? 
# 
_refine_ls_shell.pdbx_total_number_of_bins_used   20 
_refine_ls_shell.d_res_high                       1.900 
_refine_ls_shell.d_res_low                        1.949 
_refine_ls_shell.number_reflns_R_work             2694 
_refine_ls_shell.R_factor_R_work                  0.15243 
_refine_ls_shell.percent_reflns_obs               ? 
_refine_ls_shell.R_factor_R_free                  0.1632 
_refine_ls_shell.R_factor_R_free_error            ? 
_refine_ls_shell.percent_reflns_R_free            ? 
_refine_ls_shell.number_reflns_R_free             127 
_refine_ls_shell.number_reflns_obs                2694 
_refine_ls_shell.redundancy_reflns_obs            ? 
_refine_ls_shell.number_reflns_all                ? 
_refine_ls_shell.pdbx_refine_id                   'X-RAY DIFFRACTION' 
_refine_ls_shell.R_factor_all                     ? 
# 
_struct.entry_id                  1XHD 
_struct.title                     'X-ray crystal structure of putative acetyltransferase, product of BC4754 gene [Bacillus cereus]' 
_struct.pdbx_model_details        ? 
_struct.pdbx_CASP_flag            ? 
_struct.pdbx_model_type_details   ? 
# 
_struct_keywords.entry_id        1XHD 
_struct_keywords.pdbx_keywords   TRANSFERASE 
_struct_keywords.text            
;structural genomics, protein structure initiative, Medwest Center for Structural Genomics, MCSG, Macyltransferase, PSI, Midwest Center for Structural Genomics, TRANSFERASE
;
# 
loop_
_struct_asym.id 
_struct_asym.pdbx_blank_PDB_chainid_flag 
_struct_asym.pdbx_modified 
_struct_asym.entity_id 
_struct_asym.details 
A N N 1 ? 
B N N 2 ? 
C N N 3 ? 
# 
_struct_ref.id                         1 
_struct_ref.db_name                    UNP 
_struct_ref.db_code                    Q816R4_BACCR 
_struct_ref.pdbx_db_accession          Q816R4 
_struct_ref.entity_id                  1 
_struct_ref.pdbx_seq_one_letter_code   
;MIYPYKEKKPKIASSAFIADYVTITGDVYVGEESSIWFNTVIRGDVSPTIIGDRVNVQDQCTLHQSPQYPLILEDDVTVG
HQVILHSCHIKKDALIGMGSIILDGAEIGEGAFIGAGSLVSQGKKIPPNTLAFGRPAKVIRELTAEDRKDMERIRTQYVE
KGQYYKSLQK
;
_struct_ref.pdbx_align_begin           1 
_struct_ref.pdbx_db_isoform            ? 
# 
_struct_ref_seq.align_id                      1 
_struct_ref_seq.ref_id                        1 
_struct_ref_seq.pdbx_PDB_id_code              1XHD 
_struct_ref_seq.pdbx_strand_id                A 
_struct_ref_seq.seq_align_beg                 4 
_struct_ref_seq.pdbx_seq_align_beg_ins_code   ? 
_struct_ref_seq.seq_align_end                 173 
_struct_ref_seq.pdbx_seq_align_end_ins_code   ? 
_struct_ref_seq.pdbx_db_accession             Q816R4 
_struct_ref_seq.db_align_beg                  1 
_struct_ref_seq.pdbx_db_align_beg_ins_code    ? 
_struct_ref_seq.db_align_end                  170 
_struct_ref_seq.pdbx_db_align_end_ins_code    ? 
_struct_ref_seq.pdbx_auth_seq_align_beg       1 
_struct_ref_seq.pdbx_auth_seq_align_end       170 
# 
loop_
_struct_ref_seq_dif.align_id 
_struct_ref_seq_dif.pdbx_pdb_id_code 
_struct_ref_seq_dif.mon_id 
_struct_ref_seq_dif.pdbx_pdb_strand_id 
_struct_ref_seq_dif.seq_num 
_struct_ref_seq_dif.pdbx_pdb_ins_code 
_struct_ref_seq_dif.pdbx_seq_db_name 
_struct_ref_seq_dif.pdbx_seq_db_accession_code 
_struct_ref_seq_dif.db_mon_id 
_struct_ref_seq_dif.pdbx_seq_db_seq_num 
_struct_ref_seq_dif.details 
_struct_ref_seq_dif.pdbx_auth_seq_num 
_struct_ref_seq_dif.pdbx_ordinal 
1 1XHD SER A 1   ? UNP Q816R4 ?   ?   'cloning artifact' -2  1 
1 1XHD ASN A 2   ? UNP Q816R4 ?   ?   'cloning artifact' -1  2 
1 1XHD ALA A 3   ? UNP Q816R4 ?   ?   'cloning artifact' 0   3 
1 1XHD MSE A 4   ? UNP Q816R4 MET 1   'modified residue' 1   4 
1 1XHD MSE A 101 ? UNP Q816R4 MET 98  'modified residue' 98  5 
1 1XHD MSE A 154 ? UNP Q816R4 MET 151 'modified residue' 151 6 
# 
loop_
_pdbx_struct_assembly.id 
_pdbx_struct_assembly.details 
_pdbx_struct_assembly.method_details 
_pdbx_struct_assembly.oligomeric_details 
_pdbx_struct_assembly.oligomeric_count 
1 author_defined_assembly   ?        monomeric 1 
2 software_defined_assembly PISA,PQS trimeric  3 
# 
loop_
_pdbx_struct_assembly_prop.biol_id 
_pdbx_struct_assembly_prop.type 
_pdbx_struct_assembly_prop.value 
_pdbx_struct_assembly_prop.details 
2 'ABSA (A^2)' 7010  ? 
2 MORE         -86   ? 
2 'SSA (A^2)'  18210 ? 
# 
loop_
_pdbx_struct_assembly_gen.assembly_id 
_pdbx_struct_assembly_gen.oper_expression 
_pdbx_struct_assembly_gen.asym_id_list 
1 1     A,B,C 
2 1,2,3 A,B,C 
# 
loop_
_pdbx_struct_oper_list.id 
_pdbx_struct_oper_list.type 
_pdbx_struct_oper_list.name 
_pdbx_struct_oper_list.symmetry_operation 
_pdbx_struct_oper_list.matrix[1][1] 
_pdbx_struct_oper_list.matrix[1][2] 
_pdbx_struct_oper_list.matrix[1][3] 
_pdbx_struct_oper_list.vector[1] 
_pdbx_struct_oper_list.matrix[2][1] 
_pdbx_struct_oper_list.matrix[2][2] 
_pdbx_struct_oper_list.matrix[2][3] 
_pdbx_struct_oper_list.vector[2] 
_pdbx_struct_oper_list.matrix[3][1] 
_pdbx_struct_oper_list.matrix[3][2] 
_pdbx_struct_oper_list.matrix[3][3] 
_pdbx_struct_oper_list.vector[3] 
1 'identity operation'         1_555  x,y,z           1.0000000000  0.0000000000  0.0000000000 0.0000000000   0.0000000000  1.0000000000  0.0000000000  0.0000000000  0.0000000000 0.0000000000  1.0000000000 0.0000000000 
2 'crystal symmetry operation' 7_555  -z+1/2,-x,y+1/2 -0.2794549071 -0.7342984036 0.6186362497 -7.1169138280  0.8550029938  -0.4834845587 -0.1876501054 24.3633328984 0.4368922470 0.4764961028  0.7629394658 0.1879956146 
3 'crystal symmetry operation' 10_545 -y,z-1/2,-x+1/2 -0.2794549071 0.8550029938  0.4368922470 -22.9017128862 -0.7342984036 -0.4834845587 0.4764961028  6.4637776160  0.6186362497 -0.1876501054 0.7629394658 8.8311335917 
# 
_struct_biol.id                    1 
_struct_biol.details               'the biological assembly unknown' 
_struct_biol.pdbx_parent_biol_id   ? 
# 
_struct_conf.conf_type_id            HELX_P 
_struct_conf.id                      HELX_P1 
_struct_conf.pdbx_PDB_helix_id       1 
_struct_conf.beg_label_comp_id       THR 
_struct_conf.beg_label_asym_id       A 
_struct_conf.beg_label_seq_id        147 
_struct_conf.pdbx_beg_PDB_ins_code   ? 
_struct_conf.end_label_comp_id       GLN 
_struct_conf.end_label_asym_id       A 
_struct_conf.end_label_seq_id        172 
_struct_conf.pdbx_end_PDB_ins_code   ? 
_struct_conf.beg_auth_comp_id        THR 
_struct_conf.beg_auth_asym_id        A 
_struct_conf.beg_auth_seq_id         144 
_struct_conf.end_auth_comp_id        GLN 
_struct_conf.end_auth_asym_id        A 
_struct_conf.end_auth_seq_id         169 
_struct_conf.pdbx_PDB_helix_class    1 
_struct_conf.details                 ? 
_struct_conf.pdbx_PDB_helix_length   26 
# 
_struct_conf_type.id          HELX_P 
_struct_conf_type.criteria    ? 
_struct_conf_type.reference   ? 
# 
loop_
_struct_conn.id 
_struct_conn.conn_type_id 
_struct_conn.pdbx_leaving_atom_flag 
_struct_conn.pdbx_PDB_id 
_struct_conn.ptnr1_label_asym_id 
_struct_conn.ptnr1_label_comp_id 
_struct_conn.ptnr1_label_seq_id 
_struct_conn.ptnr1_label_atom_id 
_struct_conn.pdbx_ptnr1_label_alt_id 
_struct_conn.pdbx_ptnr1_PDB_ins_code 
_struct_conn.pdbx_ptnr1_standard_comp_id 
_struct_conn.ptnr1_symmetry 
_struct_conn.ptnr2_label_asym_id 
_struct_conn.ptnr2_label_comp_id 
_struct_conn.ptnr2_label_seq_id 
_struct_conn.ptnr2_label_atom_id 
_struct_conn.pdbx_ptnr2_label_alt_id 
_struct_conn.pdbx_ptnr2_PDB_ins_code 
_struct_conn.ptnr1_auth_asym_id 
_struct_conn.ptnr1_auth_comp_id 
_struct_conn.ptnr1_auth_seq_id 
_struct_conn.ptnr2_auth_asym_id 
_struct_conn.ptnr2_auth_comp_id 
_struct_conn.ptnr2_auth_seq_id 
_struct_conn.ptnr2_symmetry 
_struct_conn.pdbx_ptnr3_label_atom_id 
_struct_conn.pdbx_ptnr3_label_seq_id 
_struct_conn.pdbx_ptnr3_label_comp_id 
_struct_conn.pdbx_ptnr3_label_asym_id 
_struct_conn.pdbx_ptnr3_label_alt_id 
_struct_conn.pdbx_ptnr3_PDB_ins_code 
_struct_conn.details 
_struct_conn.pdbx_dist_value 
_struct_conn.pdbx_value_order 
_struct_conn.pdbx_role 
covale1 covale both ? A ALA 3   C A ? ? 1_555 A MSE 4   N ? ? A ALA 0   A MSE 1   1_555 ? ? ? ? ? ? ? 1.319 ? ? 
covale2 covale both ? A ALA 3   C B ? ? 1_555 A MSE 4   N ? ? A ALA 0   A MSE 1   1_555 ? ? ? ? ? ? ? 1.344 ? ? 
covale3 covale both ? A MSE 4   C ? ? ? 1_555 A ILE 5   N ? ? A MSE 1   A ILE 2   1_555 ? ? ? ? ? ? ? 1.326 ? ? 
covale4 covale both ? A GLY 100 C ? ? ? 1_555 A MSE 101 N ? ? A GLY 97  A MSE 98  1_555 ? ? ? ? ? ? ? 1.325 ? ? 
covale5 covale both ? A MSE 101 C ? ? ? 1_555 A GLY 102 N ? ? A MSE 98  A GLY 99  1_555 ? ? ? ? ? ? ? 1.325 ? ? 
covale6 covale both ? A ASP 153 C ? ? ? 1_555 A MSE 154 N ? ? A ASP 150 A MSE 151 1_555 ? ? ? ? ? ? ? 1.329 ? ? 
covale7 covale both ? A MSE 154 C ? ? ? 1_555 A GLU 155 N ? ? A MSE 151 A GLU 152 1_555 ? ? ? ? ? ? ? 1.334 ? ? 
# 
_struct_conn_type.id          covale 
_struct_conn_type.criteria    ? 
_struct_conn_type.reference   ? 
# 
loop_
_pdbx_modification_feature.ordinal 
_pdbx_modification_feature.label_comp_id 
_pdbx_modification_feature.label_asym_id 
_pdbx_modification_feature.label_seq_id 
_pdbx_modification_feature.label_alt_id 
_pdbx_modification_feature.modified_residue_label_comp_id 
_pdbx_modification_feature.modified_residue_label_asym_id 
_pdbx_modification_feature.modified_residue_label_seq_id 
_pdbx_modification_feature.modified_residue_label_alt_id 
_pdbx_modification_feature.auth_comp_id 
_pdbx_modification_feature.auth_asym_id 
_pdbx_modification_feature.auth_seq_id 
_pdbx_modification_feature.PDB_ins_code 
_pdbx_modification_feature.symmetry 
_pdbx_modification_feature.modified_residue_auth_comp_id 
_pdbx_modification_feature.modified_residue_auth_asym_id 
_pdbx_modification_feature.modified_residue_auth_seq_id 
_pdbx_modification_feature.modified_residue_PDB_ins_code 
_pdbx_modification_feature.modified_residue_symmetry 
_pdbx_modification_feature.comp_id_linking_atom 
_pdbx_modification_feature.modified_residue_id_linking_atom 
_pdbx_modification_feature.modified_residue_id 
_pdbx_modification_feature.ref_pcm_id 
_pdbx_modification_feature.ref_comp_id 
_pdbx_modification_feature.type 
_pdbx_modification_feature.category 
1 MSE A 4   ? . . . . MSE A 1   ? 1_555 . . . . . . . MET 1 MSE Selenomethionine 'Named protein modification' 
2 MSE A 101 ? . . . . MSE A 98  ? 1_555 . . . . . . . MET 1 MSE Selenomethionine 'Named protein modification' 
3 MSE A 154 ? . . . . MSE A 151 ? 1_555 . . . . . . . MET 1 MSE Selenomethionine 'Named protein modification' 
# 
_struct_mon_prot_cis.pdbx_id                1 
_struct_mon_prot_cis.label_comp_id          ARG 
_struct_mon_prot_cis.label_seq_id           138 
_struct_mon_prot_cis.label_asym_id          A 
_struct_mon_prot_cis.label_alt_id           . 
_struct_mon_prot_cis.pdbx_PDB_ins_code      ? 
_struct_mon_prot_cis.auth_comp_id           ARG 
_struct_mon_prot_cis.auth_seq_id            135 
_struct_mon_prot_cis.auth_asym_id           A 
_struct_mon_prot_cis.pdbx_label_comp_id_2   PRO 
_struct_mon_prot_cis.pdbx_label_seq_id_2    139 
_struct_mon_prot_cis.pdbx_label_asym_id_2   A 
_struct_mon_prot_cis.pdbx_PDB_ins_code_2    ? 
_struct_mon_prot_cis.pdbx_auth_comp_id_2    PRO 
_struct_mon_prot_cis.pdbx_auth_seq_id_2     136 
_struct_mon_prot_cis.pdbx_auth_asym_id_2    A 
_struct_mon_prot_cis.pdbx_PDB_model_num     1 
_struct_mon_prot_cis.pdbx_omega_angle       -2.89 
# 
loop_
_struct_sheet.id 
_struct_sheet.type 
_struct_sheet.number_strands 
_struct_sheet.details 
A ? 7 ? 
B ? 7 ? 
C ? 8 ? 
# 
loop_
_struct_sheet_order.sheet_id 
_struct_sheet_order.range_id_1 
_struct_sheet_order.range_id_2 
_struct_sheet_order.offset 
_struct_sheet_order.sense 
A 1 2 ? parallel      
A 2 3 ? parallel      
A 3 4 ? parallel      
A 4 5 ? parallel      
A 5 6 ? parallel      
A 6 7 ? parallel      
B 1 2 ? parallel      
B 2 3 ? parallel      
B 3 4 ? parallel      
B 4 5 ? parallel      
B 5 6 ? parallel      
B 6 7 ? parallel      
C 1 2 ? parallel      
C 2 3 ? parallel      
C 3 4 ? parallel      
C 4 5 ? parallel      
C 5 6 ? parallel      
C 6 7 ? parallel      
C 7 8 ? anti-parallel 
# 
loop_
_struct_sheet_range.sheet_id 
_struct_sheet_range.id 
_struct_sheet_range.beg_label_comp_id 
_struct_sheet_range.beg_label_asym_id 
_struct_sheet_range.beg_label_seq_id 
_struct_sheet_range.pdbx_beg_PDB_ins_code 
_struct_sheet_range.end_label_comp_id 
_struct_sheet_range.end_label_asym_id 
_struct_sheet_range.end_label_seq_id 
_struct_sheet_range.pdbx_end_PDB_ins_code 
_struct_sheet_range.beg_auth_comp_id 
_struct_sheet_range.beg_auth_asym_id 
_struct_sheet_range.beg_auth_seq_id 
_struct_sheet_range.end_auth_comp_id 
_struct_sheet_range.end_auth_asym_id 
_struct_sheet_range.end_auth_seq_id 
A 1 MSE A 4   ? TYR A 6   ? MSE A 1   TYR A 3   
A 2 THR A 26  ? VAL A 33  ? THR A 23  VAL A 30  
A 3 VAL A 44  ? ILE A 54  ? VAL A 41  ILE A 51  
A 4 THR A 65  ? HIS A 67  ? THR A 62  HIS A 64  
A 5 ILE A 87  ? HIS A 89  ? ILE A 84  HIS A 86  
A 6 ILE A 104 ? ILE A 105 ? ILE A 101 ILE A 102 
A 7 LEU A 122 ? VAL A 123 ? LEU A 119 VAL A 120 
B 1 LYS A 14  ? ILE A 15  ? LYS A 11  ILE A 12  
B 2 THR A 26  ? VAL A 33  ? THR A 23  VAL A 30  
B 3 VAL A 44  ? ILE A 54  ? VAL A 41  ILE A 51  
B 4 LEU A 74  ? LEU A 76  ? LEU A 71  LEU A 73  
B 5 HIS A 92  ? ILE A 93  ? HIS A 89  ILE A 90  
B 6 GLU A 110 ? ILE A 111 ? GLU A 107 ILE A 108 
B 7 LYS A 128 ? ILE A 129 ? LYS A 125 ILE A 126 
C 1 PHE A 20  ? ILE A 21  ? PHE A 17  ILE A 18  
C 2 SER A 38  ? ILE A 39  ? SER A 35  ILE A 36  
C 3 ASN A 59  ? VAL A 60  ? ASN A 56  VAL A 57  
C 4 THR A 81  ? VAL A 82  ? THR A 78  VAL A 79  
C 5 LEU A 98  ? ILE A 99  ? LEU A 95  ILE A 96  
C 6 PHE A 116 ? ILE A 117 ? PHE A 113 ILE A 114 
C 7 THR A 133 ? PHE A 136 ? THR A 130 PHE A 133 
C 8 LYS A 141 ? GLU A 145 ? LYS A 138 GLU A 142 
# 
loop_
_pdbx_struct_sheet_hbond.sheet_id 
_pdbx_struct_sheet_hbond.range_id_1 
_pdbx_struct_sheet_hbond.range_id_2 
_pdbx_struct_sheet_hbond.range_1_label_atom_id 
_pdbx_struct_sheet_hbond.range_1_label_comp_id 
_pdbx_struct_sheet_hbond.range_1_label_asym_id 
_pdbx_struct_sheet_hbond.range_1_label_seq_id 
_pdbx_struct_sheet_hbond.range_1_PDB_ins_code 
_pdbx_struct_sheet_hbond.range_1_auth_atom_id 
_pdbx_struct_sheet_hbond.range_1_auth_comp_id 
_pdbx_struct_sheet_hbond.range_1_auth_asym_id 
_pdbx_struct_sheet_hbond.range_1_auth_seq_id 
_pdbx_struct_sheet_hbond.range_2_label_atom_id 
_pdbx_struct_sheet_hbond.range_2_label_comp_id 
_pdbx_struct_sheet_hbond.range_2_label_asym_id 
_pdbx_struct_sheet_hbond.range_2_label_seq_id 
_pdbx_struct_sheet_hbond.range_2_PDB_ins_code 
_pdbx_struct_sheet_hbond.range_2_auth_atom_id 
_pdbx_struct_sheet_hbond.range_2_auth_comp_id 
_pdbx_struct_sheet_hbond.range_2_auth_asym_id 
_pdbx_struct_sheet_hbond.range_2_auth_seq_id 
A 1 2 N MSE A 4   ? N MSE A 1   O ILE A 27  ? O ILE A 24  
A 2 3 N THR A 26  ? N THR A 23  O ILE A 45  ? O ILE A 42  
A 3 4 N VAL A 44  ? N VAL A 41  O LEU A 66  ? O LEU A 63  
A 4 5 N THR A 65  ? N THR A 62  O LEU A 88  ? O LEU A 85  
A 5 6 N ILE A 87  ? N ILE A 84  O ILE A 105 ? O ILE A 102 
A 6 7 N ILE A 104 ? N ILE A 101 O VAL A 123 ? O VAL A 120 
B 1 2 N LYS A 14  ? N LYS A 11  O VAL A 31  ? O VAL A 28  
B 2 3 N THR A 26  ? N THR A 23  O ILE A 45  ? O ILE A 42  
B 3 4 N ILE A 53  ? N ILE A 50  O LEU A 76  ? O LEU A 73  
B 4 5 N ILE A 75  ? N ILE A 72  O ILE A 93  ? O ILE A 90  
B 5 6 N HIS A 92  ? N HIS A 89  O ILE A 111 ? O ILE A 108 
B 6 7 N GLU A 110 ? N GLU A 107 O ILE A 129 ? O ILE A 126 
C 1 2 N PHE A 20  ? N PHE A 17  O ILE A 39  ? O ILE A 36  
C 2 3 N SER A 38  ? N SER A 35  O VAL A 60  ? O VAL A 57  
C 3 4 N ASN A 59  ? N ASN A 56  O VAL A 82  ? O VAL A 79  
C 4 5 N THR A 81  ? N THR A 78  O ILE A 99  ? O ILE A 96  
C 5 6 N LEU A 98  ? N LEU A 95  O ILE A 117 ? O ILE A 114 
C 6 7 N PHE A 116 ? N PHE A 113 O THR A 133 ? O THR A 130 
C 7 8 N LEU A 134 ? N LEU A 131 O ILE A 143 ? O ILE A 140 
# 
_struct_site.id                   AC1 
_struct_site.pdbx_evidence_code   Software 
_struct_site.pdbx_auth_asym_id    A 
_struct_site.pdbx_auth_comp_id    SO4 
_struct_site.pdbx_auth_seq_id     201 
_struct_site.pdbx_auth_ins_code   ? 
_struct_site.pdbx_num_residues    8 
_struct_site.details              'BINDING SITE FOR RESIDUE SO4 A 201' 
# 
loop_
_struct_site_gen.id 
_struct_site_gen.site_id 
_struct_site_gen.pdbx_num_res 
_struct_site_gen.label_comp_id 
_struct_site_gen.label_asym_id 
_struct_site_gen.label_seq_id 
_struct_site_gen.pdbx_auth_ins_code 
_struct_site_gen.auth_comp_id 
_struct_site_gen.auth_asym_id 
_struct_site_gen.auth_seq_id 
_struct_site_gen.label_atom_id 
_struct_site_gen.label_alt_id 
_struct_site_gen.symmetry 
_struct_site_gen.details 
1 AC1 8 GLN A 61  ? GLN A 58  . ? 10_545 ? 
2 AC1 8 HIS A 67  ? HIS A 64  . ? 1_555  ? 
3 AC1 8 HIS A 84  ? HIS A 81  . ? 10_545 ? 
4 AC1 8 HIS A 89  ? HIS A 86  . ? 1_555  ? 
5 AC1 8 TYR A 161 ? TYR A 158 . ? 10_545 ? 
6 AC1 8 HOH C .   ? HOH A 272 . ? 10_545 ? 
7 AC1 8 HOH C .   ? HOH A 284 . ? 1_555  ? 
8 AC1 8 HOH C .   ? HOH A 297 . ? 10_545 ? 
# 
_pdbx_entry_details.entry_id                   1XHD 
_pdbx_entry_details.compound_details           ? 
_pdbx_entry_details.source_details             ? 
_pdbx_entry_details.nonpolymer_details         ? 
_pdbx_entry_details.sequence_details           ? 
_pdbx_entry_details.has_ligand_of_interest     ? 
_pdbx_entry_details.has_protein_modification   Y 
# 
loop_
_pdbx_validate_close_contact.id 
_pdbx_validate_close_contact.PDB_model_num 
_pdbx_validate_close_contact.auth_atom_id_1 
_pdbx_validate_close_contact.auth_asym_id_1 
_pdbx_validate_close_contact.auth_comp_id_1 
_pdbx_validate_close_contact.auth_seq_id_1 
_pdbx_validate_close_contact.PDB_ins_code_1 
_pdbx_validate_close_contact.label_alt_id_1 
_pdbx_validate_close_contact.auth_atom_id_2 
_pdbx_validate_close_contact.auth_asym_id_2 
_pdbx_validate_close_contact.auth_comp_id_2 
_pdbx_validate_close_contact.auth_seq_id_2 
_pdbx_validate_close_contact.PDB_ins_code_2 
_pdbx_validate_close_contact.label_alt_id_2 
_pdbx_validate_close_contact.dist 
1 1 OE2 A GLU 7  ? ? O A HOH 319 ? ? 1.97 
2 1 OE1 A GLU 32 ? A O A HOH 312 ? ? 2.11 
# 
_pdbx_validate_rmsd_angle.id                         1 
_pdbx_validate_rmsd_angle.PDB_model_num              1 
_pdbx_validate_rmsd_angle.auth_atom_id_1             CB 
_pdbx_validate_rmsd_angle.auth_asym_id_1             A 
_pdbx_validate_rmsd_angle.auth_comp_id_1             ASP 
_pdbx_validate_rmsd_angle.auth_seq_id_1              150 
_pdbx_validate_rmsd_angle.PDB_ins_code_1             ? 
_pdbx_validate_rmsd_angle.label_alt_id_1             B 
_pdbx_validate_rmsd_angle.auth_atom_id_2             CG 
_pdbx_validate_rmsd_angle.auth_asym_id_2             A 
_pdbx_validate_rmsd_angle.auth_comp_id_2             ASP 
_pdbx_validate_rmsd_angle.auth_seq_id_2              150 
_pdbx_validate_rmsd_angle.PDB_ins_code_2             ? 
_pdbx_validate_rmsd_angle.label_alt_id_2             B 
_pdbx_validate_rmsd_angle.auth_atom_id_3             OD2 
_pdbx_validate_rmsd_angle.auth_asym_id_3             A 
_pdbx_validate_rmsd_angle.auth_comp_id_3             ASP 
_pdbx_validate_rmsd_angle.auth_seq_id_3              150 
_pdbx_validate_rmsd_angle.PDB_ins_code_3             ? 
_pdbx_validate_rmsd_angle.label_alt_id_3             B 
_pdbx_validate_rmsd_angle.angle_value                124.33 
_pdbx_validate_rmsd_angle.angle_target_value         118.30 
_pdbx_validate_rmsd_angle.angle_deviation            6.03 
_pdbx_validate_rmsd_angle.angle_standard_deviation   0.90 
_pdbx_validate_rmsd_angle.linker_flag                N 
# 
loop_
_pdbx_validate_torsion.id 
_pdbx_validate_torsion.PDB_model_num 
_pdbx_validate_torsion.auth_comp_id 
_pdbx_validate_torsion.auth_asym_id 
_pdbx_validate_torsion.auth_seq_id 
_pdbx_validate_torsion.PDB_ins_code 
_pdbx_validate_torsion.label_alt_id 
_pdbx_validate_torsion.phi 
_pdbx_validate_torsion.psi 
1 1 ASN A -1 ? B -119.18 52.75   
2 1 LYS A 6  ? ? 57.85   -125.82 
3 1 VAL A 46 ? ? -124.15 -56.74  
# 
_pdbx_SG_project.id                    1 
_pdbx_SG_project.project_name          'PSI, Protein Structure Initiative' 
_pdbx_SG_project.full_name_of_center   'Midwest Center for Structural Genomics' 
_pdbx_SG_project.initial_of_center     MCSG 
# 
loop_
_pdbx_struct_mod_residue.id 
_pdbx_struct_mod_residue.label_asym_id 
_pdbx_struct_mod_residue.label_comp_id 
_pdbx_struct_mod_residue.label_seq_id 
_pdbx_struct_mod_residue.auth_asym_id 
_pdbx_struct_mod_residue.auth_comp_id 
_pdbx_struct_mod_residue.auth_seq_id 
_pdbx_struct_mod_residue.PDB_ins_code 
_pdbx_struct_mod_residue.parent_comp_id 
_pdbx_struct_mod_residue.details 
1 A MSE 4   A MSE 1   ? MET SELENOMETHIONINE 
2 A MSE 101 A MSE 98  ? MET SELENOMETHIONINE 
3 A MSE 154 A MSE 151 ? MET SELENOMETHIONINE 
# 
loop_
_pdbx_struct_special_symmetry.id 
_pdbx_struct_special_symmetry.PDB_model_num 
_pdbx_struct_special_symmetry.auth_asym_id 
_pdbx_struct_special_symmetry.auth_comp_id 
_pdbx_struct_special_symmetry.auth_seq_id 
_pdbx_struct_special_symmetry.PDB_ins_code 
_pdbx_struct_special_symmetry.label_asym_id 
_pdbx_struct_special_symmetry.label_comp_id 
_pdbx_struct_special_symmetry.label_seq_id 
1 1 A HOH 206 ? C HOH . 
2 1 A HOH 208 ? C HOH . 
# 
_pdbx_refine_tls.id               1 
_pdbx_refine_tls.details          ? 
_pdbx_refine_tls.method           refined 
_pdbx_refine_tls.origin_x         0.0033 
_pdbx_refine_tls.origin_y         0.0465 
_pdbx_refine_tls.origin_z         -0.4574 
_pdbx_refine_tls.T[1][1]          0.0220 
_pdbx_refine_tls.T[2][2]          0.0107 
_pdbx_refine_tls.T[3][3]          0.0197 
_pdbx_refine_tls.T[1][2]          0.0110 
_pdbx_refine_tls.T[1][3]          0.0148 
_pdbx_refine_tls.T[2][3]          0.0003 
_pdbx_refine_tls.L[1][1]          0.6064 
_pdbx_refine_tls.L[2][2]          0.6716 
_pdbx_refine_tls.L[3][3]          0.3284 
_pdbx_refine_tls.L[1][2]          -0.0445 
_pdbx_refine_tls.L[1][3]          0.1331 
_pdbx_refine_tls.L[2][3]          -0.1387 
_pdbx_refine_tls.S[1][1]          -0.0215 
_pdbx_refine_tls.S[1][2]          0.0660 
_pdbx_refine_tls.S[1][3]          -0.0446 
_pdbx_refine_tls.S[2][1]          -0.0204 
_pdbx_refine_tls.S[2][2]          -0.0476 
_pdbx_refine_tls.S[2][3]          -0.0486 
_pdbx_refine_tls.S[3][1]          0.0076 
_pdbx_refine_tls.S[3][2]          0.0393 
_pdbx_refine_tls.S[3][3]          0.0692 
_pdbx_refine_tls.pdbx_refine_id   'X-RAY DIFFRACTION' 
# 
_pdbx_refine_tls_group.id                  1 
_pdbx_refine_tls_group.refine_tls_id       1 
_pdbx_refine_tls_group.beg_label_asym_id   A 
_pdbx_refine_tls_group.beg_label_seq_id    1 
_pdbx_refine_tls_group.beg_auth_seq_id     -2 
_pdbx_refine_tls_group.end_label_asym_id   A 
_pdbx_refine_tls_group.end_label_seq_id    172 
_pdbx_refine_tls_group.end_auth_seq_id     169 
_pdbx_refine_tls_group.selection           ? 
_pdbx_refine_tls_group.beg_auth_asym_id    A 
_pdbx_refine_tls_group.end_auth_asym_id    A 
_pdbx_refine_tls_group.pdbx_refine_id      'X-RAY DIFFRACTION' 
_pdbx_refine_tls_group.selection_details   ? 
# 
_pdbx_database_remark.id     300 
_pdbx_database_remark.text   
;BIOMOLECULE: 1
THIS ENTRY CONTAINS THE CRYSTALLOGRAPHIC ASYMMETRIC UNIT
WHICH CONSISTS OF 1 CHAIN(S). THE BIOLOGICAL MOLECULE 
FOR THE PROTEIN IS UNKNOWN.
;
# 
_pdbx_unobs_or_zero_occ_residues.id               1 
_pdbx_unobs_or_zero_occ_residues.PDB_model_num    1 
_pdbx_unobs_or_zero_occ_residues.polymer_flag     Y 
_pdbx_unobs_or_zero_occ_residues.occupancy_flag   1 
_pdbx_unobs_or_zero_occ_residues.auth_asym_id     A 
_pdbx_unobs_or_zero_occ_residues.auth_comp_id     LYS 
_pdbx_unobs_or_zero_occ_residues.auth_seq_id      170 
_pdbx_unobs_or_zero_occ_residues.PDB_ins_code     ? 
_pdbx_unobs_or_zero_occ_residues.label_asym_id    A 
_pdbx_unobs_or_zero_occ_residues.label_comp_id    LYS 
_pdbx_unobs_or_zero_occ_residues.label_seq_id     173 
# 
loop_
_chem_comp_atom.comp_id 
_chem_comp_atom.atom_id 
_chem_comp_atom.type_symbol 
_chem_comp_atom.pdbx_aromatic_flag 
_chem_comp_atom.pdbx_stereo_config 
_chem_comp_atom.pdbx_ordinal 
ALA N    N  N N 1   
ALA CA   C  N S 2   
ALA C    C  N N 3   
ALA O    O  N N 4   
ALA CB   C  N N 5   
ALA OXT  O  N N 6   
ALA H    H  N N 7   
ALA H2   H  N N 8   
ALA HA   H  N N 9   
ALA HB1  H  N N 10  
ALA HB2  H  N N 11  
ALA HB3  H  N N 12  
ALA HXT  H  N N 13  
ARG N    N  N N 14  
ARG CA   C  N S 15  
ARG C    C  N N 16  
ARG O    O  N N 17  
ARG CB   C  N N 18  
ARG CG   C  N N 19  
ARG CD   C  N N 20  
ARG NE   N  N N 21  
ARG CZ   C  N N 22  
ARG NH1  N  N N 23  
ARG NH2  N  N N 24  
ARG OXT  O  N N 25  
ARG H    H  N N 26  
ARG H2   H  N N 27  
ARG HA   H  N N 28  
ARG HB2  H  N N 29  
ARG HB3  H  N N 30  
ARG HG2  H  N N 31  
ARG HG3  H  N N 32  
ARG HD2  H  N N 33  
ARG HD3  H  N N 34  
ARG HE   H  N N 35  
ARG HH11 H  N N 36  
ARG HH12 H  N N 37  
ARG HH21 H  N N 38  
ARG HH22 H  N N 39  
ARG HXT  H  N N 40  
ASN N    N  N N 41  
ASN CA   C  N S 42  
ASN C    C  N N 43  
ASN O    O  N N 44  
ASN CB   C  N N 45  
ASN CG   C  N N 46  
ASN OD1  O  N N 47  
ASN ND2  N  N N 48  
ASN OXT  O  N N 49  
ASN H    H  N N 50  
ASN H2   H  N N 51  
ASN HA   H  N N 52  
ASN HB2  H  N N 53  
ASN HB3  H  N N 54  
ASN HD21 H  N N 55  
ASN HD22 H  N N 56  
ASN HXT  H  N N 57  
ASP N    N  N N 58  
ASP CA   C  N S 59  
ASP C    C  N N 60  
ASP O    O  N N 61  
ASP CB   C  N N 62  
ASP CG   C  N N 63  
ASP OD1  O  N N 64  
ASP OD2  O  N N 65  
ASP OXT  O  N N 66  
ASP H    H  N N 67  
ASP H2   H  N N 68  
ASP HA   H  N N 69  
ASP HB2  H  N N 70  
ASP HB3  H  N N 71  
ASP HD2  H  N N 72  
ASP HXT  H  N N 73  
CYS N    N  N N 74  
CYS CA   C  N R 75  
CYS C    C  N N 76  
CYS O    O  N N 77  
CYS CB   C  N N 78  
CYS SG   S  N N 79  
CYS OXT  O  N N 80  
CYS H    H  N N 81  
CYS H2   H  N N 82  
CYS HA   H  N N 83  
CYS HB2  H  N N 84  
CYS HB3  H  N N 85  
CYS HG   H  N N 86  
CYS HXT  H  N N 87  
GLN N    N  N N 88  
GLN CA   C  N S 89  
GLN C    C  N N 90  
GLN O    O  N N 91  
GLN CB   C  N N 92  
GLN CG   C  N N 93  
GLN CD   C  N N 94  
GLN OE1  O  N N 95  
GLN NE2  N  N N 96  
GLN OXT  O  N N 97  
GLN H    H  N N 98  
GLN H2   H  N N 99  
GLN HA   H  N N 100 
GLN HB2  H  N N 101 
GLN HB3  H  N N 102 
GLN HG2  H  N N 103 
GLN HG3  H  N N 104 
GLN HE21 H  N N 105 
GLN HE22 H  N N 106 
GLN HXT  H  N N 107 
GLU N    N  N N 108 
GLU CA   C  N S 109 
GLU C    C  N N 110 
GLU O    O  N N 111 
GLU CB   C  N N 112 
GLU CG   C  N N 113 
GLU CD   C  N N 114 
GLU OE1  O  N N 115 
GLU OE2  O  N N 116 
GLU OXT  O  N N 117 
GLU H    H  N N 118 
GLU H2   H  N N 119 
GLU HA   H  N N 120 
GLU HB2  H  N N 121 
GLU HB3  H  N N 122 
GLU HG2  H  N N 123 
GLU HG3  H  N N 124 
GLU HE2  H  N N 125 
GLU HXT  H  N N 126 
GLY N    N  N N 127 
GLY CA   C  N N 128 
GLY C    C  N N 129 
GLY O    O  N N 130 
GLY OXT  O  N N 131 
GLY H    H  N N 132 
GLY H2   H  N N 133 
GLY HA2  H  N N 134 
GLY HA3  H  N N 135 
GLY HXT  H  N N 136 
HIS N    N  N N 137 
HIS CA   C  N S 138 
HIS C    C  N N 139 
HIS O    O  N N 140 
HIS CB   C  N N 141 
HIS CG   C  Y N 142 
HIS ND1  N  Y N 143 
HIS CD2  C  Y N 144 
HIS CE1  C  Y N 145 
HIS NE2  N  Y N 146 
HIS OXT  O  N N 147 
HIS H    H  N N 148 
HIS H2   H  N N 149 
HIS HA   H  N N 150 
HIS HB2  H  N N 151 
HIS HB3  H  N N 152 
HIS HD1  H  N N 153 
HIS HD2  H  N N 154 
HIS HE1  H  N N 155 
HIS HE2  H  N N 156 
HIS HXT  H  N N 157 
HOH O    O  N N 158 
HOH H1   H  N N 159 
HOH H2   H  N N 160 
ILE N    N  N N 161 
ILE CA   C  N S 162 
ILE C    C  N N 163 
ILE O    O  N N 164 
ILE CB   C  N S 165 
ILE CG1  C  N N 166 
ILE CG2  C  N N 167 
ILE CD1  C  N N 168 
ILE OXT  O  N N 169 
ILE H    H  N N 170 
ILE H2   H  N N 171 
ILE HA   H  N N 172 
ILE HB   H  N N 173 
ILE HG12 H  N N 174 
ILE HG13 H  N N 175 
ILE HG21 H  N N 176 
ILE HG22 H  N N 177 
ILE HG23 H  N N 178 
ILE HD11 H  N N 179 
ILE HD12 H  N N 180 
ILE HD13 H  N N 181 
ILE HXT  H  N N 182 
LEU N    N  N N 183 
LEU CA   C  N S 184 
LEU C    C  N N 185 
LEU O    O  N N 186 
LEU CB   C  N N 187 
LEU CG   C  N N 188 
LEU CD1  C  N N 189 
LEU CD2  C  N N 190 
LEU OXT  O  N N 191 
LEU H    H  N N 192 
LEU H2   H  N N 193 
LEU HA   H  N N 194 
LEU HB2  H  N N 195 
LEU HB3  H  N N 196 
LEU HG   H  N N 197 
LEU HD11 H  N N 198 
LEU HD12 H  N N 199 
LEU HD13 H  N N 200 
LEU HD21 H  N N 201 
LEU HD22 H  N N 202 
LEU HD23 H  N N 203 
LEU HXT  H  N N 204 
LYS N    N  N N 205 
LYS CA   C  N S 206 
LYS C    C  N N 207 
LYS O    O  N N 208 
LYS CB   C  N N 209 
LYS CG   C  N N 210 
LYS CD   C  N N 211 
LYS CE   C  N N 212 
LYS NZ   N  N N 213 
LYS OXT  O  N N 214 
LYS H    H  N N 215 
LYS H2   H  N N 216 
LYS HA   H  N N 217 
LYS HB2  H  N N 218 
LYS HB3  H  N N 219 
LYS HG2  H  N N 220 
LYS HG3  H  N N 221 
LYS HD2  H  N N 222 
LYS HD3  H  N N 223 
LYS HE2  H  N N 224 
LYS HE3  H  N N 225 
LYS HZ1  H  N N 226 
LYS HZ2  H  N N 227 
LYS HZ3  H  N N 228 
LYS HXT  H  N N 229 
MET N    N  N N 230 
MET CA   C  N S 231 
MET C    C  N N 232 
MET O    O  N N 233 
MET CB   C  N N 234 
MET CG   C  N N 235 
MET SD   S  N N 236 
MET CE   C  N N 237 
MET OXT  O  N N 238 
MET H    H  N N 239 
MET H2   H  N N 240 
MET HA   H  N N 241 
MET HB2  H  N N 242 
MET HB3  H  N N 243 
MET HG2  H  N N 244 
MET HG3  H  N N 245 
MET HE1  H  N N 246 
MET HE2  H  N N 247 
MET HE3  H  N N 248 
MET HXT  H  N N 249 
MSE N    N  N N 250 
MSE CA   C  N S 251 
MSE C    C  N N 252 
MSE O    O  N N 253 
MSE OXT  O  N N 254 
MSE CB   C  N N 255 
MSE CG   C  N N 256 
MSE SE   SE N N 257 
MSE CE   C  N N 258 
MSE H    H  N N 259 
MSE H2   H  N N 260 
MSE HA   H  N N 261 
MSE HXT  H  N N 262 
MSE HB2  H  N N 263 
MSE HB3  H  N N 264 
MSE HG2  H  N N 265 
MSE HG3  H  N N 266 
MSE HE1  H  N N 267 
MSE HE2  H  N N 268 
MSE HE3  H  N N 269 
PHE N    N  N N 270 
PHE CA   C  N S 271 
PHE C    C  N N 272 
PHE O    O  N N 273 
PHE CB   C  N N 274 
PHE CG   C  Y N 275 
PHE CD1  C  Y N 276 
PHE CD2  C  Y N 277 
PHE CE1  C  Y N 278 
PHE CE2  C  Y N 279 
PHE CZ   C  Y N 280 
PHE OXT  O  N N 281 
PHE H    H  N N 282 
PHE H2   H  N N 283 
PHE HA   H  N N 284 
PHE HB2  H  N N 285 
PHE HB3  H  N N 286 
PHE HD1  H  N N 287 
PHE HD2  H  N N 288 
PHE HE1  H  N N 289 
PHE HE2  H  N N 290 
PHE HZ   H  N N 291 
PHE HXT  H  N N 292 
PRO N    N  N N 293 
PRO CA   C  N S 294 
PRO C    C  N N 295 
PRO O    O  N N 296 
PRO CB   C  N N 297 
PRO CG   C  N N 298 
PRO CD   C  N N 299 
PRO OXT  O  N N 300 
PRO H    H  N N 301 
PRO HA   H  N N 302 
PRO HB2  H  N N 303 
PRO HB3  H  N N 304 
PRO HG2  H  N N 305 
PRO HG3  H  N N 306 
PRO HD2  H  N N 307 
PRO HD3  H  N N 308 
PRO HXT  H  N N 309 
SER N    N  N N 310 
SER CA   C  N S 311 
SER C    C  N N 312 
SER O    O  N N 313 
SER CB   C  N N 314 
SER OG   O  N N 315 
SER OXT  O  N N 316 
SER H    H  N N 317 
SER H2   H  N N 318 
SER HA   H  N N 319 
SER HB2  H  N N 320 
SER HB3  H  N N 321 
SER HG   H  N N 322 
SER HXT  H  N N 323 
SO4 S    S  N N 324 
SO4 O1   O  N N 325 
SO4 O2   O  N N 326 
SO4 O3   O  N N 327 
SO4 O4   O  N N 328 
THR N    N  N N 329 
THR CA   C  N S 330 
THR C    C  N N 331 
THR O    O  N N 332 
THR CB   C  N R 333 
THR OG1  O  N N 334 
THR CG2  C  N N 335 
THR OXT  O  N N 336 
THR H    H  N N 337 
THR H2   H  N N 338 
THR HA   H  N N 339 
THR HB   H  N N 340 
THR HG1  H  N N 341 
THR HG21 H  N N 342 
THR HG22 H  N N 343 
THR HG23 H  N N 344 
THR HXT  H  N N 345 
TRP N    N  N N 346 
TRP CA   C  N S 347 
TRP C    C  N N 348 
TRP O    O  N N 349 
TRP CB   C  N N 350 
TRP CG   C  Y N 351 
TRP CD1  C  Y N 352 
TRP CD2  C  Y N 353 
TRP NE1  N  Y N 354 
TRP CE2  C  Y N 355 
TRP CE3  C  Y N 356 
TRP CZ2  C  Y N 357 
TRP CZ3  C  Y N 358 
TRP CH2  C  Y N 359 
TRP OXT  O  N N 360 
TRP H    H  N N 361 
TRP H2   H  N N 362 
TRP HA   H  N N 363 
TRP HB2  H  N N 364 
TRP HB3  H  N N 365 
TRP HD1  H  N N 366 
TRP HE1  H  N N 367 
TRP HE3  H  N N 368 
TRP HZ2  H  N N 369 
TRP HZ3  H  N N 370 
TRP HH2  H  N N 371 
TRP HXT  H  N N 372 
TYR N    N  N N 373 
TYR CA   C  N S 374 
TYR C    C  N N 375 
TYR O    O  N N 376 
TYR CB   C  N N 377 
TYR CG   C  Y N 378 
TYR CD1  C  Y N 379 
TYR CD2  C  Y N 380 
TYR CE1  C  Y N 381 
TYR CE2  C  Y N 382 
TYR CZ   C  Y N 383 
TYR OH   O  N N 384 
TYR OXT  O  N N 385 
TYR H    H  N N 386 
TYR H2   H  N N 387 
TYR HA   H  N N 388 
TYR HB2  H  N N 389 
TYR HB3  H  N N 390 
TYR HD1  H  N N 391 
TYR HD2  H  N N 392 
TYR HE1  H  N N 393 
TYR HE2  H  N N 394 
TYR HH   H  N N 395 
TYR HXT  H  N N 396 
VAL N    N  N N 397 
VAL CA   C  N S 398 
VAL C    C  N N 399 
VAL O    O  N N 400 
VAL CB   C  N N 401 
VAL CG1  C  N N 402 
VAL CG2  C  N N 403 
VAL OXT  O  N N 404 
VAL H    H  N N 405 
VAL H2   H  N N 406 
VAL HA   H  N N 407 
VAL HB   H  N N 408 
VAL HG11 H  N N 409 
VAL HG12 H  N N 410 
VAL HG13 H  N N 411 
VAL HG21 H  N N 412 
VAL HG22 H  N N 413 
VAL HG23 H  N N 414 
VAL HXT  H  N N 415 
# 
loop_
_chem_comp_bond.comp_id 
_chem_comp_bond.atom_id_1 
_chem_comp_bond.atom_id_2 
_chem_comp_bond.value_order 
_chem_comp_bond.pdbx_aromatic_flag 
_chem_comp_bond.pdbx_stereo_config 
_chem_comp_bond.pdbx_ordinal 
ALA N   CA   sing N N 1   
ALA N   H    sing N N 2   
ALA N   H2   sing N N 3   
ALA CA  C    sing N N 4   
ALA CA  CB   sing N N 5   
ALA CA  HA   sing N N 6   
ALA C   O    doub N N 7   
ALA C   OXT  sing N N 8   
ALA CB  HB1  sing N N 9   
ALA CB  HB2  sing N N 10  
ALA CB  HB3  sing N N 11  
ALA OXT HXT  sing N N 12  
ARG N   CA   sing N N 13  
ARG N   H    sing N N 14  
ARG N   H2   sing N N 15  
ARG CA  C    sing N N 16  
ARG CA  CB   sing N N 17  
ARG CA  HA   sing N N 18  
ARG C   O    doub N N 19  
ARG C   OXT  sing N N 20  
ARG CB  CG   sing N N 21  
ARG CB  HB2  sing N N 22  
ARG CB  HB3  sing N N 23  
ARG CG  CD   sing N N 24  
ARG CG  HG2  sing N N 25  
ARG CG  HG3  sing N N 26  
ARG CD  NE   sing N N 27  
ARG CD  HD2  sing N N 28  
ARG CD  HD3  sing N N 29  
ARG NE  CZ   sing N N 30  
ARG NE  HE   sing N N 31  
ARG CZ  NH1  sing N N 32  
ARG CZ  NH2  doub N N 33  
ARG NH1 HH11 sing N N 34  
ARG NH1 HH12 sing N N 35  
ARG NH2 HH21 sing N N 36  
ARG NH2 HH22 sing N N 37  
ARG OXT HXT  sing N N 38  
ASN N   CA   sing N N 39  
ASN N   H    sing N N 40  
ASN N   H2   sing N N 41  
ASN CA  C    sing N N 42  
ASN CA  CB   sing N N 43  
ASN CA  HA   sing N N 44  
ASN C   O    doub N N 45  
ASN C   OXT  sing N N 46  
ASN CB  CG   sing N N 47  
ASN CB  HB2  sing N N 48  
ASN CB  HB3  sing N N 49  
ASN CG  OD1  doub N N 50  
ASN CG  ND2  sing N N 51  
ASN ND2 HD21 sing N N 52  
ASN ND2 HD22 sing N N 53  
ASN OXT HXT  sing N N 54  
ASP N   CA   sing N N 55  
ASP N   H    sing N N 56  
ASP N   H2   sing N N 57  
ASP CA  C    sing N N 58  
ASP CA  CB   sing N N 59  
ASP CA  HA   sing N N 60  
ASP C   O    doub N N 61  
ASP C   OXT  sing N N 62  
ASP CB  CG   sing N N 63  
ASP CB  HB2  sing N N 64  
ASP CB  HB3  sing N N 65  
ASP CG  OD1  doub N N 66  
ASP CG  OD2  sing N N 67  
ASP OD2 HD2  sing N N 68  
ASP OXT HXT  sing N N 69  
CYS N   CA   sing N N 70  
CYS N   H    sing N N 71  
CYS N   H2   sing N N 72  
CYS CA  C    sing N N 73  
CYS CA  CB   sing N N 74  
CYS CA  HA   sing N N 75  
CYS C   O    doub N N 76  
CYS C   OXT  sing N N 77  
CYS CB  SG   sing N N 78  
CYS CB  HB2  sing N N 79  
CYS CB  HB3  sing N N 80  
CYS SG  HG   sing N N 81  
CYS OXT HXT  sing N N 82  
GLN N   CA   sing N N 83  
GLN N   H    sing N N 84  
GLN N   H2   sing N N 85  
GLN CA  C    sing N N 86  
GLN CA  CB   sing N N 87  
GLN CA  HA   sing N N 88  
GLN C   O    doub N N 89  
GLN C   OXT  sing N N 90  
GLN CB  CG   sing N N 91  
GLN CB  HB2  sing N N 92  
GLN CB  HB3  sing N N 93  
GLN CG  CD   sing N N 94  
GLN CG  HG2  sing N N 95  
GLN CG  HG3  sing N N 96  
GLN CD  OE1  doub N N 97  
GLN CD  NE2  sing N N 98  
GLN NE2 HE21 sing N N 99  
GLN NE2 HE22 sing N N 100 
GLN OXT HXT  sing N N 101 
GLU N   CA   sing N N 102 
GLU N   H    sing N N 103 
GLU N   H2   sing N N 104 
GLU CA  C    sing N N 105 
GLU CA  CB   sing N N 106 
GLU CA  HA   sing N N 107 
GLU C   O    doub N N 108 
GLU C   OXT  sing N N 109 
GLU CB  CG   sing N N 110 
GLU CB  HB2  sing N N 111 
GLU CB  HB3  sing N N 112 
GLU CG  CD   sing N N 113 
GLU CG  HG2  sing N N 114 
GLU CG  HG3  sing N N 115 
GLU CD  OE1  doub N N 116 
GLU CD  OE2  sing N N 117 
GLU OE2 HE2  sing N N 118 
GLU OXT HXT  sing N N 119 
GLY N   CA   sing N N 120 
GLY N   H    sing N N 121 
GLY N   H2   sing N N 122 
GLY CA  C    sing N N 123 
GLY CA  HA2  sing N N 124 
GLY CA  HA3  sing N N 125 
GLY C   O    doub N N 126 
GLY C   OXT  sing N N 127 
GLY OXT HXT  sing N N 128 
HIS N   CA   sing N N 129 
HIS N   H    sing N N 130 
HIS N   H2   sing N N 131 
HIS CA  C    sing N N 132 
HIS CA  CB   sing N N 133 
HIS CA  HA   sing N N 134 
HIS C   O    doub N N 135 
HIS C   OXT  sing N N 136 
HIS CB  CG   sing N N 137 
HIS CB  HB2  sing N N 138 
HIS CB  HB3  sing N N 139 
HIS CG  ND1  sing Y N 140 
HIS CG  CD2  doub Y N 141 
HIS ND1 CE1  doub Y N 142 
HIS ND1 HD1  sing N N 143 
HIS CD2 NE2  sing Y N 144 
HIS CD2 HD2  sing N N 145 
HIS CE1 NE2  sing Y N 146 
HIS CE1 HE1  sing N N 147 
HIS NE2 HE2  sing N N 148 
HIS OXT HXT  sing N N 149 
HOH O   H1   sing N N 150 
HOH O   H2   sing N N 151 
ILE N   CA   sing N N 152 
ILE N   H    sing N N 153 
ILE N   H2   sing N N 154 
ILE CA  C    sing N N 155 
ILE CA  CB   sing N N 156 
ILE CA  HA   sing N N 157 
ILE C   O    doub N N 158 
ILE C   OXT  sing N N 159 
ILE CB  CG1  sing N N 160 
ILE CB  CG2  sing N N 161 
ILE CB  HB   sing N N 162 
ILE CG1 CD1  sing N N 163 
ILE CG1 HG12 sing N N 164 
ILE CG1 HG13 sing N N 165 
ILE CG2 HG21 sing N N 166 
ILE CG2 HG22 sing N N 167 
ILE CG2 HG23 sing N N 168 
ILE CD1 HD11 sing N N 169 
ILE CD1 HD12 sing N N 170 
ILE CD1 HD13 sing N N 171 
ILE OXT HXT  sing N N 172 
LEU N   CA   sing N N 173 
LEU N   H    sing N N 174 
LEU N   H2   sing N N 175 
LEU CA  C    sing N N 176 
LEU CA  CB   sing N N 177 
LEU CA  HA   sing N N 178 
LEU C   O    doub N N 179 
LEU C   OXT  sing N N 180 
LEU CB  CG   sing N N 181 
LEU CB  HB2  sing N N 182 
LEU CB  HB3  sing N N 183 
LEU CG  CD1  sing N N 184 
LEU CG  CD2  sing N N 185 
LEU CG  HG   sing N N 186 
LEU CD1 HD11 sing N N 187 
LEU CD1 HD12 sing N N 188 
LEU CD1 HD13 sing N N 189 
LEU CD2 HD21 sing N N 190 
LEU CD2 HD22 sing N N 191 
LEU CD2 HD23 sing N N 192 
LEU OXT HXT  sing N N 193 
LYS N   CA   sing N N 194 
LYS N   H    sing N N 195 
LYS N   H2   sing N N 196 
LYS CA  C    sing N N 197 
LYS CA  CB   sing N N 198 
LYS CA  HA   sing N N 199 
LYS C   O    doub N N 200 
LYS C   OXT  sing N N 201 
LYS CB  CG   sing N N 202 
LYS CB  HB2  sing N N 203 
LYS CB  HB3  sing N N 204 
LYS CG  CD   sing N N 205 
LYS CG  HG2  sing N N 206 
LYS CG  HG3  sing N N 207 
LYS CD  CE   sing N N 208 
LYS CD  HD2  sing N N 209 
LYS CD  HD3  sing N N 210 
LYS CE  NZ   sing N N 211 
LYS CE  HE2  sing N N 212 
LYS CE  HE3  sing N N 213 
LYS NZ  HZ1  sing N N 214 
LYS NZ  HZ2  sing N N 215 
LYS NZ  HZ3  sing N N 216 
LYS OXT HXT  sing N N 217 
MET N   CA   sing N N 218 
MET N   H    sing N N 219 
MET N   H2   sing N N 220 
MET CA  C    sing N N 221 
MET CA  CB   sing N N 222 
MET CA  HA   sing N N 223 
MET C   O    doub N N 224 
MET C   OXT  sing N N 225 
MET CB  CG   sing N N 226 
MET CB  HB2  sing N N 227 
MET CB  HB3  sing N N 228 
MET CG  SD   sing N N 229 
MET CG  HG2  sing N N 230 
MET CG  HG3  sing N N 231 
MET SD  CE   sing N N 232 
MET CE  HE1  sing N N 233 
MET CE  HE2  sing N N 234 
MET CE  HE3  sing N N 235 
MET OXT HXT  sing N N 236 
MSE N   CA   sing N N 237 
MSE N   H    sing N N 238 
MSE N   H2   sing N N 239 
MSE CA  C    sing N N 240 
MSE CA  CB   sing N N 241 
MSE CA  HA   sing N N 242 
MSE C   O    doub N N 243 
MSE C   OXT  sing N N 244 
MSE OXT HXT  sing N N 245 
MSE CB  CG   sing N N 246 
MSE CB  HB2  sing N N 247 
MSE CB  HB3  sing N N 248 
MSE CG  SE   sing N N 249 
MSE CG  HG2  sing N N 250 
MSE CG  HG3  sing N N 251 
MSE SE  CE   sing N N 252 
MSE CE  HE1  sing N N 253 
MSE CE  HE2  sing N N 254 
MSE CE  HE3  sing N N 255 
PHE N   CA   sing N N 256 
PHE N   H    sing N N 257 
PHE N   H2   sing N N 258 
PHE CA  C    sing N N 259 
PHE CA  CB   sing N N 260 
PHE CA  HA   sing N N 261 
PHE C   O    doub N N 262 
PHE C   OXT  sing N N 263 
PHE CB  CG   sing N N 264 
PHE CB  HB2  sing N N 265 
PHE CB  HB3  sing N N 266 
PHE CG  CD1  doub Y N 267 
PHE CG  CD2  sing Y N 268 
PHE CD1 CE1  sing Y N 269 
PHE CD1 HD1  sing N N 270 
PHE CD2 CE2  doub Y N 271 
PHE CD2 HD2  sing N N 272 
PHE CE1 CZ   doub Y N 273 
PHE CE1 HE1  sing N N 274 
PHE CE2 CZ   sing Y N 275 
PHE CE2 HE2  sing N N 276 
PHE CZ  HZ   sing N N 277 
PHE OXT HXT  sing N N 278 
PRO N   CA   sing N N 279 
PRO N   CD   sing N N 280 
PRO N   H    sing N N 281 
PRO CA  C    sing N N 282 
PRO CA  CB   sing N N 283 
PRO CA  HA   sing N N 284 
PRO C   O    doub N N 285 
PRO C   OXT  sing N N 286 
PRO CB  CG   sing N N 287 
PRO CB  HB2  sing N N 288 
PRO CB  HB3  sing N N 289 
PRO CG  CD   sing N N 290 
PRO CG  HG2  sing N N 291 
PRO CG  HG3  sing N N 292 
PRO CD  HD2  sing N N 293 
PRO CD  HD3  sing N N 294 
PRO OXT HXT  sing N N 295 
SER N   CA   sing N N 296 
SER N   H    sing N N 297 
SER N   H2   sing N N 298 
SER CA  C    sing N N 299 
SER CA  CB   sing N N 300 
SER CA  HA   sing N N 301 
SER C   O    doub N N 302 
SER C   OXT  sing N N 303 
SER CB  OG   sing N N 304 
SER CB  HB2  sing N N 305 
SER CB  HB3  sing N N 306 
SER OG  HG   sing N N 307 
SER OXT HXT  sing N N 308 
SO4 S   O1   doub N N 309 
SO4 S   O2   doub N N 310 
SO4 S   O3   sing N N 311 
SO4 S   O4   sing N N 312 
THR N   CA   sing N N 313 
THR N   H    sing N N 314 
THR N   H2   sing N N 315 
THR CA  C    sing N N 316 
THR CA  CB   sing N N 317 
THR CA  HA   sing N N 318 
THR C   O    doub N N 319 
THR C   OXT  sing N N 320 
THR CB  OG1  sing N N 321 
THR CB  CG2  sing N N 322 
THR CB  HB   sing N N 323 
THR OG1 HG1  sing N N 324 
THR CG2 HG21 sing N N 325 
THR CG2 HG22 sing N N 326 
THR CG2 HG23 sing N N 327 
THR OXT HXT  sing N N 328 
TRP N   CA   sing N N 329 
TRP N   H    sing N N 330 
TRP N   H2   sing N N 331 
TRP CA  C    sing N N 332 
TRP CA  CB   sing N N 333 
TRP CA  HA   sing N N 334 
TRP C   O    doub N N 335 
TRP C   OXT  sing N N 336 
TRP CB  CG   sing N N 337 
TRP CB  HB2  sing N N 338 
TRP CB  HB3  sing N N 339 
TRP CG  CD1  doub Y N 340 
TRP CG  CD2  sing Y N 341 
TRP CD1 NE1  sing Y N 342 
TRP CD1 HD1  sing N N 343 
TRP CD2 CE2  doub Y N 344 
TRP CD2 CE3  sing Y N 345 
TRP NE1 CE2  sing Y N 346 
TRP NE1 HE1  sing N N 347 
TRP CE2 CZ2  sing Y N 348 
TRP CE3 CZ3  doub Y N 349 
TRP CE3 HE3  sing N N 350 
TRP CZ2 CH2  doub Y N 351 
TRP CZ2 HZ2  sing N N 352 
TRP CZ3 CH2  sing Y N 353 
TRP CZ3 HZ3  sing N N 354 
TRP CH2 HH2  sing N N 355 
TRP OXT HXT  sing N N 356 
TYR N   CA   sing N N 357 
TYR N   H    sing N N 358 
TYR N   H2   sing N N 359 
TYR CA  C    sing N N 360 
TYR CA  CB   sing N N 361 
TYR CA  HA   sing N N 362 
TYR C   O    doub N N 363 
TYR C   OXT  sing N N 364 
TYR CB  CG   sing N N 365 
TYR CB  HB2  sing N N 366 
TYR CB  HB3  sing N N 367 
TYR CG  CD1  doub Y N 368 
TYR CG  CD2  sing Y N 369 
TYR CD1 CE1  sing Y N 370 
TYR CD1 HD1  sing N N 371 
TYR CD2 CE2  doub Y N 372 
TYR CD2 HD2  sing N N 373 
TYR CE1 CZ   doub Y N 374 
TYR CE1 HE1  sing N N 375 
TYR CE2 CZ   sing Y N 376 
TYR CE2 HE2  sing N N 377 
TYR CZ  OH   sing N N 378 
TYR OH  HH   sing N N 379 
TYR OXT HXT  sing N N 380 
VAL N   CA   sing N N 381 
VAL N   H    sing N N 382 
VAL N   H2   sing N N 383 
VAL CA  C    sing N N 384 
VAL CA  CB   sing N N 385 
VAL CA  HA   sing N N 386 
VAL C   O    doub N N 387 
VAL C   OXT  sing N N 388 
VAL CB  CG1  sing N N 389 
VAL CB  CG2  sing N N 390 
VAL CB  HB   sing N N 391 
VAL CG1 HG11 sing N N 392 
VAL CG1 HG12 sing N N 393 
VAL CG1 HG13 sing N N 394 
VAL CG2 HG21 sing N N 395 
VAL CG2 HG22 sing N N 396 
VAL CG2 HG23 sing N N 397 
VAL OXT HXT  sing N N 398 
# 
_atom_sites.entry_id                    1XHD 
_atom_sites.fract_transf_matrix[1][1]   0.00535487 
_atom_sites.fract_transf_matrix[1][2]   -0.00374193 
_atom_sites.fract_transf_matrix[1][3]   0.00261855 
_atom_sites.fract_transf_matrix[2][1]   -0.00287118 
_atom_sites.fract_transf_matrix[2][2]   -0.00589622 
_atom_sites.fract_transf_matrix[2][3]   -0.00255428 
_atom_sites.fract_transf_matrix[3][1]   0.00355178 
_atom_sites.fract_transf_matrix[3][2]   0.00087518 
_atom_sites.fract_transf_matrix[3][3]   -0.00601268 
_atom_sites.fract_transf_vector[1]      -0.058917 
_atom_sites.fract_transf_vector[2]      0.182615 
_atom_sites.fract_transf_vector[3]      0.687726 
# 
loop_
_atom_type.symbol 
C  
N  
O  
S  
SE 
# 
loop_
_atom_site.group_PDB 
_atom_site.id 
_atom_site.type_symbol 
_atom_site.label_atom_id 
_atom_site.label_alt_id 
_atom_site.label_comp_id 
_atom_site.label_asym_id 
_atom_site.label_entity_id 
_atom_site.label_seq_id 
_atom_site.pdbx_PDB_ins_code 
_atom_site.Cartn_x 
_atom_site.Cartn_y 
_atom_site.Cartn_z 
_atom_site.occupancy 
_atom_site.B_iso_or_equiv 
_atom_site.pdbx_formal_charge 
_atom_site.auth_seq_id 
_atom_site.auth_comp_id 
_atom_site.auth_asym_id 
_atom_site.auth_atom_id 
_atom_site.pdbx_PDB_model_num 
ATOM   1    N  N   A SER A 1 1   ? 4.680   8.067   15.952  0.69 38.55 ? -2  SER A N   1 
ATOM   2    N  N   B SER A 1 1   ? 5.140   7.882   21.668  0.31 31.19 ? -2  SER A N   1 
ATOM   3    C  CA  A SER A 1 1   ? 5.301   7.955   17.295  0.69 38.61 ? -2  SER A CA  1 
ATOM   4    C  CA  B SER A 1 1   ? 4.231   7.463   20.563  0.31 31.06 ? -2  SER A CA  1 
ATOM   5    C  C   A SER A 1 1   ? 4.134   7.990   18.242  0.69 37.94 ? -2  SER A C   1 
ATOM   6    C  C   B SER A 1 1   ? 2.945   8.306   20.520  0.31 30.68 ? -2  SER A C   1 
ATOM   7    O  O   A SER A 1 1   ? 4.022   7.186   19.184  0.69 38.91 ? -2  SER A O   1 
ATOM   8    O  O   B SER A 1 1   ? 2.287   8.478   21.542  0.31 30.28 ? -2  SER A O   1 
ATOM   9    C  CB  A SER A 1 1   ? 6.276   9.118   17.595  0.69 39.13 ? -2  SER A CB  1 
ATOM   10   C  CB  B SER A 1 1   ? 3.892   5.974   20.722  0.31 31.25 ? -2  SER A CB  1 
ATOM   11   O  OG  A SER A 1 1   ? 5.829   10.390  17.081  0.69 39.34 ? -2  SER A OG  1 
ATOM   12   O  OG  B SER A 1 1   ? 3.365   5.435   19.520  0.31 30.42 ? -2  SER A OG  1 
ATOM   13   N  N   A ASN A 1 2   ? 3.296   8.998   17.995  0.54 36.18 ? -1  ASN A N   1 
ATOM   14   N  N   B ASN A 1 2   ? 2.638   8.873   19.346  0.46 30.60 ? -1  ASN A N   1 
ATOM   15   C  CA  A ASN A 1 2   ? 1.937   9.086   18.475  0.54 34.51 ? -1  ASN A CA  1 
ATOM   16   C  CA  B ASN A 1 2   ? 1.355   9.493   19.023  0.46 29.99 ? -1  ASN A CA  1 
ATOM   17   C  C   A ASN A 1 2   ? 1.073   8.300   17.468  0.54 32.56 ? -1  ASN A C   1 
ATOM   18   C  C   B ASN A 1 2   ? 0.687   8.776   17.840  0.46 29.08 ? -1  ASN A C   1 
ATOM   19   O  O   A ASN A 1 2   ? 0.402   8.925   16.633  0.54 32.68 ? -1  ASN A O   1 
ATOM   20   O  O   B ASN A 1 2   ? 0.311   9.418   16.833  0.46 28.22 ? -1  ASN A O   1 
ATOM   21   C  CB  A ASN A 1 2   ? 1.487   10.565  18.514  0.54 34.82 ? -1  ASN A CB  1 
ATOM   22   C  CB  B ASN A 1 2   ? 1.614   10.950  18.668  0.46 30.66 ? -1  ASN A CB  1 
ATOM   23   C  CG  A ASN A 1 2   ? 2.290   11.449  19.535  0.54 36.24 ? -1  ASN A CG  1 
ATOM   24   C  CG  B ASN A 1 2   ? 0.355   11.773  18.606  0.46 31.44 ? -1  ASN A CG  1 
ATOM   25   O  OD1 A ASN A 1 2   ? 3.516   11.605  19.443  0.54 37.50 ? -1  ASN A OD1 1 
ATOM   26   O  OD1 B ASN A 1 2   ? 0.106   12.426  17.600  0.46 33.17 ? -1  ASN A OD1 1 
ATOM   27   N  ND2 A ASN A 1 2   ? 1.567   12.064  20.468  0.54 36.00 ? -1  ASN A ND2 1 
ATOM   28   N  ND2 B ASN A 1 2   ? -0.435  11.766  19.683  0.46 29.49 ? -1  ASN A ND2 1 
ATOM   29   N  N   A ALA A 1 3   ? 1.164   6.965   17.508  0.70 29.58 ? 0   ALA A N   1 
ATOM   30   N  N   B ALA A 1 3   ? 0.572   7.442   17.995  0.30 27.21 ? 0   ALA A N   1 
ATOM   31   C  CA  A ALA A 1 3   ? 0.398   6.031   16.665  0.70 28.44 ? 0   ALA A CA  1 
ATOM   32   C  CA  B ALA A 1 3   ? 0.083   6.465   16.989  0.30 26.77 ? 0   ALA A CA  1 
ATOM   33   C  C   A ALA A 1 3   ? -0.237  4.957   17.552  0.70 26.79 ? 0   ALA A C   1 
ATOM   34   C  C   B ALA A 1 3   ? -0.374  5.132   17.673  0.30 25.79 ? 0   ALA A C   1 
ATOM   35   O  O   A ALA A 1 3   ? 0.251   4.665   18.638  0.70 26.71 ? 0   ALA A O   1 
ATOM   36   O  O   B ALA A 1 3   ? 0.154   4.790   18.732  0.30 25.60 ? 0   ALA A O   1 
ATOM   37   C  CB  A ALA A 1 3   ? 1.299   5.367   15.644  0.70 28.12 ? 0   ALA A CB  1 
ATOM   38   C  CB  B ALA A 1 3   ? 1.171   6.179   15.983  0.30 26.80 ? 0   ALA A CB  1 
HETATM 39   N  N   . MSE A 1 4   ? -1.344  4.397   17.104  1.00 24.04 ? 1   MSE A N   1 
HETATM 40   C  CA  . MSE A 1 4   ? -2.037  3.342   17.863  1.00 23.14 ? 1   MSE A CA  1 
HETATM 41   C  C   . MSE A 1 4   ? -1.718  1.948   17.274  1.00 22.43 ? 1   MSE A C   1 
HETATM 42   O  O   . MSE A 1 4   ? -1.912  1.713   16.081  1.00 20.71 ? 1   MSE A O   1 
HETATM 43   C  CB  . MSE A 1 4   ? -3.550  3.540   17.824  1.00 22.23 ? 1   MSE A CB  1 
HETATM 44   C  CG  . MSE A 1 4   ? -4.074  4.799   18.432  1.00 26.57 ? 1   MSE A CG  1 
HETATM 45   SE SE  . MSE A 1 4   ? -3.743  4.773   20.374  0.81 36.25 ? 1   MSE A SE  1 
HETATM 46   C  CE  . MSE A 1 4   ? -2.493  5.865   20.348  1.00 30.82 ? 1   MSE A CE  1 
ATOM   47   N  N   . ILE A 1 5   ? -1.260  1.037   18.122  1.00 20.71 ? 2   ILE A N   1 
ATOM   48   C  CA  . ILE A 1 5   ? -1.024  -0.341  17.716  1.00 21.55 ? 2   ILE A CA  1 
ATOM   49   C  C   . ILE A 1 5   ? -1.844  -1.210  18.668  1.00 20.75 ? 2   ILE A C   1 
ATOM   50   O  O   . ILE A 1 5   ? -1.668  -1.142  19.892  1.00 20.99 ? 2   ILE A O   1 
ATOM   51   C  CB  . ILE A 1 5   ? 0.482   -0.712  17.794  1.00 22.23 ? 2   ILE A CB  1 
ATOM   52   C  CG1 . ILE A 1 5   ? 1.380   0.268   17.036  1.00 24.40 ? 2   ILE A CG1 1 
ATOM   53   C  CG2 . ILE A 1 5   ? 0.724   -2.173  17.341  1.00 24.75 ? 2   ILE A CG2 1 
ATOM   54   C  CD1 . ILE A 1 5   ? 1.228   0.297   15.511  1.00 25.97 ? 2   ILE A CD1 1 
ATOM   55   N  N   . TYR A 1 6   ? -2.817  -1.936  18.135  1.00 19.15 ? 3   TYR A N   1 
ATOM   56   C  CA  . TYR A 1 6   ? -3.652  -2.795  18.938  1.00 18.28 ? 3   TYR A CA  1 
ATOM   57   C  C   . TYR A 1 6   ? -3.560  -4.252  18.490  1.00 18.43 ? 3   TYR A C   1 
ATOM   58   O  O   . TYR A 1 6   ? -3.458  -4.508  17.296  1.00 16.71 ? 3   TYR A O   1 
ATOM   59   C  CB  . TYR A 1 6   ? -5.113  -2.386  18.816  1.00 18.23 ? 3   TYR A CB  1 
ATOM   60   C  CG  . TYR A 1 6   ? -5.517  -1.112  19.545  1.00 17.55 ? 3   TYR A CG  1 
ATOM   61   C  CD1 . TYR A 1 6   ? -5.584  -1.064  20.944  1.00 20.82 ? 3   TYR A CD1 1 
ATOM   62   C  CD2 . TYR A 1 6   ? -5.831  0.045   18.832  1.00 18.39 ? 3   TYR A CD2 1 
ATOM   63   C  CE1 . TYR A 1 6   ? -5.993  0.111   21.615  1.00 21.38 ? 3   TYR A CE1 1 
ATOM   64   C  CE2 . TYR A 1 6   ? -6.230  1.232   19.499  1.00 19.46 ? 3   TYR A CE2 1 
ATOM   65   C  CZ  . TYR A 1 6   ? -6.305  1.256   20.880  1.00 19.85 ? 3   TYR A CZ  1 
ATOM   66   O  OH  . TYR A 1 6   ? -6.698  2.416   21.546  1.00 19.98 ? 3   TYR A OH  1 
ATOM   67   N  N   . PRO A 1 7   ? -3.732  -5.193  19.422  1.00 18.84 ? 4   PRO A N   1 
ATOM   68   C  CA  . PRO A 1 7   ? -3.965  -6.588  19.033  1.00 19.45 ? 4   PRO A CA  1 
ATOM   69   C  C   . PRO A 1 7   ? -5.355  -6.698  18.460  1.00 19.06 ? 4   PRO A C   1 
ATOM   70   O  O   . PRO A 1 7   ? -6.182  -5.808  18.705  1.00 19.06 ? 4   PRO A O   1 
ATOM   71   C  CB  . PRO A 1 7   ? -3.889  -7.352  20.361  1.00 19.73 ? 4   PRO A CB  1 
ATOM   72   C  CG  . PRO A 1 7   ? -4.395  -6.342  21.379  1.00 21.82 ? 4   PRO A CG  1 
ATOM   73   C  CD  . PRO A 1 7   ? -3.847  -5.002  20.884  1.00 19.91 ? 4   PRO A CD  1 
ATOM   74   N  N   . TYR A 1 8   ? -5.600  -7.710  17.650  1.00 17.78 ? 5   TYR A N   1 
ATOM   75   C  CA  . TYR A 1 8   ? -6.948  -8.163  17.390  1.00 17.74 ? 5   TYR A CA  1 
ATOM   76   C  C   . TYR A 1 8   ? -6.945  -9.623  17.761  1.00 18.85 ? 5   TYR A C   1 
ATOM   77   O  O   . TYR A 1 8   ? -6.346  -10.460 17.075  1.00 17.49 ? 5   TYR A O   1 
ATOM   78   C  CB  . TYR A 1 8   ? -7.420  -7.956  15.941  1.00 16.97 ? 5   TYR A CB  1 
ATOM   79   C  CG  . TYR A 1 8   ? -8.856  -8.406  15.803  1.00 16.41 ? 5   TYR A CG  1 
ATOM   80   C  CD1 . TYR A 1 8   ? -9.885  -7.645  16.356  1.00 17.20 ? 5   TYR A CD1 1 
ATOM   81   C  CD2 . TYR A 1 8   ? -9.182  -9.623  15.214  1.00 17.18 ? 5   TYR A CD2 1 
ATOM   82   C  CE1 . TYR A 1 8   ? -11.194 -8.064  16.296  1.00 17.25 ? 5   TYR A CE1 1 
ATOM   83   C  CE2 . TYR A 1 8   ? -10.491 -10.060 15.142  1.00 17.19 ? 5   TYR A CE2 1 
ATOM   84   C  CZ  . TYR A 1 8   ? -11.508 -9.256  15.695  1.00 18.34 ? 5   TYR A CZ  1 
ATOM   85   O  OH  . TYR A 1 8   ? -12.818 -9.649  15.673  1.00 18.57 ? 5   TYR A OH  1 
ATOM   86   N  N   . LYS A 1 9   ? -7.587  -9.894  18.883  1.00 20.22 ? 6   LYS A N   1 
ATOM   87   C  CA  . LYS A 1 9   ? -7.605  -11.194 19.512  1.00 22.04 ? 6   LYS A CA  1 
ATOM   88   C  C   . LYS A 1 9   ? -6.144  -11.576 19.789  1.00 22.86 ? 6   LYS A C   1 
ATOM   89   O  O   . LYS A 1 9   ? -5.415  -10.807 20.390  1.00 23.53 ? 6   LYS A O   1 
ATOM   90   C  CB  . LYS A 1 9   ? -8.386  -12.183 18.643  1.00 22.65 ? 6   LYS A CB  1 
ATOM   91   C  CG  . LYS A 1 9   ? -9.849  -11.720 18.311  1.00 24.27 ? 6   LYS A CG  1 
ATOM   92   C  CD  . LYS A 1 9   ? -10.719 -11.675 19.530  1.00 25.83 ? 6   LYS A CD  1 
ATOM   93   C  CE  . LYS A 1 9   ? -12.154 -11.177 19.206  1.00 26.24 ? 6   LYS A CE  1 
ATOM   94   N  NZ  . LYS A 1 9   ? -13.059 -11.513 20.328  1.00 24.74 ? 6   LYS A NZ  1 
ATOM   95   N  N   . GLU A 1 10  ? -5.706  -12.724 19.329  1.00 22.60 ? 7   GLU A N   1 
ATOM   96   C  CA  . GLU A 1 10  ? -4.350  -13.160 19.640  1.00 23.72 ? 7   GLU A CA  1 
ATOM   97   C  C   . GLU A 1 10  ? -3.269  -12.635 18.671  1.00 23.74 ? 7   GLU A C   1 
ATOM   98   O  O   . GLU A 1 10  ? -2.096  -12.942 18.842  1.00 23.99 ? 7   GLU A O   1 
ATOM   99   C  CB  . GLU A 1 10  ? -4.324  -14.686 19.716  1.00 24.14 ? 7   GLU A CB  1 
ATOM   100  C  CG  . GLU A 1 10  ? -4.236  -15.415 18.391  1.00 27.90 ? 7   GLU A CG  1 
ATOM   101  C  CD  . GLU A 1 10  ? -5.487  -15.394 17.495  1.00 32.67 ? 7   GLU A CD  1 
ATOM   102  O  OE1 . GLU A 1 10  ? -6.626  -15.003 17.933  1.00 28.82 ? 7   GLU A OE1 1 
ATOM   103  O  OE2 . GLU A 1 10  ? -5.295  -15.827 16.303  1.00 35.86 ? 7   GLU A OE2 1 
ATOM   104  N  N   . LYS A 1 11  ? -3.630  -11.849 17.674  1.00 22.39 ? 8   LYS A N   1 
ATOM   105  C  CA  . LYS A 1 11  ? -2.583  -11.322 16.800  1.00 23.82 ? 8   LYS A CA  1 
ATOM   106  C  C   . LYS A 1 11  ? -2.261  -9.880  17.035  1.00 22.65 ? 8   LYS A C   1 
ATOM   107  O  O   . LYS A 1 11  ? -3.153  -9.031  17.202  1.00 18.55 ? 8   LYS A O   1 
ATOM   108  C  CB  . LYS A 1 11  ? -2.924  -11.529 15.341  1.00 24.27 ? 8   LYS A CB  1 
ATOM   109  C  CG  . LYS A 1 11  ? -3.067  -12.996 14.950  1.00 29.12 ? 8   LYS A CG  1 
ATOM   110  C  CD  . LYS A 1 11  ? -1.838  -13.903 15.336  1.00 33.58 ? 8   LYS A CD  1 
ATOM   111  C  CE  . LYS A 1 11  ? -0.521  -13.467 14.718  1.00 35.98 ? 8   LYS A CE  1 
ATOM   112  N  NZ  . LYS A 1 11  ? -0.566  -13.435 13.229  1.00 35.69 ? 8   LYS A NZ  1 
ATOM   113  N  N   . LYS A 1 12  ? -0.962  -9.623  17.024  1.00 21.98 ? 9   LYS A N   1 
ATOM   114  C  CA  . LYS A 1 12  ? -0.445  -8.292  17.139  1.00 22.95 ? 9   LYS A CA  1 
ATOM   115  C  C   . LYS A 1 12  ? 0.409   -7.998  15.927  1.00 20.47 ? 9   LYS A C   1 
ATOM   116  O  O   . LYS A 1 12  ? 1.061   -8.896  15.373  1.00 18.46 ? 9   LYS A O   1 
ATOM   117  C  CB  A LYS A 1 12  ? 0.348   -8.058  18.433  0.54 24.31 ? 9   LYS A CB  1 
ATOM   118  C  CB  B LYS A 1 12  ? 0.391   -8.206  18.422  0.46 23.77 ? 9   LYS A CB  1 
ATOM   119  C  CG  A LYS A 1 12  ? 1.159   -9.226  18.920  0.54 28.31 ? 9   LYS A CG  1 
ATOM   120  C  CG  B LYS A 1 12  ? 0.735   -6.809  18.882  0.46 26.26 ? 9   LYS A CG  1 
ATOM   121  C  CD  A LYS A 1 12  ? 1.219   -9.262  20.454  0.54 32.26 ? 9   LYS A CD  1 
ATOM   122  C  CD  B LYS A 1 12  ? -0.384  -6.085  19.575  0.46 27.54 ? 9   LYS A CD  1 
ATOM   123  C  CE  A LYS A 1 12  ? 2.002   -10.461 20.924  0.54 35.06 ? 9   LYS A CE  1 
ATOM   124  C  CE  B LYS A 1 12  ? 0.060   -4.738  20.158  0.46 28.87 ? 9   LYS A CE  1 
ATOM   125  N  NZ  A LYS A 1 12  ? 1.163   -11.697 20.893  0.54 36.75 ? 9   LYS A NZ  1 
ATOM   126  N  NZ  B LYS A 1 12  ? 1.561   -4.552  20.263  0.46 30.53 ? 9   LYS A NZ  1 
ATOM   127  N  N   . PRO A 1 13  ? 0.377   -6.743  15.496  1.00 18.78 ? 10  PRO A N   1 
ATOM   128  C  CA  . PRO A 1 13  ? 1.155   -6.346  14.326  1.00 17.45 ? 10  PRO A CA  1 
ATOM   129  C  C   . PRO A 1 13  ? 2.650   -6.616  14.498  1.00 17.14 ? 10  PRO A C   1 
ATOM   130  O  O   . PRO A 1 13  ? 3.216   -6.424  15.588  1.00 15.87 ? 10  PRO A O   1 
ATOM   131  C  CB  . PRO A 1 13  ? 0.853   -4.861  14.205  1.00 17.35 ? 10  PRO A CB  1 
ATOM   132  C  CG  . PRO A 1 13  ? -0.508  -4.711  14.801  1.00 18.35 ? 10  PRO A CG  1 
ATOM   133  C  CD  . PRO A 1 13  ? -0.487  -5.636  15.976  1.00 18.95 ? 10  PRO A CD  1 
ATOM   134  N  N   . LYS A 1 14  ? 3.265   -7.078  13.423  1.00 15.99 ? 11  LYS A N   1 
ATOM   135  C  CA  . LYS A 1 14  ? 4.701   -7.327  13.378  1.00 16.86 ? 11  LYS A CA  1 
ATOM   136  C  C   . LYS A 1 14  ? 5.320   -6.367  12.404  1.00 17.53 ? 11  LYS A C   1 
ATOM   137  O  O   . LYS A 1 14  ? 5.138   -6.490  11.174  1.00 16.48 ? 11  LYS A O   1 
ATOM   138  C  CB  . LYS A 1 14  ? 4.958   -8.772  12.958  1.00 17.28 ? 11  LYS A CB  1 
ATOM   139  C  CG  . LYS A 1 14  ? 4.268   -9.764  13.900  1.00 19.45 ? 11  LYS A CG  1 
ATOM   140  C  CD  . LYS A 1 14  ? 4.863   -9.767  15.308  1.00 22.72 ? 11  LYS A CD  1 
ATOM   141  C  CE  . LYS A 1 14  ? 3.906   -10.445 16.344  1.00 26.12 ? 11  LYS A CE  1 
ATOM   142  N  NZ  . LYS A 1 14  ? 4.703   -10.649 17.573  1.00 29.35 ? 11  LYS A NZ  1 
ATOM   143  N  N   . ILE A 1 15  ? 6.028   -5.386  12.942  1.00 17.37 ? 12  ILE A N   1 
ATOM   144  C  CA  . ILE A 1 15  ? 6.505   -4.262  12.142  1.00 17.37 ? 12  ILE A CA  1 
ATOM   145  C  C   . ILE A 1 15  ? 8.025   -4.217  12.240  1.00 17.85 ? 12  ILE A C   1 
ATOM   146  O  O   . ILE A 1 15  ? 8.579   -4.162  13.350  1.00 16.93 ? 12  ILE A O   1 
ATOM   147  C  CB  . ILE A 1 15  ? 5.884   -2.955  12.670  1.00 17.86 ? 12  ILE A CB  1 
ATOM   148  C  CG1 . ILE A 1 15  ? 4.342   -3.002  12.531  1.00 19.22 ? 12  ILE A CG1 1 
ATOM   149  C  CG2 . ILE A 1 15  ? 6.457   -1.747  11.926  1.00 18.77 ? 12  ILE A CG2 1 
ATOM   150  C  CD1 . ILE A 1 15  ? 3.655   -1.910  13.274  1.00 21.88 ? 12  ILE A CD1 1 
ATOM   151  N  N   . ALA A 1 16  ? 8.696   -4.253  11.088  1.00 17.71 ? 13  ALA A N   1 
ATOM   152  C  CA  . ALA A 1 16  ? 10.156  -4.267  11.047  1.00 19.10 ? 13  ALA A CA  1 
ATOM   153  C  C   . ALA A 1 16  ? 10.694  -3.051  11.792  1.00 19.26 ? 13  ALA A C   1 
ATOM   154  O  O   . ALA A 1 16  ? 10.102  -1.964  11.733  1.00 18.34 ? 13  ALA A O   1 
ATOM   155  C  CB  . ALA A 1 16  ? 10.647  -4.268  9.608   1.00 19.33 ? 13  ALA A CB  1 
ATOM   156  N  N   . SER A 1 17  ? 11.801  -3.214  12.511  1.00 19.76 ? 14  SER A N   1 
ATOM   157  C  CA  . SER A 1 17  ? 12.358  -2.080  13.274  1.00 20.40 ? 14  SER A CA  1 
ATOM   158  C  C   . SER A 1 17  ? 12.739  -0.905  12.358  1.00 20.15 ? 14  SER A C   1 
ATOM   159  O  O   . SER A 1 17  ? 12.757  0.231   12.805  1.00 20.24 ? 14  SER A O   1 
ATOM   160  C  CB  A SER A 1 17  ? 13.576  -2.505  14.098  0.50 20.97 ? 14  SER A CB  1 
ATOM   161  C  CB  B SER A 1 17  ? 13.597  -2.505  14.077  0.50 21.10 ? 14  SER A CB  1 
ATOM   162  O  OG  A SER A 1 17  ? 14.557  -3.071  13.258  0.50 20.74 ? 14  SER A OG  1 
ATOM   163  O  OG  B SER A 1 17  ? 13.314  -3.617  14.908  0.50 22.33 ? 14  SER A OG  1 
ATOM   164  N  N   . SER A 1 18  ? 13.035  -1.171  11.093  1.00 19.70 ? 15  SER A N   1 
ATOM   165  C  CA  . SER A 1 18  ? 13.416  -0.085  10.165  1.00 20.14 ? 15  SER A CA  1 
ATOM   166  C  C   . SER A 1 18  ? 12.239  0.592   9.480   1.00 19.40 ? 15  SER A C   1 
ATOM   167  O  O   . SER A 1 18  ? 12.435  1.537   8.719   1.00 20.18 ? 15  SER A O   1 
ATOM   168  C  CB  . SER A 1 18  ? 14.378  -0.595  9.079   1.00 20.93 ? 15  SER A CB  1 
ATOM   169  O  OG  . SER A 1 18  ? 13.750  -1.566  8.254   1.00 20.12 ? 15  SER A OG  1 
ATOM   170  N  N   . ALA A 1 19  ? 11.024  0.086   9.687   1.00 18.84 ? 16  ALA A N   1 
ATOM   171  C  CA  . ALA A 1 19  ? 9.849   0.701   9.083   1.00 17.49 ? 16  ALA A CA  1 
ATOM   172  C  C   . ALA A 1 19  ? 9.508   2.021   9.796   1.00 17.80 ? 16  ALA A C   1 
ATOM   173  O  O   . ALA A 1 19  ? 9.699   2.161   11.011  1.00 18.07 ? 16  ALA A O   1 
ATOM   174  C  CB  . ALA A 1 19  ? 8.666   -0.244  9.121   1.00 17.75 ? 16  ALA A CB  1 
ATOM   175  N  N   . PHE A 1 20  ? 9.022   2.984   9.023   1.00 16.48 ? 17  PHE A N   1 
ATOM   176  C  CA  . PHE A 1 20  ? 8.531   4.247   9.543   1.00 15.75 ? 17  PHE A CA  1 
ATOM   177  C  C   . PHE A 1 20  ? 7.028   4.164   9.665   1.00 16.22 ? 17  PHE A C   1 
ATOM   178  O  O   . PHE A 1 20  ? 6.348   3.858   8.685   1.00 16.61 ? 17  PHE A O   1 
ATOM   179  C  CB  . PHE A 1 20  ? 8.890   5.376   8.578   1.00 15.95 ? 17  PHE A CB  1 
ATOM   180  C  CG  . PHE A 1 20  ? 8.156   6.682   8.846   1.00 14.55 ? 17  PHE A CG  1 
ATOM   181  C  CD1 . PHE A 1 20  ? 8.238   7.291   10.074  1.00 14.90 ? 17  PHE A CD1 1 
ATOM   182  C  CD2 . PHE A 1 20  ? 7.430   7.308   7.837   1.00 16.41 ? 17  PHE A CD2 1 
ATOM   183  C  CE1 . PHE A 1 20  ? 7.601   8.510   10.312  1.00 15.14 ? 17  PHE A CE1 1 
ATOM   184  C  CE2 . PHE A 1 20  ? 6.776   8.514   8.088   1.00 16.83 ? 17  PHE A CE2 1 
ATOM   185  C  CZ  . PHE A 1 20  ? 6.869   9.104   9.325   1.00 16.74 ? 17  PHE A CZ  1 
ATOM   186  N  N   . ILE A 1 21  ? 6.526   4.386   10.868  1.00 15.89 ? 18  ILE A N   1 
ATOM   187  C  CA  . ILE A 1 21  ? 5.099   4.418   11.143  1.00 16.20 ? 18  ILE A CA  1 
ATOM   188  C  C   . ILE A 1 21  ? 4.822   5.830   11.643  1.00 16.95 ? 18  ILE A C   1 
ATOM   189  O  O   . ILE A 1 21  ? 5.220   6.216   12.749  1.00 15.74 ? 18  ILE A O   1 
ATOM   190  C  CB  . ILE A 1 21  ? 4.686   3.392   12.194  1.00 17.11 ? 18  ILE A CB  1 
ATOM   191  C  CG1 . ILE A 1 21  ? 5.154   1.966   11.822  1.00 17.22 ? 18  ILE A CG1 1 
ATOM   192  C  CG2 . ILE A 1 21  ? 3.150   3.443   12.409  1.00 18.33 ? 18  ILE A CG2 1 
ATOM   193  C  CD1 . ILE A 1 21  ? 4.650   1.431   10.513  1.00 18.34 ? 18  ILE A CD1 1 
ATOM   194  N  N   . ALA A 1 22  ? 4.165   6.613   10.801  1.00 16.24 ? 19  ALA A N   1 
ATOM   195  C  CA  . ALA A 1 22  ? 3.906   8.014   11.074  1.00 16.56 ? 19  ALA A CA  1 
ATOM   196  C  C   . ALA A 1 22  ? 2.904   8.235   12.215  1.00 17.06 ? 19  ALA A C   1 
ATOM   197  O  O   . ALA A 1 22  ? 2.211   7.315   12.690  1.00 16.73 ? 19  ALA A O   1 
ATOM   198  C  CB  . ALA A 1 22  ? 3.376   8.694   9.797   1.00 16.04 ? 19  ALA A CB  1 
ATOM   199  N  N   . ASP A 1 23  ? 2.793   9.489   12.618  1.00 17.32 ? 20  ASP A N   1 
ATOM   200  C  CA  . ASP A 1 23  ? 1.815   9.883   13.620  1.00 17.78 ? 20  ASP A CA  1 
ATOM   201  C  C   . ASP A 1 23  ? 0.386   9.695   13.120  1.00 16.74 ? 20  ASP A C   1 
ATOM   202  O  O   . ASP A 1 23  ? 0.098   9.791   11.938  1.00 16.17 ? 20  ASP A O   1 
ATOM   203  C  CB  . ASP A 1 23  ? 1.994   11.332  14.030  1.00 17.51 ? 20  ASP A CB  1 
ATOM   204  C  CG  . ASP A 1 23  ? 3.351   11.601  14.588  1.00 21.47 ? 20  ASP A CG  1 
ATOM   205  O  OD1 . ASP A 1 23  ? 3.640   11.012  15.647  1.00 24.45 ? 20  ASP A OD1 1 
ATOM   206  O  OD2 . ASP A 1 23  ? 4.196   12.344  14.019  1.00 20.43 ? 20  ASP A OD2 1 
ATOM   207  N  N   . TYR A 1 24  ? -0.487  9.372   14.056  1.00 16.85 ? 21  TYR A N   1 
ATOM   208  C  CA  . TYR A 1 24  ? -1.911  9.219   13.838  1.00 17.69 ? 21  TYR A CA  1 
ATOM   209  C  C   . TYR A 1 24  ? -2.253  8.034   12.963  1.00 17.03 ? 21  TYR A C   1 
ATOM   210  O  O   . TYR A 1 24  ? -3.351  7.969   12.415  1.00 16.50 ? 21  TYR A O   1 
ATOM   211  C  CB  . TYR A 1 24  ? -2.548  10.493  13.276  1.00 18.54 ? 21  TYR A CB  1 
ATOM   212  C  CG  . TYR A 1 24  ? -2.226  11.732  14.069  1.00 22.17 ? 21  TYR A CG  1 
ATOM   213  C  CD1 . TYR A 1 24  ? -2.353  11.749  15.443  1.00 27.02 ? 21  TYR A CD1 1 
ATOM   214  C  CD2 . TYR A 1 24  ? -1.744  12.877  13.439  1.00 22.36 ? 21  TYR A CD2 1 
ATOM   215  C  CE1 . TYR A 1 24  ? -2.027  12.891  16.183  1.00 29.34 ? 21  TYR A CE1 1 
ATOM   216  C  CE2 . TYR A 1 24  ? -1.439  14.010  14.166  1.00 23.21 ? 21  TYR A CE2 1 
ATOM   217  C  CZ  . TYR A 1 24  ? -1.577  14.010  15.527  1.00 25.76 ? 21  TYR A CZ  1 
ATOM   218  O  OH  . TYR A 1 24  ? -1.252  15.135  16.246  1.00 30.18 ? 21  TYR A OH  1 
ATOM   219  N  N   . VAL A 1 25  ? -1.314  7.104   12.833  1.00 16.13 ? 22  VAL A N   1 
ATOM   220  C  CA  . VAL A 1 25  ? -1.548  5.856   12.150  1.00 15.92 ? 22  VAL A CA  1 
ATOM   221  C  C   . VAL A 1 25  ? -2.107  4.872   13.174  1.00 15.67 ? 22  VAL A C   1 
ATOM   222  O  O   . VAL A 1 25  ? -1.663  4.859   14.326  1.00 16.80 ? 22  VAL A O   1 
ATOM   223  C  CB  . VAL A 1 25  ? -0.234  5.320   11.554  1.00 16.56 ? 22  VAL A CB  1 
ATOM   224  C  CG1 . VAL A 1 25  ? -0.325  3.823   11.176  1.00 16.44 ? 22  VAL A CG1 1 
ATOM   225  C  CG2 . VAL A 1 25  ? 0.189   6.177   10.350  1.00 17.85 ? 22  VAL A CG2 1 
ATOM   226  N  N   . THR A 1 26  ? -3.050  4.053   12.747  1.00 14.73 ? 23  THR A N   1 
ATOM   227  C  CA  . THR A 1 26  ? -3.555  2.940   13.531  1.00 15.19 ? 23  THR A CA  1 
ATOM   228  C  C   . THR A 1 26  ? -3.283  1.641   12.783  1.00 15.13 ? 23  THR A C   1 
ATOM   229  O  O   . THR A 1 26  ? -3.635  1.506   11.610  1.00 15.45 ? 23  THR A O   1 
ATOM   230  C  CB  . THR A 1 26  ? -5.055  3.094   13.739  1.00 15.60 ? 23  THR A CB  1 
ATOM   231  O  OG1 . THR A 1 26  ? -5.305  4.208   14.606  1.00 19.05 ? 23  THR A OG1 1 
ATOM   232  C  CG2 . THR A 1 26  ? -5.622  1.878   14.499  1.00 16.35 ? 23  THR A CG2 1 
ATOM   233  N  N   . ILE A 1 27  ? -2.634  0.697   13.459  1.00 14.80 ? 24  ILE A N   1 
ATOM   234  C  CA  . ILE A 1 27  ? -2.418  -0.621  12.900  1.00 14.69 ? 24  ILE A CA  1 
ATOM   235  C  C   . ILE A 1 27  ? -2.875  -1.631  13.935  1.00 15.08 ? 24  ILE A C   1 
ATOM   236  O  O   . ILE A 1 27  ? -2.471  -1.565  15.097  1.00 16.15 ? 24  ILE A O   1 
ATOM   237  C  CB  . ILE A 1 27  ? -0.947  -0.864  12.529  1.00 14.80 ? 24  ILE A CB  1 
ATOM   238  C  CG1 . ILE A 1 27  ? -0.478  0.142   11.472  1.00 15.85 ? 24  ILE A CG1 1 
ATOM   239  C  CG2 . ILE A 1 27  ? -0.818  -2.251  11.987  1.00 16.30 ? 24  ILE A CG2 1 
ATOM   240  C  CD1 . ILE A 1 27  ? 1.016   0.106   11.137  1.00 17.60 ? 24  ILE A CD1 1 
ATOM   241  N  N   . THR A 1 28  ? -3.739  -2.549  13.524  1.00 15.57 ? 25  THR A N   1 
ATOM   242  C  CA  . THR A 1 28  ? -4.224  -3.568  14.447  1.00 15.24 ? 25  THR A CA  1 
ATOM   243  C  C   . THR A 1 28  ? -4.107  -4.979  13.887  1.00 15.59 ? 25  THR A C   1 
ATOM   244  O  O   . THR A 1 28  ? -4.183  -5.202  12.689  1.00 15.86 ? 25  THR A O   1 
ATOM   245  C  CB  . THR A 1 28  ? -5.690  -3.329  14.870  1.00 15.05 ? 25  THR A CB  1 
ATOM   246  O  OG1 . THR A 1 28  ? -6.584  -3.760  13.831  1.00 15.41 ? 25  THR A OG1 1 
ATOM   247  C  CG2 . THR A 1 28  ? -6.022  -1.850  15.054  1.00 16.51 ? 25  THR A CG2 1 
ATOM   248  N  N   . GLY A 1 29  ? -4.019  -5.940  14.793  1.00 15.14 ? 26  GLY A N   1 
ATOM   249  C  CA  . GLY A 1 29  ? -4.197  -7.341  14.428  1.00 15.28 ? 26  GLY A CA  1 
ATOM   250  C  C   . GLY A 1 29  ? -3.143  -7.939  13.508  1.00 14.90 ? 26  GLY A C   1 
ATOM   251  O  O   . GLY A 1 29  ? -1.934  -7.752  13.699  1.00 15.03 ? 26  GLY A O   1 
ATOM   252  N  N   . ASP A 1 30  ? -3.631  -8.645  12.487  1.00 15.19 ? 27  ASP A N   1 
ATOM   253  C  CA  . ASP A 1 30  ? -2.841  -9.633  11.712  1.00 15.61 ? 27  ASP A CA  1 
ATOM   254  C  C   . ASP A 1 30  ? -2.148  -8.921  10.546  1.00 15.40 ? 27  ASP A C   1 
ATOM   255  O  O   . ASP A 1 30  ? -2.518  -9.078  9.371   1.00 15.92 ? 27  ASP A O   1 
ATOM   256  C  CB  . ASP A 1 30  ? -3.827  -10.703 11.228  1.00 15.99 ? 27  ASP A CB  1 
ATOM   257  C  CG  . ASP A 1 30  ? -3.187  -11.985 10.762  1.00 16.98 ? 27  ASP A CG  1 
ATOM   258  O  OD1 . ASP A 1 30  ? -2.007  -12.272 11.062  1.00 18.00 ? 27  ASP A OD1 1 
ATOM   259  O  OD2 . ASP A 1 30  ? -3.910  -12.824 10.164  1.00 17.64 ? 27  ASP A OD2 1 
ATOM   260  N  N   . VAL A 1 31  ? -1.162  -8.109  10.888  1.00 14.93 ? 28  VAL A N   1 
ATOM   261  C  CA  . VAL A 1 31  ? -0.502  -7.225  9.939   1.00 14.50 ? 28  VAL A CA  1 
ATOM   262  C  C   . VAL A 1 31  ? 1.003   -7.403  10.077  1.00 15.12 ? 28  VAL A C   1 
ATOM   263  O  O   . VAL A 1 31  ? 1.523   -7.451  11.202  1.00 15.17 ? 28  VAL A O   1 
ATOM   264  C  CB  . VAL A 1 31  ? -0.853  -5.739  10.206  1.00 14.38 ? 28  VAL A CB  1 
ATOM   265  C  CG1 . VAL A 1 31  ? -0.156  -4.855  9.203   1.00 14.43 ? 28  VAL A CG1 1 
ATOM   266  C  CG2 . VAL A 1 31  ? -2.330  -5.499  10.119  1.00 15.04 ? 28  VAL A CG2 1 
ATOM   267  N  N   . TYR A 1 32  ? 1.685   -7.502  8.940   1.00 14.72 ? 29  TYR A N   1 
ATOM   268  C  CA  . TYR A 1 32  ? 3.127   -7.645  8.863   1.00 14.90 ? 29  TYR A CA  1 
ATOM   269  C  C   . TYR A 1 32  ? 3.633   -6.533  7.962   1.00 15.77 ? 29  TYR A C   1 
ATOM   270  O  O   . TYR A 1 32  ? 3.088   -6.333  6.886   1.00 15.63 ? 29  TYR A O   1 
ATOM   271  C  CB  . TYR A 1 32  ? 3.499   -9.016  8.274   1.00 15.73 ? 29  TYR A CB  1 
ATOM   272  C  CG  . TYR A 1 32  ? 3.138   -10.113 9.251   1.00 15.97 ? 29  TYR A CG  1 
ATOM   273  C  CD1 . TYR A 1 32  ? 4.096   -10.697 10.048  1.00 18.20 ? 29  TYR A CD1 1 
ATOM   274  C  CD2 . TYR A 1 32  ? 1.822   -10.498 9.425   1.00 17.45 ? 29  TYR A CD2 1 
ATOM   275  C  CE1 . TYR A 1 32  ? 3.754   -11.664 10.983  1.00 17.76 ? 29  TYR A CE1 1 
ATOM   276  C  CE2 . TYR A 1 32  ? 1.483   -11.438 10.350  1.00 18.80 ? 29  TYR A CE2 1 
ATOM   277  C  CZ  . TYR A 1 32  ? 2.438   -12.010 11.124  1.00 18.40 ? 29  TYR A CZ  1 
ATOM   278  O  OH  . TYR A 1 32  ? 2.067   -12.956 12.050  1.00 19.87 ? 29  TYR A OH  1 
ATOM   279  N  N   . VAL A 1 33  ? 4.658   -5.808  8.411   1.00 15.25 ? 30  VAL A N   1 
ATOM   280  C  CA  . VAL A 1 33  ? 5.224   -4.695  7.645   1.00 16.06 ? 30  VAL A CA  1 
ATOM   281  C  C   . VAL A 1 33  ? 6.740   -4.875  7.553   1.00 16.43 ? 30  VAL A C   1 
ATOM   282  O  O   . VAL A 1 33  ? 7.419   -4.998  8.577   1.00 17.29 ? 30  VAL A O   1 
ATOM   283  C  CB  . VAL A 1 33  ? 4.925   -3.361  8.303   1.00 15.36 ? 30  VAL A CB  1 
ATOM   284  C  CG1 . VAL A 1 33  ? 5.539   -2.191  7.513   1.00 17.23 ? 30  VAL A CG1 1 
ATOM   285  C  CG2 . VAL A 1 33  ? 3.404   -3.155  8.479   1.00 17.15 ? 30  VAL A CG2 1 
ATOM   286  N  N   . GLY A 1 34  ? 7.257   -4.878  6.331   1.00 17.07 ? 31  GLY A N   1 
ATOM   287  C  CA  . GLY A 1 34  ? 8.648   -5.190  6.075   1.00 17.32 ? 31  GLY A CA  1 
ATOM   288  C  C   . GLY A 1 34  ? 9.605   -4.011  6.204   1.00 17.86 ? 31  GLY A C   1 
ATOM   289  O  O   . GLY A 1 34  ? 9.253   -2.879  6.534   1.00 16.87 ? 31  GLY A O   1 
ATOM   290  N  N   . GLU A 1 35  ? 10.862  -4.326  5.918   1.00 18.83 ? 32  GLU A N   1 
ATOM   291  C  CA  . GLU A 1 35  ? 12.002  -3.456  6.148   1.00 19.21 ? 32  GLU A CA  1 
ATOM   292  C  C   . GLU A 1 35  ? 11.908  -2.207  5.278   1.00 18.20 ? 32  GLU A C   1 
ATOM   293  O  O   . GLU A 1 35  ? 11.626  -2.299  4.088   1.00 17.97 ? 32  GLU A O   1 
ATOM   294  C  CB  A GLU A 1 35  ? 13.304  -4.203  5.800   0.56 19.69 ? 32  GLU A CB  1 
ATOM   295  C  CB  B GLU A 1 35  ? 13.304  -4.210  5.864   0.44 19.59 ? 32  GLU A CB  1 
ATOM   296  C  CG  A GLU A 1 35  ? 13.534  -5.510  6.565   0.56 23.84 ? 32  GLU A CG  1 
ATOM   297  C  CG  B GLU A 1 35  ? 13.582  -5.286  6.906   0.44 22.77 ? 32  GLU A CG  1 
ATOM   298  C  CD  A GLU A 1 35  ? 13.904  -5.310  8.029   0.56 26.82 ? 32  GLU A CD  1 
ATOM   299  C  CD  B GLU A 1 35  ? 14.923  -5.974  6.727   0.44 25.87 ? 32  GLU A CD  1 
ATOM   300  O  OE1 A GLU A 1 35  ? 14.325  -4.195  8.416   0.56 29.58 ? 32  GLU A OE1 1 
ATOM   301  O  OE1 B GLU A 1 35  ? 15.642  -5.648  5.753   0.44 26.53 ? 32  GLU A OE1 1 
ATOM   302  O  OE2 A GLU A 1 35  ? 13.777  -6.275  8.803   0.56 29.78 ? 32  GLU A OE2 1 
ATOM   303  O  OE2 B GLU A 1 35  ? 15.237  -6.851  7.571   0.44 27.60 ? 32  GLU A OE2 1 
ATOM   304  N  N   . GLU A 1 36  ? 12.163  -1.053  5.886   1.00 18.03 ? 33  GLU A N   1 
ATOM   305  C  CA  . GLU A 1 36  ? 12.230  0.249   5.203   1.00 18.58 ? 33  GLU A CA  1 
ATOM   306  C  C   . GLU A 1 36  ? 10.901  0.680   4.585   1.00 18.15 ? 33  GLU A C   1 
ATOM   307  O  O   . GLU A 1 36  ? 10.849  1.641   3.830   1.00 17.82 ? 33  GLU A O   1 
ATOM   308  C  CB  . GLU A 1 36  ? 13.363  0.287   4.165   1.00 19.01 ? 33  GLU A CB  1 
ATOM   309  C  CG  . GLU A 1 36  ? 14.748  0.274   4.813   1.00 23.17 ? 33  GLU A CG  1 
ATOM   310  C  CD  . GLU A 1 36  ? 15.891  0.372   3.797   1.00 28.49 ? 33  GLU A CD  1 
ATOM   311  O  OE1 . GLU A 1 36  ? 15.755  -0.078  2.625   1.00 29.70 ? 33  GLU A OE1 1 
ATOM   312  O  OE2 . GLU A 1 36  ? 16.939  0.913   4.185   1.00 31.09 ? 33  GLU A OE2 1 
ATOM   313  N  N   . SER A 1 37  ? 9.820   -0.011  4.924   1.00 17.25 ? 34  SER A N   1 
ATOM   314  C  CA  . SER A 1 37  ? 8.521   0.378   4.447   1.00 17.00 ? 34  SER A CA  1 
ATOM   315  C  C   . SER A 1 37  ? 8.052   1.577   5.267   1.00 17.00 ? 34  SER A C   1 
ATOM   316  O  O   . SER A 1 37  ? 8.545   1.819   6.362   1.00 17.08 ? 34  SER A O   1 
ATOM   317  C  CB  . SER A 1 37  ? 7.544   -0.792  4.503   1.00 17.18 ? 34  SER A CB  1 
ATOM   318  O  OG  . SER A 1 37  ? 7.896   -1.717  3.483   1.00 17.09 ? 34  SER A OG  1 
ATOM   319  N  N   . SER A 1 38  ? 7.123   2.342   4.725   1.00 16.16 ? 35  SER A N   1 
ATOM   320  C  CA  . SER A 1 38  ? 6.707   3.576   5.374   1.00 15.94 ? 35  SER A CA  1 
ATOM   321  C  C   . SER A 1 38  ? 5.189   3.688   5.291   1.00 15.87 ? 35  SER A C   1 
ATOM   322  O  O   . SER A 1 38  ? 4.609   3.544   4.210   1.00 17.41 ? 35  SER A O   1 
ATOM   323  C  CB  . SER A 1 38  ? 7.435   4.766   4.770   1.00 16.19 ? 35  SER A CB  1 
ATOM   324  O  OG  . SER A 1 38  ? 7.276   4.844   3.356   1.00 16.61 ? 35  SER A OG  1 
ATOM   325  N  N   . ILE A 1 39  ? 4.570   3.911   6.441   1.00 15.77 ? 36  ILE A N   1 
ATOM   326  C  CA  . ILE A 1 39  ? 3.121   4.034   6.576   1.00 15.66 ? 36  ILE A CA  1 
ATOM   327  C  C   . ILE A 1 39  ? 2.855   5.463   7.055   1.00 15.86 ? 36  ILE A C   1 
ATOM   328  O  O   . ILE A 1 39  ? 3.226   5.832   8.166   1.00 15.43 ? 36  ILE A O   1 
ATOM   329  C  CB  . ILE A 1 39  ? 2.552   3.024   7.567   1.00 15.43 ? 36  ILE A CB  1 
ATOM   330  C  CG1 . ILE A 1 39  ? 3.036   1.585   7.311   1.00 15.30 ? 36  ILE A CG1 1 
ATOM   331  C  CG2 . ILE A 1 39  ? 1.013   3.074   7.558   1.00 16.46 ? 36  ILE A CG2 1 
ATOM   332  C  CD1 . ILE A 1 39  ? 2.720   0.990   5.940   1.00 18.08 ? 36  ILE A CD1 1 
ATOM   333  N  N   . TRP A 1 40  ? 2.230   6.264   6.193   1.00 15.66 ? 37  TRP A N   1 
ATOM   334  C  CA  . TRP A 1 40  ? 2.187   7.702   6.346   1.00 15.49 ? 37  TRP A CA  1 
ATOM   335  C  C   . TRP A 1 40  ? 0.973   8.171   7.142   1.00 15.23 ? 37  TRP A C   1 
ATOM   336  O  O   . TRP A 1 40  ? 0.062   7.395   7.443   1.00 15.85 ? 37  TRP A O   1 
ATOM   337  C  CB  . TRP A 1 40  ? 2.336   8.379   4.964   1.00 15.56 ? 37  TRP A CB  1 
ATOM   338  C  CG  . TRP A 1 40  ? 3.731   8.134   4.434   1.00 16.15 ? 37  TRP A CG  1 
ATOM   339  C  CD1 . TRP A 1 40  ? 4.177   7.009   3.789   1.00 16.64 ? 37  TRP A CD1 1 
ATOM   340  C  CD2 . TRP A 1 40  ? 4.876   8.981   4.587   1.00 16.19 ? 37  TRP A CD2 1 
ATOM   341  N  NE1 . TRP A 1 40  ? 5.519   7.113   3.536   1.00 16.33 ? 37  TRP A NE1 1 
ATOM   342  C  CE2 . TRP A 1 40  ? 5.970   8.322   3.992   1.00 17.25 ? 37  TRP A CE2 1 
ATOM   343  C  CE3 . TRP A 1 40  ? 5.082   10.266  5.119   1.00 17.61 ? 37  TRP A CE3 1 
ATOM   344  C  CZ2 . TRP A 1 40  ? 7.253   8.858   3.984   1.00 16.10 ? 37  TRP A CZ2 1 
ATOM   345  C  CZ3 . TRP A 1 40  ? 6.343   10.790  5.107   1.00 19.42 ? 37  TRP A CZ3 1 
ATOM   346  C  CH2 . TRP A 1 40  ? 7.419   10.098  4.519   1.00 17.96 ? 37  TRP A CH2 1 
ATOM   347  N  N   . PHE A 1 41  ? 0.990   9.454   7.471   1.00 15.57 ? 38  PHE A N   1 
ATOM   348  C  CA  . PHE A 1 41  ? 0.107   10.081  8.450   1.00 15.56 ? 38  PHE A CA  1 
ATOM   349  C  C   . PHE A 1 41  ? -1.370  9.722   8.261   1.00 15.72 ? 38  PHE A C   1 
ATOM   350  O  O   . PHE A 1 41  ? -1.901  9.802   7.150   1.00 15.80 ? 38  PHE A O   1 
ATOM   351  C  CB  . PHE A 1 41  ? 0.306   11.607  8.385   1.00 15.46 ? 38  PHE A CB  1 
ATOM   352  C  CG  . PHE A 1 41  ? 1.690   12.025  8.770   1.00 14.18 ? 38  PHE A CG  1 
ATOM   353  C  CD1 . PHE A 1 41  ? 2.021   12.160  10.104  1.00 15.60 ? 38  PHE A CD1 1 
ATOM   354  C  CD2 . PHE A 1 41  ? 2.682   12.199  7.815   1.00 15.52 ? 38  PHE A CD2 1 
ATOM   355  C  CE1 . PHE A 1 41  ? 3.299   12.522  10.482  1.00 16.47 ? 38  PHE A CE1 1 
ATOM   356  C  CE2 . PHE A 1 41  ? 3.982   12.527  8.191   1.00 17.48 ? 38  PHE A CE2 1 
ATOM   357  C  CZ  . PHE A 1 41  ? 4.290   12.671  9.544   1.00 16.49 ? 38  PHE A CZ  1 
ATOM   358  N  N   . ASN A 1 42  ? -2.000  9.303   9.359   1.00 16.99 ? 39  ASN A N   1 
ATOM   359  C  CA  . ASN A 1 42  ? -3.438  9.056   9.438   1.00 18.21 ? 39  ASN A CA  1 
ATOM   360  C  C   . ASN A 1 42  ? -3.926  7.853   8.651   1.00 18.09 ? 39  ASN A C   1 
ATOM   361  O  O   . ASN A 1 42  ? -5.134  7.675   8.461   1.00 20.61 ? 39  ASN A O   1 
ATOM   362  C  CB  . ASN A 1 42  ? -4.255  10.301  9.056   1.00 19.63 ? 39  ASN A CB  1 
ATOM   363  C  CG  . ASN A 1 42  ? -3.961  11.491  9.958   1.00 23.32 ? 39  ASN A CG  1 
ATOM   364  O  OD1 . ASN A 1 42  ? -4.837  11.966  10.708  1.00 32.55 ? 39  ASN A OD1 1 
ATOM   365  N  ND2 . ASN A 1 42  ? -2.730  11.921  9.962   1.00 23.63 ? 39  ASN A ND2 1 
ATOM   366  N  N   . THR A 1 43  ? -3.015  7.000   8.211   1.00 16.60 ? 40  THR A N   1 
ATOM   367  C  CA  . THR A 1 43  ? -3.408  5.750   7.585   1.00 15.53 ? 40  THR A CA  1 
ATOM   368  C  C   . THR A 1 43  ? -3.938  4.760   8.639   1.00 15.31 ? 40  THR A C   1 
ATOM   369  O  O   . THR A 1 43  ? -3.480  4.735   9.781   1.00 14.81 ? 40  THR A O   1 
ATOM   370  C  CB  . THR A 1 43  ? -2.209  5.187   6.799   1.00 15.63 ? 40  THR A CB  1 
ATOM   371  O  OG1 . THR A 1 43  ? -2.119  5.917   5.559   1.00 16.00 ? 40  THR A OG1 1 
ATOM   372  C  CG2 . THR A 1 43  ? -2.426  3.741   6.424   1.00 16.95 ? 40  THR A CG2 1 
ATOM   373  N  N   . VAL A 1 44  ? -4.946  3.985   8.255   1.00 14.74 ? 41  VAL A N   1 
ATOM   374  C  CA  . VAL A 1 44  ? -5.546  2.980   9.117   1.00 15.13 ? 41  VAL A CA  1 
ATOM   375  C  C   . VAL A 1 44  ? -5.401  1.607   8.437   1.00 15.47 ? 41  VAL A C   1 
ATOM   376  O  O   . VAL A 1 44  ? -5.824  1.414   7.286   1.00 16.97 ? 41  VAL A O   1 
ATOM   377  C  CB  . VAL A 1 44  ? -7.045  3.285   9.385   1.00 14.47 ? 41  VAL A CB  1 
ATOM   378  C  CG1 . VAL A 1 44  ? -7.688  2.159   10.209  1.00 17.40 ? 41  VAL A CG1 1 
ATOM   379  C  CG2 . VAL A 1 44  ? -7.218  4.613   10.097  1.00 14.76 ? 41  VAL A CG2 1 
ATOM   380  N  N   . ILE A 1 45  ? -4.799  0.658   9.149   1.00 16.26 ? 42  ILE A N   1 
ATOM   381  C  CA  . ILE A 1 45  ? -4.674  -0.732  8.715   1.00 16.23 ? 42  ILE A CA  1 
ATOM   382  C  C   . ILE A 1 45  ? -5.259  -1.602  9.820   1.00 16.76 ? 42  ILE A C   1 
ATOM   383  O  O   . ILE A 1 45  ? -4.604  -1.863  10.826  1.00 17.45 ? 42  ILE A O   1 
ATOM   384  C  CB  . ILE A 1 45  ? -3.209  -1.142  8.480   1.00 16.54 ? 42  ILE A CB  1 
ATOM   385  C  CG1 . ILE A 1 45  ? -2.475  -0.121  7.605   1.00 17.02 ? 42  ILE A CG1 1 
ATOM   386  C  CG2 . ILE A 1 45  ? -3.162  -2.535  7.822   1.00 16.60 ? 42  ILE A CG2 1 
ATOM   387  C  CD1 . ILE A 1 45  ? -0.995  -0.382  7.415   1.00 19.25 ? 42  ILE A CD1 1 
ATOM   388  N  N   . ARG A 1 46  ? -6.498  -2.024  9.655   1.00 16.74 ? 43  ARG A N   1 
ATOM   389  C  CA  . ARG A 1 46  ? -7.133  -2.871  10.646  1.00 17.10 ? 43  ARG A CA  1 
ATOM   390  C  C   . ARG A 1 46  ? -7.038  -4.317  10.159  1.00 17.00 ? 43  ARG A C   1 
ATOM   391  O  O   . ARG A 1 46  ? -7.672  -4.717  9.179   1.00 17.58 ? 43  ARG A O   1 
ATOM   392  C  CB  . ARG A 1 46  ? -8.596  -2.461  10.878  1.00 16.98 ? 43  ARG A CB  1 
ATOM   393  C  CG  . ARG A 1 46  ? -8.786  -1.308  11.843  1.00 18.49 ? 43  ARG A CG  1 
ATOM   394  C  CD  . ARG A 1 46  ? -10.185 -1.200  12.382  1.00 18.74 ? 43  ARG A CD  1 
ATOM   395  N  NE  . ARG A 1 46  ? -11.163 -0.832  11.362  1.00 17.31 ? 43  ARG A NE  1 
ATOM   396  C  CZ  . ARG A 1 46  ? -12.176 -1.591  10.943  1.00 18.30 ? 43  ARG A CZ  1 
ATOM   397  N  NH1 . ARG A 1 46  ? -13.016 -1.088  10.051  1.00 19.48 ? 43  ARG A NH1 1 
ATOM   398  N  NH2 . ARG A 1 46  ? -12.350 -2.843  11.349  1.00 18.23 ? 43  ARG A NH2 1 
ATOM   399  N  N   . GLY A 1 47  ? -6.253  -5.117  10.867  1.00 18.31 ? 44  GLY A N   1 
ATOM   400  C  CA  . GLY A 1 47  ? -5.997  -6.487  10.471  1.00 17.53 ? 44  GLY A CA  1 
ATOM   401  C  C   . GLY A 1 47  ? -6.912  -7.470  11.171  1.00 17.18 ? 44  GLY A C   1 
ATOM   402  O  O   . GLY A 1 47  ? -6.459  -8.403  11.818  1.00 16.84 ? 44  GLY A O   1 
ATOM   403  N  N   . ASP A 1 48  ? -8.218  -7.285  11.004  1.00 16.45 ? 45  ASP A N   1 
ATOM   404  C  CA  . ASP A 1 48  ? -9.200  -8.008  11.810  1.00 15.35 ? 45  ASP A CA  1 
ATOM   405  C  C   . ASP A 1 48  ? -10.207 -8.813  11.001  1.00 15.19 ? 45  ASP A C   1 
ATOM   406  O  O   . ASP A 1 48  ? -11.198 -9.310  11.550  1.00 14.57 ? 45  ASP A O   1 
ATOM   407  C  CB  . ASP A 1 48  ? -9.902  -7.048  12.799  1.00 15.68 ? 45  ASP A CB  1 
ATOM   408  C  CG  . ASP A 1 48  ? -10.534 -5.834  12.126  1.00 18.16 ? 45  ASP A CG  1 
ATOM   409  O  OD1 . ASP A 1 48  ? -10.881 -5.941  10.933  1.00 16.02 ? 45  ASP A OD1 1 
ATOM   410  O  OD2 . ASP A 1 48  ? -10.730 -4.749  12.746  1.00 15.74 ? 45  ASP A OD2 1 
ATOM   411  N  N   . VAL A 1 49  ? -9.929  -8.995  9.719   1.00 15.17 ? 46  VAL A N   1 
ATOM   412  C  CA  . VAL A 1 49  ? -10.722 -9.888  8.877   1.00 15.66 ? 46  VAL A CA  1 
ATOM   413  C  C   . VAL A 1 49  ? -9.855  -10.949 8.211   1.00 15.66 ? 46  VAL A C   1 
ATOM   414  O  O   . VAL A 1 49  ? -10.104 -12.145 8.381   1.00 15.02 ? 46  VAL A O   1 
ATOM   415  C  CB  . VAL A 1 49  ? -11.558 -9.116  7.846   1.00 15.09 ? 46  VAL A CB  1 
ATOM   416  C  CG1 . VAL A 1 49  ? -12.308 -10.077 6.938   1.00 16.23 ? 46  VAL A CG1 1 
ATOM   417  C  CG2 . VAL A 1 49  ? -12.544 -8.211  8.565   1.00 17.62 ? 46  VAL A CG2 1 
ATOM   418  N  N   . SER A 1 50  ? -8.847  -10.510 7.467   1.00 15.81 ? 47  SER A N   1 
ATOM   419  C  CA  . SER A 1 50  ? -7.866  -11.392 6.846   1.00 16.10 ? 47  SER A CA  1 
ATOM   420  C  C   . SER A 1 50  ? -6.479  -10.762 7.036   1.00 16.40 ? 47  SER A C   1 
ATOM   421  O  O   . SER A 1 50  ? -6.376  -9.572  7.382   1.00 16.83 ? 47  SER A O   1 
ATOM   422  C  CB  . SER A 1 50  ? -8.173  -11.574 5.351   1.00 15.87 ? 47  SER A CB  1 
ATOM   423  O  OG  . SER A 1 50  ? -9.468  -12.102 5.177   1.00 15.82 ? 47  SER A OG  1 
ATOM   424  N  N   . PRO A 1 51  ? -5.419  -11.532 6.800   1.00 15.99 ? 48  PRO A N   1 
ATOM   425  C  CA  . PRO A 1 51  ? -4.062  -11.010 6.944   1.00 16.62 ? 48  PRO A CA  1 
ATOM   426  C  C   . PRO A 1 51  ? -3.751  -9.874  5.968   1.00 16.35 ? 48  PRO A C   1 
ATOM   427  O  O   . PRO A 1 51  ? -4.252  -9.858  4.845   1.00 16.05 ? 48  PRO A O   1 
ATOM   428  C  CB  . PRO A 1 51  ? -3.163  -12.222 6.633   1.00 17.08 ? 48  PRO A CB  1 
ATOM   429  C  CG  . PRO A 1 51  ? -4.021  -13.379 6.476   1.00 16.95 ? 48  PRO A CG  1 
ATOM   430  C  CD  . PRO A 1 51  ? -5.437  -12.970 6.465   1.00 17.37 ? 48  PRO A CD  1 
ATOM   431  N  N   . THR A 1 52  ? -2.911  -8.942  6.416   1.00 16.65 ? 49  THR A N   1 
ATOM   432  C  CA  . THR A 1 52  ? -2.343  -7.892  5.591   1.00 16.22 ? 49  THR A CA  1 
ATOM   433  C  C   . THR A 1 52  ? -0.831  -8.062  5.640   1.00 16.01 ? 49  THR A C   1 
ATOM   434  O  O   . THR A 1 52  ? -0.224  -7.999  6.716   1.00 16.45 ? 49  THR A O   1 
ATOM   435  C  CB  . THR A 1 52  ? -2.696  -6.535  6.151   1.00 16.60 ? 49  THR A CB  1 
ATOM   436  O  OG1 . THR A 1 52  ? -4.127  -6.364  6.172   1.00 17.59 ? 49  THR A OG1 1 
ATOM   437  C  CG2 . THR A 1 52  ? -2.134  -5.424  5.250   1.00 16.83 ? 49  THR A CG2 1 
ATOM   438  N  N   . ILE A 1 53  ? -0.234  -8.324  4.490   1.00 15.80 ? 50  ILE A N   1 
ATOM   439  C  CA  . ILE A 1 53  ? 1.190   -8.536  4.375   1.00 16.85 ? 50  ILE A CA  1 
ATOM   440  C  C   . ILE A 1 53  ? 1.734   -7.421  3.496   1.00 16.18 ? 50  ILE A C   1 
ATOM   441  O  O   . ILE A 1 53  ? 1.359   -7.334  2.341   1.00 16.75 ? 50  ILE A O   1 
ATOM   442  C  CB  . ILE A 1 53  ? 1.510   -9.875  3.689   1.00 16.58 ? 50  ILE A CB  1 
ATOM   443  C  CG1 . ILE A 1 53  ? 0.790   -11.065 4.331   1.00 20.93 ? 50  ILE A CG1 1 
ATOM   444  C  CG2 . ILE A 1 53  ? 3.016   -10.082 3.687   1.00 17.82 ? 50  ILE A CG2 1 
ATOM   445  C  CD1 . ILE A 1 53  ? 1.018   -11.218 5.758   1.00 23.03 ? 50  ILE A CD1 1 
ATOM   446  N  N   . ILE A 1 54  ? 2.625   -6.605  4.052   1.00 16.17 ? 51  ILE A N   1 
ATOM   447  C  CA  . ILE A 1 54  ? 3.271   -5.491  3.364   1.00 15.41 ? 51  ILE A CA  1 
ATOM   448  C  C   . ILE A 1 54  ? 4.759   -5.823  3.371   1.00 16.00 ? 51  ILE A C   1 
ATOM   449  O  O   . ILE A 1 54  ? 5.350   -6.068  4.434   1.00 15.72 ? 51  ILE A O   1 
ATOM   450  C  CB  . ILE A 1 54  ? 2.987   -4.169  4.104   1.00 15.53 ? 51  ILE A CB  1 
ATOM   451  C  CG1 . ILE A 1 54  ? 1.504   -3.840  4.031   1.00 13.95 ? 51  ILE A CG1 1 
ATOM   452  C  CG2 . ILE A 1 54  ? 3.833   -3.039  3.537   1.00 16.16 ? 51  ILE A CG2 1 
ATOM   453  C  CD1 . ILE A 1 54  ? 1.037   -2.755  5.010   1.00 15.91 ? 51  ILE A CD1 1 
ATOM   454  N  N   . GLY A 1 55  ? 5.334   -5.883  2.181   1.00 16.84 ? 52  GLY A N   1 
ATOM   455  C  CA  . GLY A 1 55  ? 6.724   -6.239  1.988   1.00 17.44 ? 52  GLY A CA  1 
ATOM   456  C  C   . GLY A 1 55  ? 7.702   -5.124  2.320   1.00 17.16 ? 52  GLY A C   1 
ATOM   457  O  O   . GLY A 1 55  ? 7.460   -4.274  3.182   1.00 17.06 ? 52  GLY A O   1 
ATOM   458  N  N   . ASP A 1 56  ? 8.830   -5.144  1.623   1.00 16.66 ? 53  ASP A N   1 
ATOM   459  C  CA  . ASP A 1 56  ? 9.970   -4.304  1.954   1.00 17.24 ? 53  ASP A CA  1 
ATOM   460  C  C   . ASP A 1 56  ? 9.959   -3.089  1.053   1.00 16.64 ? 53  ASP A C   1 
ATOM   461  O  O   . ASP A 1 56  ? 9.613   -3.184  -0.127  1.00 16.34 ? 53  ASP A O   1 
ATOM   462  C  CB  . ASP A 1 56  ? 11.289  -5.043  1.720   1.00 17.05 ? 53  ASP A CB  1 
ATOM   463  C  CG  . ASP A 1 56  ? 11.502  -6.207  2.678   1.00 21.08 ? 53  ASP A CG  1 
ATOM   464  O  OD1 . ASP A 1 56  ? 10.802  -6.300  3.717   1.00 19.42 ? 53  ASP A OD1 1 
ATOM   465  O  OD2 . ASP A 1 56  ? 12.380  -7.065  2.454   1.00 23.42 ? 53  ASP A OD2 1 
ATOM   466  N  N   . ARG A 1 57  ? 10.333  -1.957  1.628   1.00 16.65 ? 54  ARG A N   1 
ATOM   467  C  CA  . ARG A 1 57  ? 10.474  -0.694  0.890   1.00 17.17 ? 54  ARG A CA  1 
ATOM   468  C  C   . ARG A 1 57  ? 9.153   -0.245  0.219   1.00 17.37 ? 54  ARG A C   1 
ATOM   469  O  O   . ARG A 1 57  ? 9.138   0.409   -0.841  1.00 17.30 ? 54  ARG A O   1 
ATOM   470  C  CB  . ARG A 1 57  ? 11.603  -0.797  -0.149  1.00 17.57 ? 54  ARG A CB  1 
ATOM   471  C  CG  . ARG A 1 57  ? 12.975  -1.207  0.370   1.00 17.97 ? 54  ARG A CG  1 
ATOM   472  C  CD  . ARG A 1 57  ? 14.010  -1.447  -0.768  1.00 20.36 ? 54  ARG A CD  1 
ATOM   473  N  NE  . ARG A 1 57  ? 13.554  -2.526  -1.623  1.00 20.96 ? 54  ARG A NE  1 
ATOM   474  C  CZ  . ARG A 1 57  ? 13.689  -3.821  -1.315  1.00 22.68 ? 54  ARG A CZ  1 
ATOM   475  N  NH1 . ARG A 1 57  ? 14.358  -4.200  -0.233  1.00 21.72 ? 54  ARG A NH1 1 
ATOM   476  N  NH2 . ARG A 1 57  ? 13.193  -4.738  -2.122  1.00 23.14 ? 54  ARG A NH2 1 
ATOM   477  N  N   . VAL A 1 58  ? 8.041   -0.597  0.850   1.00 16.96 ? 55  VAL A N   1 
ATOM   478  C  CA  . VAL A 1 58  ? 6.719   -0.206  0.387   1.00 16.75 ? 55  VAL A CA  1 
ATOM   479  C  C   . VAL A 1 58  ? 6.350   1.122   1.048   1.00 16.55 ? 55  VAL A C   1 
ATOM   480  O  O   . VAL A 1 58  ? 6.592   1.289   2.239   1.00 17.19 ? 55  VAL A O   1 
ATOM   481  C  CB  . VAL A 1 58  ? 5.652   -1.231  0.810   1.00 15.78 ? 55  VAL A CB  1 
ATOM   482  C  CG1 . VAL A 1 58  ? 4.223   -0.758  0.452   1.00 15.77 ? 55  VAL A CG1 1 
ATOM   483  C  CG2 . VAL A 1 58  ? 5.935   -2.610  0.209   1.00 17.98 ? 55  VAL A CG2 1 
ATOM   484  N  N   . ASN A 1 59  ? 5.757   2.042   0.292   1.00 16.40 ? 56  ASN A N   1 
ATOM   485  C  CA  . ASN A 1 59  ? 5.147   3.220   0.882   1.00 16.03 ? 56  ASN A CA  1 
ATOM   486  C  C   . ASN A 1 59  ? 3.616   3.170   0.755   1.00 15.70 ? 56  ASN A C   1 
ATOM   487  O  O   . ASN A 1 59  ? 3.066   2.888   -0.305  1.00 16.58 ? 56  ASN A O   1 
ATOM   488  C  CB  . ASN A 1 59  ? 5.737   4.526   0.336   1.00 16.47 ? 56  ASN A CB  1 
ATOM   489  C  CG  . ASN A 1 59  ? 5.560   4.688   -1.140  1.00 18.96 ? 56  ASN A CG  1 
ATOM   490  O  OD1 . ASN A 1 59  ? 6.412   4.227   -1.968  1.00 20.37 ? 56  ASN A OD1 1 
ATOM   491  N  ND2 . ASN A 1 59  ? 4.490   5.362   -1.515  1.00 13.29 ? 56  ASN A ND2 1 
ATOM   492  N  N   . VAL A 1 60  ? 2.953   3.377   1.878   1.00 15.59 ? 57  VAL A N   1 
ATOM   493  C  CA  . VAL A 1 60  ? 1.513   3.530   1.946   1.00 14.98 ? 57  VAL A CA  1 
ATOM   494  C  C   . VAL A 1 60  ? 1.319   4.938   2.423   1.00 15.36 ? 57  VAL A C   1 
ATOM   495  O  O   . VAL A 1 60  ? 1.558   5.277   3.586   1.00 15.78 ? 57  VAL A O   1 
ATOM   496  C  CB  . VAL A 1 60  ? 0.861   2.537   2.909   1.00 14.52 ? 57  VAL A CB  1 
ATOM   497  C  CG1 . VAL A 1 60  ? -0.628  2.743   2.943   1.00 16.50 ? 57  VAL A CG1 1 
ATOM   498  C  CG2 . VAL A 1 60  ? 1.146   1.097   2.483   1.00 16.32 ? 57  VAL A CG2 1 
ATOM   499  N  N   . GLN A 1 61  ? 0.898   5.783   1.510   1.00 15.30 ? 58  GLN A N   1 
ATOM   500  C  CA  . GLN A 1 61  ? 0.926   7.217   1.750   1.00 15.73 ? 58  GLN A CA  1 
ATOM   501  C  C   . GLN A 1 61  ? -0.214  7.660   2.651   1.00 15.64 ? 58  GLN A C   1 
ATOM   502  O  O   . GLN A 1 61  ? -0.916  6.839   3.245   1.00 16.22 ? 58  GLN A O   1 
ATOM   503  C  CB  . GLN A 1 61  ? 0.956   7.964   0.419   1.00 15.50 ? 58  GLN A CB  1 
ATOM   504  C  CG  . GLN A 1 61  ? 2.296   7.781   -0.318  1.00 16.98 ? 58  GLN A CG  1 
ATOM   505  C  CD  . GLN A 1 61  ? 2.306   8.366   -1.713  1.00 19.04 ? 58  GLN A CD  1 
ATOM   506  O  OE1 . GLN A 1 61  ? 1.566   9.308   -1.991  1.00 17.86 ? 58  GLN A OE1 1 
ATOM   507  N  NE2 . GLN A 1 61  ? 3.137   7.796   -2.608  1.00 18.23 ? 58  GLN A NE2 1 
ATOM   508  N  N   . ASP A 1 62  ? -0.349  8.967   2.823   1.00 16.38 ? 59  ASP A N   1 
ATOM   509  C  CA  . ASP A 1 62  ? -1.167  9.515   3.908   1.00 16.23 ? 59  ASP A CA  1 
ATOM   510  C  C   . ASP A 1 62  ? -2.626  9.172   3.721   1.00 16.16 ? 59  ASP A C   1 
ATOM   511  O  O   . ASP A 1 62  ? -3.140  9.216   2.600   1.00 14.93 ? 59  ASP A O   1 
ATOM   512  C  CB  . ASP A 1 62  ? -1.020  11.031  3.972   1.00 16.56 ? 59  ASP A CB  1 
ATOM   513  C  CG  . ASP A 1 62  ? 0.404   11.482  3.627   1.00 17.51 ? 59  ASP A CG  1 
ATOM   514  O  OD1 . ASP A 1 62  ? 1.185   11.811  4.543   1.00 17.04 ? 59  ASP A OD1 1 
ATOM   515  O  OD2 . ASP A 1 62  ? 0.804   11.422  2.452   1.00 17.23 ? 59  ASP A OD2 1 
ATOM   516  N  N   . GLN A 1 63  ? -3.279  8.884   4.845   1.00 16.49 ? 60  GLN A N   1 
ATOM   517  C  CA  . GLN A 1 63  ? -4.722  8.779   4.920   1.00 16.12 ? 60  GLN A CA  1 
ATOM   518  C  C   . GLN A 1 63  ? -5.279  7.670   4.028   1.00 16.06 ? 60  GLN A C   1 
ATOM   519  O  O   . GLN A 1 63  ? -6.375  7.778   3.485   1.00 16.37 ? 60  GLN A O   1 
ATOM   520  C  CB  . GLN A 1 63  ? -5.349  10.140  4.595   1.00 16.88 ? 60  GLN A CB  1 
ATOM   521  C  CG  . GLN A 1 63  ? -4.820  11.253  5.527   1.00 19.16 ? 60  GLN A CG  1 
ATOM   522  C  CD  . GLN A 1 63  ? -4.761  12.602  4.848   1.00 24.00 ? 60  GLN A CD  1 
ATOM   523  O  OE1 . GLN A 1 63  ? -4.039  12.768  3.839   1.00 25.34 ? 60  GLN A OE1 1 
ATOM   524  N  NE2 . GLN A 1 63  ? -5.524  13.581  5.380   1.00 20.49 ? 60  GLN A NE2 1 
ATOM   525  N  N   . CYS A 1 64  ? -4.540  6.577   3.911   1.00 15.38 ? 61  CYS A N   1 
ATOM   526  C  CA  . CYS A 1 64  ? -5.058  5.382   3.273   1.00 15.34 ? 61  CYS A CA  1 
ATOM   527  C  C   . CYS A 1 64  ? -5.884  4.538   4.236   1.00 15.22 ? 61  CYS A C   1 
ATOM   528  O  O   . CYS A 1 64  ? -5.725  4.622   5.455   1.00 15.91 ? 61  CYS A O   1 
ATOM   529  C  CB  . CYS A 1 64  ? -3.938  4.518   2.698   1.00 15.75 ? 61  CYS A CB  1 
ATOM   530  S  SG  . CYS A 1 64  ? -3.143  5.219   1.234   1.00 16.19 ? 61  CYS A SG  1 
ATOM   531  N  N   . THR A 1 65  ? -6.748  3.703   3.672   1.00 15.81 ? 62  THR A N   1 
ATOM   532  C  CA  . THR A 1 65  ? -7.460  2.678   4.422   1.00 17.00 ? 62  THR A CA  1 
ATOM   533  C  C   . THR A 1 65  ? -7.145  1.319   3.870   1.00 16.70 ? 62  THR A C   1 
ATOM   534  O  O   . THR A 1 65  ? -7.397  1.081   2.694   1.00 17.15 ? 62  THR A O   1 
ATOM   535  C  CB  . THR A 1 65  ? -8.996  2.873   4.279   1.00 18.73 ? 62  THR A CB  1 
ATOM   536  O  OG1 . THR A 1 65  ? -9.341  4.179   4.686   1.00 22.26 ? 62  THR A OG1 1 
ATOM   537  C  CG2 . THR A 1 65  ? -9.681  1.938   5.278   1.00 22.35 ? 62  THR A CG2 1 
ATOM   538  N  N   . LEU A 1 66  ? -6.644  0.412   4.710   1.00 16.35 ? 63  LEU A N   1 
ATOM   539  C  CA  . LEU A 1 66  ? -6.289  -0.955  4.290   1.00 16.87 ? 63  LEU A CA  1 
ATOM   540  C  C   . LEU A 1 66  ? -7.156  -1.912  5.100   1.00 17.31 ? 63  LEU A C   1 
ATOM   541  O  O   . LEU A 1 66  ? -7.091  -1.915  6.340   1.00 17.37 ? 63  LEU A O   1 
ATOM   542  C  CB  . LEU A 1 66  ? -4.802  -1.243  4.503   1.00 17.08 ? 63  LEU A CB  1 
ATOM   543  C  CG  . LEU A 1 66  ? -3.863  -0.828  3.380   1.00 17.41 ? 63  LEU A CG  1 
ATOM   544  C  CD1 . LEU A 1 66  ? -3.897  0.698   3.176   1.00 17.94 ? 63  LEU A CD1 1 
ATOM   545  C  CD2 . LEU A 1 66  ? -2.440  -1.261  3.670   1.00 18.47 ? 63  LEU A CD2 1 
ATOM   546  N  N   . HIS A 1 67  ? -8.036  -2.651  4.420   1.00 16.28 ? 64  HIS A N   1 
ATOM   547  C  CA  . HIS A 1 67  ? -8.912  -3.608  5.092   1.00 16.53 ? 64  HIS A CA  1 
ATOM   548  C  C   . HIS A 1 67  ? -9.098  -4.831  4.213   1.00 16.67 ? 64  HIS A C   1 
ATOM   549  O  O   . HIS A 1 67  ? -8.515  -4.932  3.132   1.00 16.56 ? 64  HIS A O   1 
ATOM   550  C  CB  . HIS A 1 67  ? -10.263 -2.962  5.481   1.00 17.30 ? 64  HIS A CB  1 
ATOM   551  C  CG  . HIS A 1 67  ? -10.977 -3.657  6.613   1.00 20.57 ? 64  HIS A CG  1 
ATOM   552  N  ND1 . HIS A 1 67  ? -10.334 -4.082  7.763   1.00 22.52 ? 64  HIS A ND1 1 
ATOM   553  C  CD2 . HIS A 1 67  ? -12.273 -4.023  6.757   1.00 20.72 ? 64  HIS A CD2 1 
ATOM   554  C  CE1 . HIS A 1 67  ? -11.215 -4.624  8.579   1.00 20.87 ? 64  HIS A CE1 1 
ATOM   555  N  NE2 . HIS A 1 67  ? -12.397 -4.617  7.986   1.00 25.67 ? 64  HIS A NE2 1 
ATOM   556  N  N   . GLN A 1 68  ? -9.890  -5.777  4.694   1.00 17.05 ? 65  GLN A N   1 
ATOM   557  C  CA  . GLN A 1 68  ? -10.079 -7.047  4.005   1.00 16.03 ? 65  GLN A CA  1 
ATOM   558  C  C   . GLN A 1 68  ? -11.517 -7.543  4.108   1.00 16.56 ? 65  GLN A C   1 
ATOM   559  O  O   . GLN A 1 68  ? -12.257 -7.159  5.017   1.00 16.32 ? 65  GLN A O   1 
ATOM   560  C  CB  . GLN A 1 68  ? -9.151  -8.123  4.592   1.00 16.54 ? 65  GLN A CB  1 
ATOM   561  C  CG  . GLN A 1 68  ? -7.809  -7.655  5.097   1.00 15.53 ? 65  GLN A CG  1 
ATOM   562  C  CD  . GLN A 1 68  ? -7.878  -7.015  6.467   1.00 17.49 ? 65  GLN A CD  1 
ATOM   563  O  OE1 . GLN A 1 68  ? -8.645  -7.462  7.318   1.00 16.87 ? 65  GLN A OE1 1 
ATOM   564  N  NE2 . GLN A 1 68  ? -7.044  -5.991  6.697   1.00 14.85 ? 65  GLN A NE2 1 
ATOM   565  N  N   . SER A 1 69  ? -11.881 -8.402  3.171   1.00 17.16 ? 66  SER A N   1 
ATOM   566  C  CA  . SER A 1 69  ? -13.032 -9.291  3.288   1.00 17.67 ? 66  SER A CA  1 
ATOM   567  C  C   . SER A 1 69  ? -12.524 -10.694 3.605   1.00 17.60 ? 66  SER A C   1 
ATOM   568  O  O   . SER A 1 69  ? -11.323 -10.965 3.485   1.00 16.52 ? 66  SER A O   1 
ATOM   569  C  CB  . SER A 1 69  ? -13.836 -9.286  1.981   1.00 18.71 ? 66  SER A CB  1 
ATOM   570  O  OG  . SER A 1 69  ? -13.034 -9.759  0.920   1.00 20.72 ? 66  SER A OG  1 
ATOM   571  N  N   . PRO A 1 70  ? -13.398 -11.582 4.075   1.00 18.57 ? 67  PRO A N   1 
ATOM   572  C  CA  . PRO A 1 70  ? -12.938 -12.897 4.554   1.00 19.17 ? 67  PRO A CA  1 
ATOM   573  C  C   . PRO A 1 70  ? -12.205 -13.765 3.536   1.00 20.65 ? 67  PRO A C   1 
ATOM   574  O  O   . PRO A 1 70  ? -11.325 -14.538 3.939   1.00 20.97 ? 67  PRO A O   1 
ATOM   575  C  CB  . PRO A 1 70  ? -14.232 -13.578 5.028   1.00 19.47 ? 67  PRO A CB  1 
ATOM   576  C  CG  . PRO A 1 70  ? -15.156 -12.425 5.378   1.00 20.94 ? 67  PRO A CG  1 
ATOM   577  C  CD  . PRO A 1 70  ? -14.834 -11.366 4.326   1.00 18.36 ? 67  PRO A CD  1 
ATOM   578  N  N   . GLN A 1 71  ? -12.535 -13.652 2.254   1.00 21.02 ? 68  GLN A N   1 
ATOM   579  C  CA  . GLN A 1 71  ? -12.086 -14.640 1.286   1.00 22.98 ? 68  GLN A CA  1 
ATOM   580  C  C   . GLN A 1 71  ? -10.629 -14.431 0.818   1.00 21.71 ? 68  GLN A C   1 
ATOM   581  O  O   . GLN A 1 71  ? -9.984  -15.392 0.425   1.00 20.91 ? 68  GLN A O   1 
ATOM   582  C  CB  . GLN A 1 71  ? -13.026 -14.657 0.067   1.00 24.47 ? 68  GLN A CB  1 
ATOM   583  C  CG  . GLN A 1 71  ? -12.707 -15.771 -0.982  1.00 31.24 ? 68  GLN A CG  1 
ATOM   584  C  CD  . GLN A 1 71  ? -13.725 -15.837 -2.153  1.00 39.24 ? 68  GLN A CD  1 
ATOM   585  O  OE1 . GLN A 1 71  ? -14.796 -15.200 -2.114  1.00 45.48 ? 68  GLN A OE1 1 
ATOM   586  N  NE2 . GLN A 1 71  ? -13.379 -16.605 -3.187  1.00 42.31 ? 68  GLN A NE2 1 
ATOM   587  N  N   . TYR A 1 72  ? -10.128 -13.203 0.857   1.00 18.85 ? 69  TYR A N   1 
ATOM   588  C  CA  . TYR A 1 72  ? -8.772  -12.909 0.375   1.00 19.07 ? 69  TYR A CA  1 
ATOM   589  C  C   . TYR A 1 72  ? -7.951  -12.117 1.372   1.00 17.38 ? 69  TYR A C   1 
ATOM   590  O  O   . TYR A 1 72  ? -8.489  -11.249 2.076   1.00 16.97 ? 69  TYR A O   1 
ATOM   591  C  CB  . TYR A 1 72  ? -8.816  -12.070 -0.899  1.00 18.89 ? 69  TYR A CB  1 
ATOM   592  C  CG  . TYR A 1 72  ? -9.588  -12.669 -2.025  1.00 24.37 ? 69  TYR A CG  1 
ATOM   593  C  CD1 . TYR A 1 72  ? -8.997  -13.594 -2.872  1.00 30.03 ? 69  TYR A CD1 1 
ATOM   594  C  CD2 . TYR A 1 72  ? -10.916 -12.310 -2.254  1.00 27.82 ? 69  TYR A CD2 1 
ATOM   595  C  CE1 . TYR A 1 72  ? -9.721  -14.156 -3.919  1.00 34.36 ? 69  TYR A CE1 1 
ATOM   596  C  CE2 . TYR A 1 72  ? -11.634 -12.880 -3.291  1.00 31.89 ? 69  TYR A CE2 1 
ATOM   597  C  CZ  . TYR A 1 72  ? -11.028 -13.783 -4.108  1.00 33.69 ? 69  TYR A CZ  1 
ATOM   598  O  OH  . TYR A 1 72  ? -11.723 -14.351 -5.144  1.00 42.63 ? 69  TYR A OH  1 
ATOM   599  N  N   . PRO A 1 73  ? -6.641  -12.348 1.374   1.00 16.35 ? 70  PRO A N   1 
ATOM   600  C  CA  . PRO A 1 73  ? -5.742  -11.518 2.169   1.00 16.69 ? 70  PRO A CA  1 
ATOM   601  C  C   . PRO A 1 73  ? -5.526  -10.193 1.435   1.00 16.50 ? 70  PRO A C   1 
ATOM   602  O  O   . PRO A 1 73  ? -5.953  -10.015 0.273   1.00 17.18 ? 70  PRO A O   1 
ATOM   603  C  CB  . PRO A 1 73  ? -4.455  -12.345 2.195   1.00 16.49 ? 70  PRO A CB  1 
ATOM   604  C  CG  . PRO A 1 73  ? -4.441  -13.006 0.875   1.00 16.87 ? 70  PRO A CG  1 
ATOM   605  C  CD  . PRO A 1 73  ? -5.893  -13.343 0.580   1.00 16.06 ? 70  PRO A CD  1 
ATOM   606  N  N   . LEU A 1 74  ? -4.851  -9.280  2.093   1.00 16.37 ? 71  LEU A N   1 
ATOM   607  C  CA  . LEU A 1 74  ? -4.436  -8.023  1.475   1.00 16.05 ? 71  LEU A CA  1 
ATOM   608  C  C   . LEU A 1 74  ? -2.920  -8.076  1.397   1.00 15.90 ? 71  LEU A C   1 
ATOM   609  O  O   . LEU A 1 74  ? -2.241  -8.178  2.431   1.00 16.02 ? 71  LEU A O   1 
ATOM   610  C  CB  . LEU A 1 74  ? -4.887  -6.848  2.330   1.00 16.29 ? 71  LEU A CB  1 
ATOM   611  C  CG  . LEU A 1 74  ? -4.380  -5.454  1.930   1.00 16.49 ? 71  LEU A CG  1 
ATOM   612  C  CD1 . LEU A 1 74  ? -4.745  -5.102  0.474   1.00 17.34 ? 71  LEU A CD1 1 
ATOM   613  C  CD2 . LEU A 1 74  ? -4.940  -4.401  2.885   1.00 18.58 ? 71  LEU A CD2 1 
ATOM   614  N  N   . ILE A 1 75  ? -2.389  -8.050  0.188   1.00 15.85 ? 72  ILE A N   1 
ATOM   615  C  CA  . ILE A 1 75  ? -0.946  -8.251  -0.044  1.00 16.30 ? 72  ILE A CA  1 
ATOM   616  C  C   . ILE A 1 75  ? -0.392  -7.085  -0.814  1.00 15.92 ? 72  ILE A C   1 
ATOM   617  O  O   . ILE A 1 75  ? -0.898  -6.758  -1.901  1.00 15.91 ? 72  ILE A O   1 
ATOM   618  C  CB  . ILE A 1 75  ? -0.678  -9.536  -0.887  1.00 16.28 ? 72  ILE A CB  1 
ATOM   619  C  CG1 . ILE A 1 75  ? -1.333  -10.779 -0.292  1.00 20.05 ? 72  ILE A CG1 1 
ATOM   620  C  CG2 . ILE A 1 75  ? 0.791   -9.744  -1.074  1.00 16.95 ? 72  ILE A CG2 1 
ATOM   621  C  CD1 . ILE A 1 75  ? -0.988  -11.069 1.128   1.00 23.67 ? 72  ILE A CD1 1 
ATOM   622  N  N   . LEU A 1 76  ? 0.627   -6.437  -0.259  1.00 16.16 ? 73  LEU A N   1 
ATOM   623  C  CA  . LEU A 1 76  ? 1.377   -5.423  -0.964  1.00 15.93 ? 73  LEU A CA  1 
ATOM   624  C  C   . LEU A 1 76  ? 2.808   -5.949  -1.043  1.00 16.07 ? 73  LEU A C   1 
ATOM   625  O  O   . LEU A 1 76  ? 3.498   -6.041  -0.030  1.00 16.75 ? 73  LEU A O   1 
ATOM   626  C  CB  . LEU A 1 76  ? 1.345   -4.098  -0.213  1.00 15.99 ? 73  LEU A CB  1 
ATOM   627  C  CG  . LEU A 1 76  ? 0.061   -3.262  -0.203  1.00 17.26 ? 73  LEU A CG  1 
ATOM   628  C  CD1 . LEU A 1 76  ? -1.073  -3.960  0.519   1.00 17.49 ? 73  LEU A CD1 1 
ATOM   629  C  CD2 . LEU A 1 76  ? 0.330   -1.923  0.426   1.00 17.44 ? 73  LEU A CD2 1 
ATOM   630  N  N   . GLU A 1 77  ? 3.234   -6.315  -2.233  1.00 15.79 ? 74  GLU A N   1 
ATOM   631  C  CA  . GLU A 1 77  ? 4.555   -6.909  -2.422  1.00 16.33 ? 74  GLU A CA  1 
ATOM   632  C  C   . GLU A 1 77  ? 5.637   -5.808  -2.333  1.00 16.53 ? 74  GLU A C   1 
ATOM   633  O  O   . GLU A 1 77  ? 5.344   -4.594  -2.255  1.00 16.12 ? 74  GLU A O   1 
ATOM   634  C  CB  . GLU A 1 77  ? 4.615   -7.643  -3.770  1.00 16.56 ? 74  GLU A CB  1 
ATOM   635  C  CG  . GLU A 1 77  ? 3.703   -8.871  -3.821  1.00 18.06 ? 74  GLU A CG  1 
ATOM   636  C  CD  . GLU A 1 77  ? 3.914   -9.768  -5.043  1.00 20.07 ? 74  GLU A CD  1 
ATOM   637  O  OE1 . GLU A 1 77  ? 4.795   -9.483  -5.880  1.00 19.13 ? 74  GLU A OE1 1 
ATOM   638  O  OE2 . GLU A 1 77  ? 3.174   -10.760 -5.165  1.00 20.63 ? 74  GLU A OE2 1 
ATOM   639  N  N   . ASP A 1 78  ? 6.894   -6.230  -2.351  1.00 17.18 ? 75  ASP A N   1 
ATOM   640  C  CA  . ASP A 1 78  ? 8.009   -5.308  -2.252  1.00 17.65 ? 75  ASP A CA  1 
ATOM   641  C  C   . ASP A 1 78  ? 7.929   -4.168  -3.259  1.00 17.13 ? 75  ASP A C   1 
ATOM   642  O  O   . ASP A 1 78  ? 7.502   -4.347  -4.410  1.00 17.82 ? 75  ASP A O   1 
ATOM   643  C  CB  . ASP A 1 78  ? 9.325   -6.022  -2.533  1.00 18.26 ? 75  ASP A CB  1 
ATOM   644  C  CG  . ASP A 1 78  ? 9.660   -7.093  -1.520  1.00 20.47 ? 75  ASP A CG  1 
ATOM   645  O  OD1 . ASP A 1 78  ? 9.149   -7.105  -0.362  1.00 18.35 ? 75  ASP A OD1 1 
ATOM   646  O  OD2 . ASP A 1 78  ? 10.481  -7.981  -1.842  1.00 20.95 ? 75  ASP A OD2 1 
ATOM   647  N  N   . ASP A 1 79  ? 8.392   -3.010  -2.817  1.00 17.43 ? 76  ASP A N   1 
ATOM   648  C  CA  . ASP A 1 79  ? 8.670   -1.861  -3.674  1.00 17.58 ? 76  ASP A CA  1 
ATOM   649  C  C   . ASP A 1 79  ? 7.421   -1.227  -4.264  1.00 17.66 ? 76  ASP A C   1 
ATOM   650  O  O   . ASP A 1 79  ? 7.496   -0.466  -5.205  1.00 18.73 ? 76  ASP A O   1 
ATOM   651  C  CB  . ASP A 1 79  ? 9.672   -2.238  -4.770  1.00 17.95 ? 76  ASP A CB  1 
ATOM   652  C  CG  . ASP A 1 79  ? 11.034  -2.616  -4.201  1.00 20.18 ? 76  ASP A CG  1 
ATOM   653  O  OD1 . ASP A 1 79  ? 11.673  -1.778  -3.539  1.00 19.96 ? 76  ASP A OD1 1 
ATOM   654  O  OD2 . ASP A 1 79  ? 11.525  -3.745  -4.361  1.00 21.31 ? 76  ASP A OD2 1 
ATOM   655  N  N   . VAL A 1 80  ? 6.271   -1.541  -3.676  1.00 17.78 ? 77  VAL A N   1 
ATOM   656  C  CA  . VAL A 1 80  ? 4.998   -0.950  -4.044  1.00 16.93 ? 77  VAL A CA  1 
ATOM   657  C  C   . VAL A 1 80  ? 4.845   0.477   -3.512  1.00 16.47 ? 77  VAL A C   1 
ATOM   658  O  O   . VAL A 1 80  ? 5.286   0.803   -2.400  1.00 17.13 ? 77  VAL A O   1 
ATOM   659  C  CB  . VAL A 1 80  ? 3.837   -1.877  -3.564  1.00 16.39 ? 77  VAL A CB  1 
ATOM   660  C  CG1 . VAL A 1 80  ? 2.460   -1.154  -3.523  1.00 17.11 ? 77  VAL A CG1 1 
ATOM   661  C  CG2 . VAL A 1 80  ? 3.731   -3.059  -4.474  1.00 16.69 ? 77  VAL A CG2 1 
ATOM   662  N  N   . THR A 1 81  ? 4.220   1.326   -4.327  1.00 15.98 ? 78  THR A N   1 
ATOM   663  C  CA  . THR A 1 81  ? 3.830   2.685   -3.948  1.00 15.69 ? 78  THR A CA  1 
ATOM   664  C  C   . THR A 1 81  ? 2.322   2.777   -3.936  1.00 15.21 ? 78  THR A C   1 
ATOM   665  O  O   . THR A 1 81  ? 1.677   2.423   -4.920  1.00 16.33 ? 78  THR A O   1 
ATOM   666  C  CB  . THR A 1 81  ? 4.385   3.680   -4.995  1.00 15.52 ? 78  THR A CB  1 
ATOM   667  O  OG1 . THR A 1 81  ? 5.816   3.757   -4.866  1.00 16.98 ? 78  THR A OG1 1 
ATOM   668  C  CG2 . THR A 1 81  ? 3.857   5.115   -4.774  1.00 16.86 ? 78  THR A CG2 1 
ATOM   669  N  N   . VAL A 1 82  ? 1.761   3.267   -2.838  1.00 15.30 ? 79  VAL A N   1 
ATOM   670  C  CA  . VAL A 1 82  ? 0.318   3.480   -2.715  1.00 15.23 ? 79  VAL A CA  1 
ATOM   671  C  C   . VAL A 1 82  ? 0.097   4.942   -2.382  1.00 15.75 ? 79  VAL A C   1 
ATOM   672  O  O   . VAL A 1 82  ? 0.551   5.425   -1.337  1.00 15.74 ? 79  VAL A O   1 
ATOM   673  C  CB  . VAL A 1 82  ? -0.277  2.607   -1.602  1.00 14.97 ? 79  VAL A CB  1 
ATOM   674  C  CG1 . VAL A 1 82  ? -1.785  2.773   -1.552  1.00 16.24 ? 79  VAL A CG1 1 
ATOM   675  C  CG2 . VAL A 1 82  ? 0.073   1.162   -1.832  1.00 16.31 ? 79  VAL A CG2 1 
ATOM   676  N  N   . GLY A 1 83  ? -0.616  5.635   -3.273  1.00 15.71 ? 80  GLY A N   1 
ATOM   677  C  CA  . GLY A 1 83  ? -0.843  7.067   -3.173  1.00 16.03 ? 80  GLY A CA  1 
ATOM   678  C  C   . GLY A 1 83  ? -1.781  7.464   -2.033  1.00 16.12 ? 80  GLY A C   1 
ATOM   679  O  O   . GLY A 1 83  ? -2.420  6.631   -1.368  1.00 16.17 ? 80  GLY A O   1 
ATOM   680  N  N   . HIS A 1 84  ? -1.864  8.773   -1.803  1.00 16.44 ? 81  HIS A N   1 
ATOM   681  C  CA  . HIS A 1 84  ? -2.655  9.333   -0.721  1.00 16.26 ? 81  HIS A CA  1 
ATOM   682  C  C   . HIS A 1 84  ? -4.120  8.930   -0.876  1.00 16.43 ? 81  HIS A C   1 
ATOM   683  O  O   . HIS A 1 84  ? -4.665  8.910   -1.988  1.00 16.13 ? 81  HIS A O   1 
ATOM   684  C  CB  . HIS A 1 84  ? -2.604  10.872  -0.670  1.00 16.94 ? 81  HIS A CB  1 
ATOM   685  C  CG  . HIS A 1 84  ? -1.270  11.474  -0.995  1.00 17.10 ? 81  HIS A CG  1 
ATOM   686  N  ND1 . HIS A 1 84  ? -0.255  11.571  -0.066  1.00 17.32 ? 81  HIS A ND1 1 
ATOM   687  C  CD2 . HIS A 1 84  ? -0.797  12.033  -2.137  1.00 20.14 ? 81  HIS A CD2 1 
ATOM   688  C  CE1 . HIS A 1 84  ? 0.797   12.146  -0.633  1.00 19.63 ? 81  HIS A CE1 1 
ATOM   689  N  NE2 . HIS A 1 84  ? 0.501   12.414  -1.894  1.00 19.29 ? 81  HIS A NE2 1 
ATOM   690  N  N   . GLN A 1 85  ? -4.762  8.686   0.258   1.00 16.72 ? 82  GLN A N   1 
ATOM   691  C  CA  . GLN A 1 85  ? -6.204  8.480   0.324   1.00 17.45 ? 82  GLN A CA  1 
ATOM   692  C  C   . GLN A 1 85  ? -6.675  7.333   -0.583  1.00 18.05 ? 82  GLN A C   1 
ATOM   693  O  O   . GLN A 1 85  ? -7.720  7.421   -1.225  1.00 20.18 ? 82  GLN A O   1 
ATOM   694  C  CB  . GLN A 1 85  ? -6.960  9.789   0.031   1.00 17.76 ? 82  GLN A CB  1 
ATOM   695  C  CG  . GLN A 1 85  ? -6.808  10.850  1.142   1.00 18.14 ? 82  GLN A CG  1 
ATOM   696  C  CD  . GLN A 1 85  ? -7.887  11.915  1.102   1.00 23.38 ? 82  GLN A CD  1 
ATOM   697  O  OE1 . GLN A 1 85  ? -9.062  11.599  0.989   1.00 22.15 ? 82  GLN A OE1 1 
ATOM   698  N  NE2 . GLN A 1 85  ? -7.488  13.188  1.164   1.00 21.28 ? 82  GLN A NE2 1 
ATOM   699  N  N   . VAL A 1 86  ? -5.876  6.282   -0.669  1.00 16.76 ? 83  VAL A N   1 
ATOM   700  C  CA  . VAL A 1 86  ? -6.266  5.080   -1.388  1.00 16.16 ? 83  VAL A CA  1 
ATOM   701  C  C   . VAL A 1 86  ? -6.992  4.130   -0.422  1.00 16.59 ? 83  VAL A C   1 
ATOM   702  O  O   . VAL A 1 86  ? -6.639  4.030   0.775   1.00 16.62 ? 83  VAL A O   1 
ATOM   703  C  CB  . VAL A 1 86  ? -5.031  4.401   -2.024  1.00 16.34 ? 83  VAL A CB  1 
ATOM   704  C  CG1 . VAL A 1 86  ? -5.322  2.993   -2.446  1.00 14.89 ? 83  VAL A CG1 1 
ATOM   705  C  CG2 . VAL A 1 86  ? -4.534  5.207   -3.217  1.00 16.91 ? 83  VAL A CG2 1 
ATOM   706  N  N   . ILE A 1 87  ? -8.016  3.458   -0.926  1.00 15.64 ? 84  ILE A N   1 
ATOM   707  C  CA  . ILE A 1 87  ? -8.651  2.368   -0.222  1.00 15.89 ? 84  ILE A CA  1 
ATOM   708  C  C   . ILE A 1 87  ? -8.223  1.064   -0.873  1.00 15.90 ? 84  ILE A C   1 
ATOM   709  O  O   . ILE A 1 87  ? -8.439  0.882   -2.081  1.00 16.26 ? 84  ILE A O   1 
ATOM   710  C  CB  . ILE A 1 87  ? -10.193 2.468   -0.323  1.00 16.81 ? 84  ILE A CB  1 
ATOM   711  C  CG1 . ILE A 1 87  ? -10.679 3.808   0.245   1.00 18.22 ? 84  ILE A CG1 1 
ATOM   712  C  CG2 . ILE A 1 87  ? -10.839 1.285   0.411   1.00 18.83 ? 84  ILE A CG2 1 
ATOM   713  C  CD1 . ILE A 1 87  ? -12.183 4.080   0.054   1.00 21.05 ? 84  ILE A CD1 1 
ATOM   714  N  N   . LEU A 1 88  ? -7.640  0.169   -0.087  1.00 15.34 ? 85  LEU A N   1 
ATOM   715  C  CA  . LEU A 1 88  ? -7.272  -1.173  -0.542  1.00 16.15 ? 85  LEU A CA  1 
ATOM   716  C  C   . LEU A 1 88  ? -8.129  -2.156  0.225   1.00 17.23 ? 85  LEU A C   1 
ATOM   717  O  O   . LEU A 1 88  ? -8.220  -2.056  1.463   1.00 17.16 ? 85  LEU A O   1 
ATOM   718  C  CB  . LEU A 1 88  ? -5.811  -1.449  -0.250  1.00 16.01 ? 85  LEU A CB  1 
ATOM   719  C  CG  . LEU A 1 88  ? -4.802  -0.515  -0.938  1.00 17.47 ? 85  LEU A CG  1 
ATOM   720  C  CD1 . LEU A 1 88  ? -3.404  -0.978  -0.621  1.00 18.56 ? 85  LEU A CD1 1 
ATOM   721  C  CD2 . LEU A 1 88  ? -5.011  -0.477  -2.412  1.00 16.89 ? 85  LEU A CD2 1 
ATOM   722  N  N   . HIS A 1 89  ? -8.763  -3.089  -0.485  1.00 16.74 ? 86  HIS A N   1 
ATOM   723  C  CA  . HIS A 1 89  ? -9.671  -4.034  0.146   1.00 17.59 ? 86  HIS A CA  1 
ATOM   724  C  C   . HIS A 1 89  ? -9.448  -5.437  -0.406  1.00 17.14 ? 86  HIS A C   1 
ATOM   725  O  O   . HIS A 1 89  ? -9.933  -5.767  -1.471  1.00 17.50 ? 86  HIS A O   1 
ATOM   726  C  CB  . HIS A 1 89  ? -11.110 -3.597  -0.039  1.00 18.37 ? 86  HIS A CB  1 
ATOM   727  C  CG  . HIS A 1 89  ? -12.029 -4.104  1.026   1.00 19.56 ? 86  HIS A CG  1 
ATOM   728  N  ND1 . HIS A 1 89  ? -12.744 -5.269  0.883   1.00 24.34 ? 86  HIS A ND1 1 
ATOM   729  C  CD2 . HIS A 1 89  ? -12.368 -3.601  2.236   1.00 22.40 ? 86  HIS A CD2 1 
ATOM   730  C  CE1 . HIS A 1 89  ? -13.473 -5.477  1.965   1.00 23.79 ? 86  HIS A CE1 1 
ATOM   731  N  NE2 . HIS A 1 89  ? -13.250 -4.493  2.809   1.00 22.68 ? 86  HIS A NE2 1 
ATOM   732  N  N   . SER A 1 90  ? -8.668  -6.238  0.311   1.00 17.93 ? 87  SER A N   1 
ATOM   733  C  CA  . SER A 1 90  ? -8.420  -7.644  -0.071  1.00 17.02 ? 87  SER A CA  1 
ATOM   734  C  C   . SER A 1 90  ? -7.924  -7.811  -1.514  1.00 17.83 ? 87  SER A C   1 
ATOM   735  O  O   . SER A 1 90  ? -8.346  -8.720  -2.227  1.00 18.15 ? 87  SER A O   1 
ATOM   736  C  CB  . SER A 1 90  ? -9.673  -8.468  0.167   1.00 16.92 ? 87  SER A CB  1 
ATOM   737  O  OG  . SER A 1 90  ? -9.710  -8.896  1.511   1.00 18.31 ? 87  SER A OG  1 
ATOM   738  N  N   . CYS A 1 91  ? -7.015  -6.927  -1.932  1.00 16.84 ? 88  CYS A N   1 
ATOM   739  C  CA  . CYS A 1 91  ? -6.416  -7.004  -3.237  1.00 17.47 ? 88  CYS A CA  1 
ATOM   740  C  C   . CYS A 1 91  ? -4.959  -7.482  -3.110  1.00 17.43 ? 88  CYS A C   1 
ATOM   741  O  O   . CYS A 1 91  ? -4.399  -7.567  -2.004  1.00 17.86 ? 88  CYS A O   1 
ATOM   742  C  CB  . CYS A 1 91  ? -6.511  -5.653  -3.944  1.00 17.79 ? 88  CYS A CB  1 
ATOM   743  S  SG  . CYS A 1 91  ? -5.814  -4.281  -2.995  1.00 18.63 ? 88  CYS A SG  1 
ATOM   744  N  N   . HIS A 1 92  ? -4.366  -7.828  -4.233  1.00 17.46 ? 89  HIS A N   1 
ATOM   745  C  CA  . HIS A 1 92  ? -2.985  -8.298  -4.277  1.00 17.65 ? 89  HIS A CA  1 
ATOM   746  C  C   . HIS A 1 92  ? -2.226  -7.367  -5.221  1.00 17.35 ? 89  HIS A C   1 
ATOM   747  O  O   . HIS A 1 92  ? -2.478  -7.355  -6.432  1.00 17.48 ? 89  HIS A O   1 
ATOM   748  C  CB  . HIS A 1 92  ? -2.923  -9.748  -4.791  1.00 18.08 ? 89  HIS A CB  1 
ATOM   749  C  CG  . HIS A 1 92  ? -1.568  -10.367 -4.674  1.00 20.85 ? 89  HIS A CG  1 
ATOM   750  N  ND1 . HIS A 1 92  ? -1.384  -11.690 -4.338  1.00 30.81 ? 89  HIS A ND1 1 
ATOM   751  C  CD2 . HIS A 1 92  ? -0.325  -9.838  -4.809  1.00 22.56 ? 89  HIS A CD2 1 
ATOM   752  C  CE1 . HIS A 1 92  ? -0.083  -11.955 -4.292  1.00 29.38 ? 89  HIS A CE1 1 
ATOM   753  N  NE2 . HIS A 1 92  ? 0.580   -10.853 -4.591  1.00 24.62 ? 89  HIS A NE2 1 
ATOM   754  N  N   . ILE A 1 93  ? -1.326  -6.570  -4.675  1.00 17.00 ? 90  ILE A N   1 
ATOM   755  C  CA  . ILE A 1 93  ? -0.579  -5.601  -5.465  1.00 17.19 ? 90  ILE A CA  1 
ATOM   756  C  C   . ILE A 1 93  ? 0.815   -6.158  -5.600  1.00 17.29 ? 90  ILE A C   1 
ATOM   757  O  O   . ILE A 1 93  ? 1.542   -6.284  -4.623  1.00 16.78 ? 90  ILE A O   1 
ATOM   758  C  CB  A ILE A 1 93  ? -0.572  -4.227  -4.814  0.55 16.70 ? 90  ILE A CB  1 
ATOM   759  C  CB  B ILE A 1 93  ? -0.498  -4.217  -4.766  0.45 17.15 ? 90  ILE A CB  1 
ATOM   760  C  CG1 A ILE A 1 93  ? -2.009  -3.722  -4.657  0.55 16.85 ? 90  ILE A CG1 1 
ATOM   761  C  CG1 B ILE A 1 93  ? -1.857  -3.762  -4.210  0.45 18.12 ? 90  ILE A CG1 1 
ATOM   762  C  CG2 A ILE A 1 93  ? 0.261   -3.244  -5.655  0.55 17.22 ? 90  ILE A CG2 1 
ATOM   763  C  CG2 B ILE A 1 93  ? 0.109   -3.173  -5.718  0.45 17.56 ? 90  ILE A CG2 1 
ATOM   764  C  CD1 A ILE A 1 93  ? -2.142  -2.568  -3.736  0.55 14.96 ? 90  ILE A CD1 1 
ATOM   765  C  CD1 B ILE A 1 93  ? -2.934  -3.608  -5.241  0.45 18.81 ? 90  ILE A CD1 1 
ATOM   766  N  N   . LYS A 1 94  ? 1.202   -6.467  -6.831  1.00 17.66 ? 91  LYS A N   1 
ATOM   767  C  CA  . LYS A 1 94  ? 2.447   -7.147  -7.065  1.00 18.09 ? 91  LYS A CA  1 
ATOM   768  C  C   . LYS A 1 94  ? 3.609   -6.153  -7.102  1.00 18.14 ? 91  LYS A C   1 
ATOM   769  O  O   . LYS A 1 94  ? 3.421   -4.925  -7.205  1.00 17.71 ? 91  LYS A O   1 
ATOM   770  C  CB  . LYS A 1 94  ? 2.343   -8.004  -8.337  1.00 18.35 ? 91  LYS A CB  1 
ATOM   771  C  CG  . LYS A 1 94  ? 1.333   -9.142  -8.169  1.00 21.10 ? 91  LYS A CG  1 
ATOM   772  C  CD  . LYS A 1 94  ? 1.260   -10.104 -9.327  1.00 26.41 ? 91  LYS A CD  1 
ATOM   773  C  CE  . LYS A 1 94  ? 0.183   -11.181 -9.044  1.00 29.33 ? 91  LYS A CE  1 
ATOM   774  N  NZ  . LYS A 1 94  ? 0.052   -12.163 -10.160 1.00 30.99 ? 91  LYS A NZ  1 
ATOM   775  N  N   . LYS A 1 95  ? 4.819   -6.694  -7.042  1.00 18.28 ? 92  LYS A N   1 
ATOM   776  C  CA  . LYS A 1 95  ? 5.989   -5.885  -6.778  1.00 19.14 ? 92  LYS A CA  1 
ATOM   777  C  C   . LYS A 1 95  ? 6.159   -4.760  -7.791  1.00 18.55 ? 92  LYS A C   1 
ATOM   778  O  O   . LYS A 1 95  ? 5.827   -4.920  -8.959  1.00 18.48 ? 92  LYS A O   1 
ATOM   779  C  CB  . LYS A 1 95  ? 7.256   -6.738  -6.677  1.00 20.15 ? 92  LYS A CB  1 
ATOM   780  C  CG  . LYS A 1 95  ? 7.686   -7.410  -7.962  1.00 22.86 ? 92  LYS A CG  1 
ATOM   781  C  CD  . LYS A 1 95  ? 8.910   -8.328  -7.710  1.00 28.60 ? 92  LYS A CD  1 
ATOM   782  C  CE  . LYS A 1 95  ? 9.294   -9.108  -8.976  1.00 32.70 ? 92  LYS A CE  1 
ATOM   783  N  NZ  . LYS A 1 95  ? 10.769  -9.461  -9.051  1.00 34.17 ? 92  LYS A NZ  1 
ATOM   784  N  N   . ASP A 1 96  ? 6.654   -3.623  -7.308  1.00 18.84 ? 93  ASP A N   1 
ATOM   785  C  CA  . ASP A 1 96  ? 6.929   -2.430  -8.120  1.00 19.46 ? 93  ASP A CA  1 
ATOM   786  C  C   . ASP A 1 96  ? 5.720   -1.715  -8.700  1.00 19.04 ? 93  ASP A C   1 
ATOM   787  O  O   . ASP A 1 96  ? 5.891   -0.718  -9.400  1.00 19.89 ? 93  ASP A O   1 
ATOM   788  C  CB  . ASP A 1 96  ? 7.883   -2.757  -9.272  1.00 20.55 ? 93  ASP A CB  1 
ATOM   789  C  CG  . ASP A 1 96  ? 9.241   -3.143  -8.793  1.00 25.41 ? 93  ASP A CG  1 
ATOM   790  O  OD1 . ASP A 1 96  ? 9.883   -2.346  -8.077  1.00 26.78 ? 93  ASP A OD1 1 
ATOM   791  O  OD2 . ASP A 1 96  ? 9.738   -4.240  -9.114  1.00 33.65 ? 93  ASP A OD2 1 
ATOM   792  N  N   . ALA A 1 97  ? 4.503   -2.180  -8.417  1.00 18.39 ? 94  ALA A N   1 
ATOM   793  C  CA  . ALA A 1 97  ? 3.317   -1.475  -8.881  1.00 17.74 ? 94  ALA A CA  1 
ATOM   794  C  C   . ALA A 1 97  ? 3.136   -0.147  -8.145  1.00 17.73 ? 94  ALA A C   1 
ATOM   795  O  O   . ALA A 1 97  ? 3.707   0.078   -7.077  1.00 16.77 ? 94  ALA A O   1 
ATOM   796  C  CB  . ALA A 1 97  ? 2.076   -2.336  -8.720  1.00 18.97 ? 94  ALA A CB  1 
ATOM   797  N  N   . LEU A 1 98  ? 2.339   0.725   -8.737  1.00 17.64 ? 95  LEU A N   1 
ATOM   798  C  CA  . LEU A 1 98  ? 2.031   2.040   -8.171  1.00 17.71 ? 95  LEU A CA  1 
ATOM   799  C  C   . LEU A 1 98  ? 0.528   2.226   -8.243  1.00 17.74 ? 95  LEU A C   1 
ATOM   800  O  O   . LEU A 1 98  ? -0.066  2.052   -9.316  1.00 17.99 ? 95  LEU A O   1 
ATOM   801  C  CB  . LEU A 1 98  ? 2.759   3.154   -8.924  1.00 18.19 ? 95  LEU A CB  1 
ATOM   802  C  CG  . LEU A 1 98  ? 2.555   4.600   -8.428  1.00 20.47 ? 95  LEU A CG  1 
ATOM   803  C  CD1 . LEU A 1 98  ? 3.778   5.484   -8.693  1.00 22.74 ? 95  LEU A CD1 1 
ATOM   804  C  CD2 . LEU A 1 98  ? 1.324   5.240   -9.029  1.00 20.57 ? 95  LEU A CD2 1 
ATOM   805  N  N   . ILE A 1 99  ? -0.086  2.603   -7.119  1.00 16.85 ? 96  ILE A N   1 
ATOM   806  C  CA  . ILE A 1 99  ? -1.514  2.886   -7.075  1.00 16.89 ? 96  ILE A CA  1 
ATOM   807  C  C   . ILE A 1 99  ? -1.685  4.386   -6.917  1.00 16.89 ? 96  ILE A C   1 
ATOM   808  O  O   . ILE A 1 99  ? -1.286  4.962   -5.908  1.00 16.71 ? 96  ILE A O   1 
ATOM   809  C  CB  . ILE A 1 99  ? -2.209  2.176   -5.903  1.00 16.18 ? 96  ILE A CB  1 
ATOM   810  C  CG1 . ILE A 1 99  ? -1.854  0.673   -5.850  1.00 17.86 ? 96  ILE A CG1 1 
ATOM   811  C  CG2 . ILE A 1 99  ? -3.738  2.392   -5.982  1.00 17.04 ? 96  ILE A CG2 1 
ATOM   812  C  CD1 . ILE A 1 99  ? -2.116  -0.131  -7.110  1.00 18.23 ? 96  ILE A CD1 1 
ATOM   813  N  N   . GLY A 1 100 ? -2.322  5.005   -7.894  1.00 16.88 ? 97  GLY A N   1 
ATOM   814  C  CA  . GLY A 1 100 ? -2.473  6.448   -7.899  1.00 16.97 ? 97  GLY A CA  1 
ATOM   815  C  C   . GLY A 1 100 ? -3.381  6.920   -6.787  1.00 16.80 ? 97  GLY A C   1 
ATOM   816  O  O   . GLY A 1 100 ? -4.347  6.248   -6.420  1.00 16.66 ? 97  GLY A O   1 
HETATM 817  N  N   . MSE A 1 101 ? -3.072  8.107   -6.287  1.00 16.51 ? 98  MSE A N   1 
HETATM 818  C  CA  . MSE A 1 101 ? -3.786  8.727   -5.182  1.00 17.02 ? 98  MSE A CA  1 
HETATM 819  C  C   . MSE A 1 101 ? -5.280  8.772   -5.450  1.00 16.69 ? 98  MSE A C   1 
HETATM 820  O  O   . MSE A 1 101 ? -5.723  8.987   -6.580  1.00 16.95 ? 98  MSE A O   1 
HETATM 821  C  CB  . MSE A 1 101 ? -3.246  10.145  -4.945  1.00 17.50 ? 98  MSE A CB  1 
HETATM 822  C  CG  . MSE A 1 101 ? -3.592  11.142  -6.049  1.00 19.54 ? 98  MSE A CG  1 
HETATM 823  SE SE  . MSE A 1 101 ? -2.478  12.803  -5.836  0.88 25.21 ? 98  MSE A SE  1 
HETATM 824  C  CE  . MSE A 1 101 ? -0.868  12.166  -6.716  1.00 29.00 ? 98  MSE A CE  1 
ATOM   825  N  N   . GLY A 1 102 ? -6.062  8.546   -4.405  1.00 16.52 ? 99  GLY A N   1 
ATOM   826  C  CA  . GLY A 1 102 ? -7.503  8.616   -4.500  1.00 17.33 ? 99  GLY A CA  1 
ATOM   827  C  C   . GLY A 1 102 ? -8.155  7.412   -5.151  1.00 18.03 ? 99  GLY A C   1 
ATOM   828  O  O   . GLY A 1 102 ? -9.338  7.460   -5.459  1.00 19.10 ? 99  GLY A O   1 
ATOM   829  N  N   . SER A 1 103 ? -7.417  6.347   -5.394  1.00 17.46 ? 100 SER A N   1 
ATOM   830  C  CA  . SER A 1 103 ? -7.999  5.161   -6.015  1.00 17.22 ? 100 SER A CA  1 
ATOM   831  C  C   . SER A 1 103 ? -8.620  4.203   -4.994  1.00 17.00 ? 100 SER A C   1 
ATOM   832  O  O   . SER A 1 103 ? -8.311  4.261   -3.797  1.00 16.60 ? 100 SER A O   1 
ATOM   833  C  CB  . SER A 1 103 ? -6.938  4.407   -6.814  1.00 18.49 ? 100 SER A CB  1 
ATOM   834  O  OG  . SER A 1 103 ? -6.445  5.188   -7.892  1.00 17.55 ? 100 SER A OG  1 
ATOM   835  N  N   . ILE A 1 104 ? -9.445  3.286   -5.501  1.00 16.49 ? 101 ILE A N   1 
ATOM   836  C  CA  . ILE A 1 104 ? -10.069 2.222   -4.722  1.00 16.67 ? 101 ILE A CA  1 
ATOM   837  C  C   . ILE A 1 104 ? -9.790  0.902   -5.447  1.00 16.13 ? 101 ILE A C   1 
ATOM   838  O  O   . ILE A 1 104 ? -10.113 0.769   -6.613  1.00 16.18 ? 101 ILE A O   1 
ATOM   839  C  CB  . ILE A 1 104 ? -11.603 2.427   -4.631  1.00 17.31 ? 101 ILE A CB  1 
ATOM   840  C  CG1 . ILE A 1 104 ? -11.929 3.775   -3.990  1.00 20.36 ? 101 ILE A CG1 1 
ATOM   841  C  CG2 . ILE A 1 104 ? -12.256 1.277   -3.873  1.00 18.47 ? 101 ILE A CG2 1 
ATOM   842  C  CD1 . ILE A 1 104 ? -13.434 4.133   -3.993  1.00 22.57 ? 101 ILE A CD1 1 
ATOM   843  N  N   . ILE A 1 105 ? -9.191  -0.064  -4.761  1.00 16.24 ? 102 ILE A N   1 
ATOM   844  C  CA  . ILE A 1 105 ? -8.814  -1.332  -5.368  1.00 16.36 ? 102 ILE A CA  1 
ATOM   845  C  C   . ILE A 1 105 ? -9.518  -2.412  -4.540  1.00 17.05 ? 102 ILE A C   1 
ATOM   846  O  O   . ILE A 1 105 ? -9.248  -2.557  -3.336  1.00 17.05 ? 102 ILE A O   1 
ATOM   847  C  CB  . ILE A 1 105 ? -7.305  -1.560  -5.316  1.00 16.71 ? 102 ILE A CB  1 
ATOM   848  C  CG1 . ILE A 1 105 ? -6.494  -0.315  -5.752  1.00 18.22 ? 102 ILE A CG1 1 
ATOM   849  C  CG2 . ILE A 1 105 ? -6.949  -2.812  -6.127  1.00 17.86 ? 102 ILE A CG2 1 
ATOM   850  C  CD1 . ILE A 1 105 ? -6.686  0.127   -7.169  1.00 18.85 ? 102 ILE A CD1 1 
ATOM   851  N  N   . LEU A 1 106 ? -10.428 -3.137  -5.171  1.00 17.11 ? 103 LEU A N   1 
ATOM   852  C  CA  . LEU A 1 106 ? -11.374 -3.988  -4.472  1.00 17.45 ? 103 LEU A CA  1 
ATOM   853  C  C   . LEU A 1 106 ? -10.998 -5.472  -4.443  1.00 18.00 ? 103 LEU A C   1 
ATOM   854  O  O   . LEU A 1 106 ? -9.938  -5.884  -4.917  1.00 17.32 ? 103 LEU A O   1 
ATOM   855  C  CB  . LEU A 1 106 ? -12.777 -3.765  -5.037  1.00 18.40 ? 103 LEU A CB  1 
ATOM   856  C  CG  . LEU A 1 106 ? -13.337 -2.340  -4.855  1.00 19.27 ? 103 LEU A CG  1 
ATOM   857  C  CD1 . LEU A 1 106 ? -14.663 -2.218  -5.541  1.00 22.61 ? 103 LEU A CD1 1 
ATOM   858  C  CD2 . LEU A 1 106 ? -13.505 -1.996  -3.400  1.00 20.91 ? 103 LEU A CD2 1 
ATOM   859  N  N   . ASP A 1 107 ? -11.882 -6.258  -3.840  1.00 19.12 ? 104 ASP A N   1 
ATOM   860  C  CA  . ASP A 1 107 ? -11.584 -7.628  -3.424  1.00 20.14 ? 104 ASP A CA  1 
ATOM   861  C  C   . ASP A 1 107 ? -11.242 -8.544  -4.563  1.00 19.66 ? 104 ASP A C   1 
ATOM   862  O  O   . ASP A 1 107 ? -11.962 -8.619  -5.568  1.00 19.72 ? 104 ASP A O   1 
ATOM   863  C  CB  . ASP A 1 107 ? -12.787 -8.176  -2.662  1.00 21.92 ? 104 ASP A CB  1 
ATOM   864  C  CG  . ASP A 1 107 ? -13.269 -7.196  -1.632  1.00 25.88 ? 104 ASP A CG  1 
ATOM   865  O  OD1 . ASP A 1 107 ? -13.045 -7.471  -0.444  1.00 30.71 ? 104 ASP A OD1 1 
ATOM   866  O  OD2 . ASP A 1 107 ? -13.764 -6.067  -1.947  1.00 30.06 ? 104 ASP A OD2 1 
ATOM   867  N  N   . GLY A 1 108 ? -10.143 -9.266  -4.411  1.00 19.05 ? 105 GLY A N   1 
ATOM   868  C  CA  . GLY A 1 108 ? -9.724  -10.220 -5.417  1.00 19.31 ? 105 GLY A CA  1 
ATOM   869  C  C   . GLY A 1 108 ? -9.054  -9.595  -6.618  1.00 19.16 ? 105 GLY A C   1 
ATOM   870  O  O   . GLY A 1 108 ? -8.632  -10.328 -7.518  1.00 18.57 ? 105 GLY A O   1 
ATOM   871  N  N   . ALA A 1 109 ? -8.932  -8.262  -6.645  1.00 18.76 ? 106 ALA A N   1 
ATOM   872  C  CA  . ALA A 1 109 ? -8.214  -7.588  -7.718  1.00 18.72 ? 106 ALA A CA  1 
ATOM   873  C  C   . ALA A 1 109 ? -6.739  -7.908  -7.633  1.00 19.02 ? 106 ALA A C   1 
ATOM   874  O  O   . ALA A 1 109 ? -6.198  -8.106  -6.541  1.00 19.20 ? 106 ALA A O   1 
ATOM   875  C  CB  . ALA A 1 109 ? -8.429  -6.062  -7.671  1.00 18.80 ? 106 ALA A CB  1 
ATOM   876  N  N   . GLU A 1 110 ? -6.099  -7.989  -8.791  1.00 19.76 ? 107 GLU A N   1 
ATOM   877  C  CA  . GLU A 1 110 ? -4.690  -8.287  -8.879  1.00 20.86 ? 107 GLU A CA  1 
ATOM   878  C  C   . GLU A 1 110 ? -4.023  -7.221  -9.735  1.00 20.86 ? 107 GLU A C   1 
ATOM   879  O  O   . GLU A 1 110 ? -4.380  -7.046  -10.918 1.00 21.36 ? 107 GLU A O   1 
ATOM   880  C  CB  . GLU A 1 110 ? -4.498  -9.672  -9.496  1.00 22.18 ? 107 GLU A CB  1 
ATOM   881  C  CG  . GLU A 1 110 ? -5.231  -10.762 -8.721  1.00 26.66 ? 107 GLU A CG  1 
ATOM   882  C  CD  . GLU A 1 110 ? -5.110  -12.137 -9.390  1.00 32.25 ? 107 GLU A CD  1 
ATOM   883  O  OE1 . GLU A 1 110 ? -4.284  -12.278 -10.314 1.00 34.34 ? 107 GLU A OE1 1 
ATOM   884  O  OE2 . GLU A 1 110 ? -5.833  -13.063 -8.968  1.00 35.97 ? 107 GLU A OE2 1 
ATOM   885  N  N   . ILE A 1 111 ? -3.065  -6.504  -9.156  1.00 19.83 ? 108 ILE A N   1 
ATOM   886  C  CA  . ILE A 1 111 ? -2.351  -5.465  -9.869  1.00 19.72 ? 108 ILE A CA  1 
ATOM   887  C  C   . ILE A 1 111 ? -0.989  -6.025  -10.247 1.00 19.93 ? 108 ILE A C   1 
ATOM   888  O  O   . ILE A 1 111 ? -0.157  -6.303  -9.386  1.00 19.15 ? 108 ILE A O   1 
ATOM   889  C  CB  . ILE A 1 111 ? -2.187  -4.196  -9.026  1.00 19.74 ? 108 ILE A CB  1 
ATOM   890  C  CG1 . ILE A 1 111 ? -3.534  -3.716  -8.454  1.00 20.86 ? 108 ILE A CG1 1 
ATOM   891  C  CG2 . ILE A 1 111 ? -1.532  -3.081  -9.883  1.00 19.32 ? 108 ILE A CG2 1 
ATOM   892  C  CD1 . ILE A 1 111 ? -4.644  -3.506  -9.446  1.00 21.50 ? 108 ILE A CD1 1 
ATOM   893  N  N   . GLY A 1 112 ? -0.760  -6.202  -11.540 1.00 19.25 ? 109 GLY A N   1 
ATOM   894  C  CA  . GLY A 1 112 ? 0.441   -6.864  -12.001 1.00 19.17 ? 109 GLY A CA  1 
ATOM   895  C  C   . GLY A 1 112 ? 1.698   -6.090  -11.668 1.00 19.24 ? 109 GLY A C   1 
ATOM   896  O  O   . GLY A 1 112 ? 1.680   -4.873  -11.423 1.00 17.46 ? 109 GLY A O   1 
ATOM   897  N  N   . GLU A 1 113 ? 2.809   -6.814  -11.693 1.00 19.30 ? 110 GLU A N   1 
ATOM   898  C  CA  . GLU A 1 113 ? 4.120   -6.263  -11.400 1.00 20.22 ? 110 GLU A CA  1 
ATOM   899  C  C   . GLU A 1 113 ? 4.430   -5.005  -12.233 1.00 20.07 ? 110 GLU A C   1 
ATOM   900  O  O   . GLU A 1 113 ? 4.308   -5.003  -13.458 1.00 19.30 ? 110 GLU A O   1 
ATOM   901  C  CB  . GLU A 1 113 ? 5.158   -7.362  -11.645 1.00 21.58 ? 110 GLU A CB  1 
ATOM   902  C  CG  . GLU A 1 113 ? 6.583   -6.942  -11.491 1.00 26.56 ? 110 GLU A CG  1 
ATOM   903  C  CD  . GLU A 1 113 ? 7.566   -8.081  -11.795 1.00 33.41 ? 110 GLU A CD  1 
ATOM   904  O  OE1 . GLU A 1 113 ? 7.144   -9.266  -11.864 1.00 35.21 ? 110 GLU A OE1 1 
ATOM   905  O  OE2 . GLU A 1 113 ? 8.766   -7.761  -11.970 1.00 37.27 ? 110 GLU A OE2 1 
ATOM   906  N  N   . GLY A 1 114 ? 4.777   -3.913  -11.557 1.00 19.46 ? 111 GLY A N   1 
ATOM   907  C  CA  . GLY A 1 114 ? 5.145   -2.690  -12.235 1.00 19.59 ? 111 GLY A CA  1 
ATOM   908  C  C   . GLY A 1 114 ? 4.016   -1.981  -12.967 1.00 19.35 ? 111 GLY A C   1 
ATOM   909  O  O   . GLY A 1 114 ? 4.284   -1.085  -13.775 1.00 19.03 ? 111 GLY A O   1 
ATOM   910  N  N   . ALA A 1 115 ? 2.761   -2.340  -12.696 1.00 19.17 ? 112 ALA A N   1 
ATOM   911  C  CA  . ALA A 1 115 ? 1.648   -1.626  -13.299 1.00 19.01 ? 112 ALA A CA  1 
ATOM   912  C  C   . ALA A 1 115 ? 1.419   -0.302  -12.572 1.00 19.57 ? 112 ALA A C   1 
ATOM   913  O  O   . ALA A 1 115 ? 1.836   -0.122  -11.429 1.00 18.87 ? 112 ALA A O   1 
ATOM   914  C  CB  . ALA A 1 115 ? 0.401   -2.457  -13.282 1.00 19.81 ? 112 ALA A CB  1 
ATOM   915  N  N   . PHE A 1 116 ? 0.754   0.618   -13.251 1.00 19.28 ? 113 PHE A N   1 
ATOM   916  C  CA  . PHE A 1 116 ? 0.520   1.970   -12.744 1.00 19.73 ? 113 PHE A CA  1 
ATOM   917  C  C   . PHE A 1 116 ? -0.972  2.202   -12.851 1.00 19.57 ? 113 PHE A C   1 
ATOM   918  O  O   . PHE A 1 116 ? -1.528  2.161   -13.957 1.00 20.36 ? 113 PHE A O   1 
ATOM   919  C  CB  . PHE A 1 116 ? 1.286   2.966   -13.623 1.00 19.76 ? 113 PHE A CB  1 
ATOM   920  C  CG  . PHE A 1 116 ? 1.325   4.382   -13.102 1.00 21.78 ? 113 PHE A CG  1 
ATOM   921  C  CD1 . PHE A 1 116 ? 2.546   5.003   -12.849 1.00 23.47 ? 113 PHE A CD1 1 
ATOM   922  C  CD2 . PHE A 1 116 ? 0.157   5.125   -12.931 1.00 21.70 ? 113 PHE A CD2 1 
ATOM   923  C  CE1 . PHE A 1 116 ? 2.594   6.329   -12.392 1.00 24.84 ? 113 PHE A CE1 1 
ATOM   924  C  CE2 . PHE A 1 116 ? 0.205   6.440   -12.490 1.00 23.44 ? 113 PHE A CE2 1 
ATOM   925  C  CZ  . PHE A 1 116 ? 1.419   7.041   -12.223 1.00 24.17 ? 113 PHE A CZ  1 
ATOM   926  N  N   . ILE A 1 117 ? -1.623  2.434   -11.715 1.00 18.67 ? 114 ILE A N   1 
ATOM   927  C  CA  . ILE A 1 117 ? -3.039  2.732   -11.673 1.00 18.20 ? 114 ILE A CA  1 
ATOM   928  C  C   . ILE A 1 117 ? -3.160  4.235   -11.528 1.00 18.19 ? 114 ILE A C   1 
ATOM   929  O  O   . ILE A 1 117 ? -2.625  4.824   -10.592 1.00 17.91 ? 114 ILE A O   1 
ATOM   930  C  CB  . ILE A 1 117 ? -3.720  2.060   -10.487 1.00 18.15 ? 114 ILE A CB  1 
ATOM   931  C  CG1 . ILE A 1 117 ? -3.510  0.549   -10.512 1.00 18.45 ? 114 ILE A CG1 1 
ATOM   932  C  CG2 . ILE A 1 117 ? -5.206  2.397   -10.470 1.00 18.47 ? 114 ILE A CG2 1 
ATOM   933  C  CD1 . ILE A 1 117 ? -3.903  -0.146  -11.801 1.00 18.63 ? 114 ILE A CD1 1 
ATOM   934  N  N   . GLY A 1 118 ? -3.843  4.864   -12.472 1.00 18.04 ? 115 GLY A N   1 
ATOM   935  C  CA  . GLY A 1 118 ? -3.940  6.318   -12.492 1.00 18.02 ? 115 GLY A CA  1 
ATOM   936  C  C   . GLY A 1 118 ? -4.750  6.820   -11.317 1.00 18.29 ? 115 GLY A C   1 
ATOM   937  O  O   . GLY A 1 118 ? -5.635  6.123   -10.774 1.00 18.43 ? 115 GLY A O   1 
ATOM   938  N  N   . ALA A 1 119 ? -4.474  8.061   -10.936 1.00 18.51 ? 116 ALA A N   1 
ATOM   939  C  CA  . ALA A 1 119 ? -5.186  8.684   -9.840  1.00 18.51 ? 116 ALA A CA  1 
ATOM   940  C  C   . ALA A 1 119 ? -6.698  8.589   -10.027 1.00 18.71 ? 116 ALA A C   1 
ATOM   941  O  O   . ALA A 1 119 ? -7.232  8.692   -11.151 1.00 18.00 ? 116 ALA A O   1 
ATOM   942  C  CB  . ALA A 1 119 ? -4.747  10.152  -9.670  1.00 19.32 ? 116 ALA A CB  1 
ATOM   943  N  N   . GLY A 1 120 ? -7.386  8.400   -8.908  1.00 17.23 ? 117 GLY A N   1 
ATOM   944  C  CA  . GLY A 1 120 ? -8.830  8.432   -8.857  1.00 17.72 ? 117 GLY A CA  1 
ATOM   945  C  C   . GLY A 1 120 ? -9.541  7.249   -9.458  1.00 17.87 ? 117 GLY A C   1 
ATOM   946  O  O   . GLY A 1 120 ? -10.752 7.327   -9.705  1.00 17.80 ? 117 GLY A O   1 
ATOM   947  N  N   . SER A 1 121 ? -8.821  6.147   -9.672  1.00 17.28 ? 118 SER A N   1 
ATOM   948  C  CA  . SER A 1 121 ? -9.382  4.973   -10.330 1.00 17.31 ? 118 SER A CA  1 
ATOM   949  C  C   . SER A 1 121 ? -10.180 4.073   -9.378  1.00 18.13 ? 118 SER A C   1 
ATOM   950  O  O   . SER A 1 121 ? -10.005 4.121   -8.163  1.00 17.87 ? 118 SER A O   1 
ATOM   951  C  CB  . SER A 1 121 ? -8.251  4.158   -10.964 1.00 17.96 ? 118 SER A CB  1 
ATOM   952  O  OG  . SER A 1 121 ? -7.625  4.872   -12.012 1.00 19.15 ? 118 SER A OG  1 
ATOM   953  N  N   . LEU A 1 122 ? -11.064 3.251   -9.935  1.00 18.06 ? 119 LEU A N   1 
ATOM   954  C  CA  . LEU A 1 122 ? -11.714 2.201   -9.181  1.00 18.49 ? 119 LEU A CA  1 
ATOM   955  C  C   . LEU A 1 122 ? -11.447 0.899   -9.913  1.00 18.68 ? 119 LEU A C   1 
ATOM   956  O  O   . LEU A 1 122 ? -11.856 0.745   -11.070 1.00 18.25 ? 119 LEU A O   1 
ATOM   957  C  CB  . LEU A 1 122 ? -13.207 2.465   -9.059  1.00 19.74 ? 119 LEU A CB  1 
ATOM   958  C  CG  . LEU A 1 122 ? -13.955 1.468   -8.145  1.00 21.90 ? 119 LEU A CG  1 
ATOM   959  C  CD1 . LEU A 1 122 ? -15.223 2.099   -7.682  1.00 27.26 ? 119 LEU A CD1 1 
ATOM   960  C  CD2 . LEU A 1 122 ? -14.268 0.190   -8.863  1.00 27.14 ? 119 LEU A CD2 1 
ATOM   961  N  N   . VAL A 1 123 ? -10.697 -0.002  -9.287  1.00 18.33 ? 120 VAL A N   1 
ATOM   962  C  CA  . VAL A 1 123 ? -10.425 -1.323  -9.854  1.00 18.63 ? 120 VAL A CA  1 
ATOM   963  C  C   . VAL A 1 123 ? -11.406 -2.288  -9.192  1.00 19.65 ? 120 VAL A C   1 
ATOM   964  O  O   . VAL A 1 123 ? -11.363 -2.526  -7.973  1.00 18.52 ? 120 VAL A O   1 
ATOM   965  C  CB  . VAL A 1 123 ? -8.970  -1.738  -9.630  1.00 18.75 ? 120 VAL A CB  1 
ATOM   966  C  CG1 . VAL A 1 123 ? -8.718  -3.165  -10.143 1.00 18.24 ? 120 VAL A CG1 1 
ATOM   967  C  CG2 . VAL A 1 123 ? -8.026  -0.766  -10.303 1.00 19.99 ? 120 VAL A CG2 1 
ATOM   968  N  N   . SER A 1 124 ? -12.316 -2.819  -10.009 1.00 19.64 ? 121 SER A N   1 
ATOM   969  C  CA  . SER A 1 124 ? -13.421 -3.618  -9.523  1.00 20.39 ? 121 SER A CA  1 
ATOM   970  C  C   . SER A 1 124 ? -12.955 -4.976  -8.985  1.00 20.32 ? 121 SER A C   1 
ATOM   971  O  O   . SER A 1 124 ? -11.833 -5.423  -9.242  1.00 19.60 ? 121 SER A O   1 
ATOM   972  C  CB  A SER A 1 124 ? -14.420 -3.903  -10.665 0.51 21.30 ? 121 SER A CB  1 
ATOM   973  C  CB  B SER A 1 124 ? -14.484 -3.794  -10.613 0.49 21.17 ? 121 SER A CB  1 
ATOM   974  O  OG  A SER A 1 124 ? -14.834 -2.734  -11.345 0.51 22.74 ? 121 SER A OG  1 
ATOM   975  O  OG  B SER A 1 124 ? -13.931 -4.391  -11.759 0.49 21.31 ? 121 SER A OG  1 
ATOM   976  N  N   . GLN A 1 125 ? -13.858 -5.635  -8.275  1.00 20.35 ? 122 GLN A N   1 
ATOM   977  C  CA  . GLN A 1 125 ? -13.607 -6.934  -7.685  1.00 21.62 ? 122 GLN A CA  1 
ATOM   978  C  C   . GLN A 1 125 ? -13.172 -7.920  -8.758  1.00 21.51 ? 122 GLN A C   1 
ATOM   979  O  O   . GLN A 1 125 ? -13.777 -7.966  -9.834  1.00 19.43 ? 122 GLN A O   1 
ATOM   980  C  CB  . GLN A 1 125 ? -14.872 -7.445  -6.980  1.00 23.16 ? 122 GLN A CB  1 
ATOM   981  C  CG  . GLN A 1 125 ? -15.162 -6.702  -5.651  1.00 26.79 ? 122 GLN A CG  1 
ATOM   982  C  CD  . GLN A 1 125 ? -16.416 -7.186  -4.938  1.00 35.70 ? 122 GLN A CD  1 
ATOM   983  O  OE1 . GLN A 1 125 ? -17.183 -7.979  -5.492  1.00 41.98 ? 122 GLN A OE1 1 
ATOM   984  N  NE2 . GLN A 1 125 ? -16.638 -6.694  -3.715  1.00 38.89 ? 122 GLN A NE2 1 
ATOM   985  N  N   . GLY A 1 126 ? -12.095 -8.657  -8.488  1.00 21.01 ? 123 GLY A N   1 
ATOM   986  C  CA  . GLY A 1 126 ? -11.614 -9.714  -9.369  1.00 21.54 ? 123 GLY A CA  1 
ATOM   987  C  C   . GLY A 1 126 ? -10.845 -9.232  -10.588 1.00 22.04 ? 123 GLY A C   1 
ATOM   988  O  O   . GLY A 1 126 ? -10.331 -10.035 -11.353 1.00 21.19 ? 123 GLY A O   1 
ATOM   989  N  N   . LYS A 1 127 ? -10.728 -7.921  -10.772 1.00 21.65 ? 124 LYS A N   1 
ATOM   990  C  CA  . LYS A 1 127 ? -10.086 -7.389  -11.964 1.00 21.72 ? 124 LYS A CA  1 
ATOM   991  C  C   . LYS A 1 127 ? -8.580  -7.635  -11.937 1.00 22.00 ? 124 LYS A C   1 
ATOM   992  O  O   . LYS A 1 127 ? -7.908  -7.373  -10.933 1.00 21.03 ? 124 LYS A O   1 
ATOM   993  C  CB  . LYS A 1 127 ? -10.374 -5.891  -12.121 1.00 21.80 ? 124 LYS A CB  1 
ATOM   994  C  CG  . LYS A 1 127 ? -9.622  -5.220  -13.302 1.00 23.10 ? 124 LYS A CG  1 
ATOM   995  C  CD  . LYS A 1 127 ? -10.200 -5.681  -14.657 1.00 26.57 ? 124 LYS A CD  1 
ATOM   996  C  CE  . LYS A 1 127 ? -9.695  -4.852  -15.826 1.00 27.94 ? 124 LYS A CE  1 
ATOM   997  N  NZ  . LYS A 1 127 ? -10.361 -5.309  -17.094 1.00 30.80 ? 124 LYS A NZ  1 
ATOM   998  N  N   . LYS A 1 128 ? -8.044  -8.114  -13.058 1.00 21.34 ? 125 LYS A N   1 
ATOM   999  C  CA  . LYS A 1 128 ? -6.615  -8.289  -13.204 1.00 22.48 ? 125 LYS A CA  1 
ATOM   1000 C  C   . LYS A 1 128 ? -6.071  -7.180  -14.100 1.00 22.56 ? 125 LYS A C   1 
ATOM   1001 O  O   . LYS A 1 128 ? -6.554  -6.986  -15.214 1.00 22.82 ? 125 LYS A O   1 
ATOM   1002 C  CB  . LYS A 1 128 ? -6.307  -9.655  -13.820 1.00 23.58 ? 125 LYS A CB  1 
ATOM   1003 C  CG  . LYS A 1 128 ? -6.782  -10.856 -12.991 1.00 28.21 ? 125 LYS A CG  1 
ATOM   1004 C  CD  . LYS A 1 128 ? -6.309  -12.174 -13.621 1.00 34.64 ? 125 LYS A CD  1 
ATOM   1005 C  CE  . LYS A 1 128 ? -6.553  -13.390 -12.711 1.00 38.72 ? 125 LYS A CE  1 
ATOM   1006 N  NZ  . LYS A 1 128 ? -7.995  -13.582 -12.348 1.00 42.49 ? 125 LYS A NZ  1 
ATOM   1007 N  N   . ILE A 1 129 ? -5.061  -6.459  -13.625 1.00 21.52 ? 126 ILE A N   1 
ATOM   1008 C  CA  . ILE A 1 129 ? -4.360  -5.467  -14.421 1.00 20.97 ? 126 ILE A CA  1 
ATOM   1009 C  C   . ILE A 1 129 ? -3.007  -6.066  -14.791 1.00 21.52 ? 126 ILE A C   1 
ATOM   1010 O  O   . ILE A 1 129 ? -2.238  -6.460  -13.910 1.00 21.08 ? 126 ILE A O   1 
ATOM   1011 C  CB  . ILE A 1 129 ? -4.185  -4.162  -13.642 1.00 21.27 ? 126 ILE A CB  1 
ATOM   1012 C  CG1 . ILE A 1 129 ? -5.550  -3.619  -13.206 1.00 20.48 ? 126 ILE A CG1 1 
ATOM   1013 C  CG2 . ILE A 1 129 ? -3.387  -3.148  -14.487 1.00 20.76 ? 126 ILE A CG2 1 
ATOM   1014 C  CD1 . ILE A 1 129 ? -6.464  -3.177  -14.317 1.00 21.46 ? 126 ILE A CD1 1 
ATOM   1015 N  N   . PRO A 1 130 ? -2.706  -6.181  -16.084 1.00 21.99 ? 127 PRO A N   1 
ATOM   1016 C  CA  . PRO A 1 130 ? -1.456  -6.838  -16.484 1.00 22.06 ? 127 PRO A CA  1 
ATOM   1017 C  C   . PRO A 1 130 ? -0.223  -6.078  -16.026 1.00 21.69 ? 127 PRO A C   1 
ATOM   1018 O  O   . PRO A 1 130 ? -0.248  -4.852  -15.888 1.00 20.93 ? 127 PRO A O   1 
ATOM   1019 C  CB  . PRO A 1 130 ? -1.535  -6.868  -18.028 1.00 22.61 ? 127 PRO A CB  1 
ATOM   1020 C  CG  . PRO A 1 130 ? -3.004  -6.639  -18.336 1.00 23.67 ? 127 PRO A CG  1 
ATOM   1021 C  CD  . PRO A 1 130 ? -3.486  -5.715  -17.244 1.00 22.00 ? 127 PRO A CD  1 
ATOM   1022 N  N   . PRO A 1 131 ? 0.872   -6.796  -15.835 1.00 22.89 ? 128 PRO A N   1 
ATOM   1023 C  CA  . PRO A 1 131 ? 2.142   -6.159  -15.471 1.00 23.05 ? 128 PRO A CA  1 
ATOM   1024 C  C   . PRO A 1 131 ? 2.549   -5.085  -16.475 1.00 23.06 ? 128 PRO A C   1 
ATOM   1025 O  O   . PRO A 1 131 ? 2.187   -5.173  -17.656 1.00 22.62 ? 128 PRO A O   1 
ATOM   1026 C  CB  . PRO A 1 131 ? 3.143   -7.319  -15.473 1.00 23.22 ? 128 PRO A CB  1 
ATOM   1027 C  CG  . PRO A 1 131 ? 2.467   -8.430  -16.207 1.00 24.92 ? 128 PRO A CG  1 
ATOM   1028 C  CD  . PRO A 1 131 ? 1.003   -8.254  -16.012 1.00 23.20 ? 128 PRO A CD  1 
ATOM   1029 N  N   . ASN A 1 132 ? 3.228   -4.048  -16.002 1.00 22.98 ? 129 ASN A N   1 
ATOM   1030 C  CA  . ASN A 1 132 ? 3.827   -3.046  -16.880 1.00 23.73 ? 129 ASN A CA  1 
ATOM   1031 C  C   . ASN A 1 132 ? 2.827   -2.286  -17.754 1.00 23.85 ? 129 ASN A C   1 
ATOM   1032 O  O   . ASN A 1 132 ? 3.167   -1.855  -18.855 1.00 24.63 ? 129 ASN A O   1 
ATOM   1033 C  CB  . ASN A 1 132 ? 4.920   -3.715  -17.758 1.00 24.13 ? 129 ASN A CB  1 
ATOM   1034 C  CG  . ASN A 1 132 ? 5.852   -2.698  -18.393 1.00 26.08 ? 129 ASN A CG  1 
ATOM   1035 O  OD1 . ASN A 1 132 ? 6.310   -1.751  -17.728 1.00 25.07 ? 129 ASN A OD1 1 
ATOM   1036 N  ND2 . ASN A 1 132 ? 6.112   -2.862  -19.700 1.00 26.83 ? 129 ASN A ND2 1 
ATOM   1037 N  N   . THR A 1 133 ? 1.583   -2.132  -17.282 1.00 23.31 ? 130 THR A N   1 
ATOM   1038 C  CA  . THR A 1 133 ? 0.593   -1.331  -17.994 1.00 22.94 ? 130 THR A CA  1 
ATOM   1039 C  C   . THR A 1 133 ? 0.092   -0.171  -17.161 1.00 22.65 ? 130 THR A C   1 
ATOM   1040 O  O   . THR A 1 133 ? 0.185   -0.178  -15.921 1.00 21.32 ? 130 THR A O   1 
ATOM   1041 C  CB  . THR A 1 133 ? -0.621  -2.173  -18.458 1.00 23.10 ? 130 THR A CB  1 
ATOM   1042 O  OG1 . THR A 1 133 ? -1.328  -2.716  -17.329 1.00 24.36 ? 130 THR A OG1 1 
ATOM   1043 C  CG2 . THR A 1 133 ? -0.183  -3.369  -19.301 1.00 24.55 ? 130 THR A CG2 1 
ATOM   1044 N  N   . LEU A 1 134 ? -0.405  0.836   -17.866 1.00 21.99 ? 131 LEU A N   1 
ATOM   1045 C  CA  . LEU A 1 134 ? -1.173  1.921   -17.284 1.00 22.45 ? 131 LEU A CA  1 
ATOM   1046 C  C   . LEU A 1 134 ? -2.645  1.567   -17.366 1.00 22.50 ? 131 LEU A C   1 
ATOM   1047 O  O   . LEU A 1 134 ? -3.137  1.167   -18.442 1.00 22.77 ? 131 LEU A O   1 
ATOM   1048 C  CB  . LEU A 1 134 ? -0.928  3.216   -18.049 1.00 22.12 ? 131 LEU A CB  1 
ATOM   1049 C  CG  . LEU A 1 134 ? -1.745  4.444   -17.635 1.00 23.62 ? 131 LEU A CG  1 
ATOM   1050 C  CD1 . LEU A 1 134 ? -1.482  4.860   -16.170 1.00 24.35 ? 131 LEU A CD1 1 
ATOM   1051 C  CD2 . LEU A 1 134 ? -1.473  5.616   -18.579 1.00 25.55 ? 131 LEU A CD2 1 
ATOM   1052 N  N   . ALA A 1 135 ? -3.358  1.704   -16.241 1.00 21.46 ? 132 ALA A N   1 
ATOM   1053 C  CA  . ALA A 1 135 ? -4.806  1.548   -16.218 1.00 20.44 ? 132 ALA A CA  1 
ATOM   1054 C  C   . ALA A 1 135 ? -5.423  2.663   -15.405 1.00 20.87 ? 132 ALA A C   1 
ATOM   1055 O  O   . ALA A 1 135 ? -4.870  3.050   -14.379 1.00 20.45 ? 132 ALA A O   1 
ATOM   1056 C  CB  . ALA A 1 135 ? -5.193  0.198   -15.629 1.00 20.83 ? 132 ALA A CB  1 
ATOM   1057 N  N   . PHE A 1 136 ? -6.539  3.214   -15.875 1.00 20.87 ? 133 PHE A N   1 
ATOM   1058 C  CA  . PHE A 1 136 ? -7.289  4.199   -15.101 1.00 21.45 ? 133 PHE A CA  1 
ATOM   1059 C  C   . PHE A 1 136 ? -8.754  4.223   -15.462 1.00 21.31 ? 133 PHE A C   1 
ATOM   1060 O  O   . PHE A 1 136 ? -9.171  3.600   -16.454 1.00 21.03 ? 133 PHE A O   1 
ATOM   1061 C  CB  . PHE A 1 136 ? -6.663  5.602   -15.159 1.00 23.08 ? 133 PHE A CB  1 
ATOM   1062 C  CG  . PHE A 1 136 ? -6.627  6.232   -16.539 1.00 25.56 ? 133 PHE A CG  1 
ATOM   1063 C  CD1 . PHE A 1 136 ? -7.794  6.631   -17.179 1.00 30.15 ? 133 PHE A CD1 1 
ATOM   1064 C  CD2 . PHE A 1 136 ? -5.402  6.439   -17.177 1.00 29.25 ? 133 PHE A CD2 1 
ATOM   1065 C  CE1 . PHE A 1 136 ? -7.746  7.235   -18.477 1.00 32.31 ? 133 PHE A CE1 1 
ATOM   1066 C  CE2 . PHE A 1 136 ? -5.340  7.049   -18.454 1.00 30.75 ? 133 PHE A CE2 1 
ATOM   1067 C  CZ  . PHE A 1 136 ? -6.517  7.435   -19.098 1.00 32.32 ? 133 PHE A CZ  1 
ATOM   1068 N  N   . GLY A 1 137 ? -9.526  4.933   -14.643 1.00 20.94 ? 134 GLY A N   1 
ATOM   1069 C  CA  . GLY A 1 137 ? -10.952 5.093   -14.832 1.00 21.19 ? 134 GLY A CA  1 
ATOM   1070 C  C   . GLY A 1 137 ? -11.755 4.358   -13.780 1.00 21.20 ? 134 GLY A C   1 
ATOM   1071 O  O   . GLY A 1 137 ? -11.202 3.782   -12.833 1.00 19.93 ? 134 GLY A O   1 
ATOM   1072 N  N   . ARG A 1 138 ? -13.069 4.396   -13.949 1.00 21.38 ? 135 ARG A N   1 
ATOM   1073 C  CA  . ARG A 1 138 ? -14.009 3.810   -13.007 1.00 22.27 ? 135 ARG A CA  1 
ATOM   1074 C  C   . ARG A 1 138 ? -15.162 3.154   -13.760 1.00 23.76 ? 135 ARG A C   1 
ATOM   1075 O  O   . ARG A 1 138 ? -16.094 3.848   -14.155 1.00 23.63 ? 135 ARG A O   1 
ATOM   1076 C  CB  . ARG A 1 138 ? -14.586 4.891   -12.090 1.00 22.29 ? 135 ARG A CB  1 
ATOM   1077 C  CG  . ARG A 1 138 ? -13.532 5.666   -11.338 1.00 20.88 ? 135 ARG A CG  1 
ATOM   1078 C  CD  . ARG A 1 138 ? -14.112 6.801   -10.537 1.00 24.01 ? 135 ARG A CD  1 
ATOM   1079 N  NE  . ARG A 1 138 ? -14.757 6.382   -9.285  1.00 22.64 ? 135 ARG A NE  1 
ATOM   1080 C  CZ  . ARG A 1 138 ? -14.189 6.383   -8.083  1.00 24.34 ? 135 ARG A CZ  1 
ATOM   1081 N  NH1 . ARG A 1 138 ? -12.927 6.735   -7.908  1.00 22.25 ? 135 ARG A NH1 1 
ATOM   1082 N  NH2 . ARG A 1 138 ? -14.915 6.040   -7.037  1.00 24.09 ? 135 ARG A NH2 1 
ATOM   1083 N  N   . PRO A 1 139 ? -15.145 1.839   -13.948 1.00 24.52 ? 136 PRO A N   1 
ATOM   1084 C  CA  . PRO A 1 139 ? -14.065 0.944   -13.540 1.00 24.73 ? 136 PRO A CA  1 
ATOM   1085 C  C   . PRO A 1 139 ? -12.831 1.101   -14.409 1.00 24.15 ? 136 PRO A C   1 
ATOM   1086 O  O   . PRO A 1 139 ? -12.910 1.473   -15.576 1.00 24.01 ? 136 PRO A O   1 
ATOM   1087 C  CB  . PRO A 1 139 ? -14.693 -0.447  -13.712 1.00 25.63 ? 136 PRO A CB  1 
ATOM   1088 C  CG  . PRO A 1 139 ? -15.674 -0.276  -14.834 1.00 27.04 ? 136 PRO A CG  1 
ATOM   1089 C  CD  . PRO A 1 139 ? -16.247 1.123   -14.624 1.00 25.98 ? 136 PRO A CD  1 
ATOM   1090 N  N   . ALA A 1 140 ? -11.673 0.824   -13.839 1.00 22.94 ? 137 ALA A N   1 
ATOM   1091 C  CA  . ALA A 1 140 ? -10.423 1.048   -14.514 1.00 22.76 ? 137 ALA A CA  1 
ATOM   1092 C  C   . ALA A 1 140 ? -10.282 0.076   -15.701 1.00 23.94 ? 137 ALA A C   1 
ATOM   1093 O  O   . ALA A 1 140 ? -10.707 -1.082  -15.620 1.00 23.30 ? 137 ALA A O   1 
ATOM   1094 C  CB  . ALA A 1 140 ? -9.289  0.854   -13.563 1.00 23.06 ? 137 ALA A CB  1 
ATOM   1095 N  N   . LYS A 1 141 ? -9.701  0.584   -16.776 1.00 24.54 ? 138 LYS A N   1 
ATOM   1096 C  CA  . LYS A 1 141 ? -9.381  -0.195  -17.969 1.00 26.31 ? 138 LYS A CA  1 
ATOM   1097 C  C   . LYS A 1 141 ? -7.913  -0.007  -18.306 1.00 25.61 ? 138 LYS A C   1 
ATOM   1098 O  O   . LYS A 1 141 ? -7.328  1.043   -18.050 1.00 24.40 ? 138 LYS A O   1 
ATOM   1099 C  CB  . LYS A 1 141 ? -10.250 0.271   -19.148 1.00 27.55 ? 138 LYS A CB  1 
ATOM   1100 C  CG  . LYS A 1 141 ? -11.745 0.053   -18.925 1.00 33.36 ? 138 LYS A CG  1 
ATOM   1101 C  CD  . LYS A 1 141 ? -12.584 0.341   -20.181 1.00 39.98 ? 138 LYS A CD  1 
ATOM   1102 C  CE  . LYS A 1 141 ? -12.555 1.828   -20.576 1.00 43.68 ? 138 LYS A CE  1 
ATOM   1103 N  NZ  . LYS A 1 141 ? -13.535 2.142   -21.703 1.00 47.17 ? 138 LYS A NZ  1 
ATOM   1104 N  N   . VAL A 1 142 ? -7.316  -1.034  -18.899 1.00 26.70 ? 139 VAL A N   1 
ATOM   1105 C  CA  . VAL A 1 142 ? -5.944  -0.944  -19.382 1.00 27.48 ? 139 VAL A CA  1 
ATOM   1106 C  C   . VAL A 1 142 ? -5.896  0.040   -20.544 1.00 28.05 ? 139 VAL A C   1 
ATOM   1107 O  O   . VAL A 1 142 ? -6.692  -0.059  -21.480 1.00 27.60 ? 139 VAL A O   1 
ATOM   1108 C  CB  . VAL A 1 142 ? -5.424  -2.305  -19.851 1.00 28.25 ? 139 VAL A CB  1 
ATOM   1109 C  CG1 . VAL A 1 142 ? -3.971  -2.184  -20.366 1.00 30.19 ? 139 VAL A CG1 1 
ATOM   1110 C  CG2 . VAL A 1 142 ? -5.511  -3.319  -18.737 1.00 29.49 ? 139 VAL A CG2 1 
ATOM   1111 N  N   . ILE A 1 143 ? -4.980  0.993   -20.469 1.00 28.39 ? 140 ILE A N   1 
ATOM   1112 C  CA  . ILE A 1 143 ? -4.856  2.059   -21.459 1.00 29.45 ? 140 ILE A CA  1 
ATOM   1113 C  C   . ILE A 1 143 ? -3.709  1.773   -22.426 1.00 29.99 ? 140 ILE A C   1 
ATOM   1114 O  O   . ILE A 1 143 ? -3.885  1.836   -23.647 1.00 30.14 ? 140 ILE A O   1 
ATOM   1115 C  CB  . ILE A 1 143 ? -4.630  3.409   -20.762 1.00 29.81 ? 140 ILE A CB  1 
ATOM   1116 C  CG1 . ILE A 1 143 ? -5.761  3.698   -19.754 1.00 29.56 ? 140 ILE A CG1 1 
ATOM   1117 C  CG2 . ILE A 1 143 ? -4.491  4.547   -21.796 1.00 30.15 ? 140 ILE A CG2 1 
ATOM   1118 C  CD1 . ILE A 1 143 ? -7.174  3.632   -20.320 1.00 30.26 ? 140 ILE A CD1 1 
ATOM   1119 N  N   . ARG A 1 144 ? -2.542  1.463   -21.878 1.00 29.68 ? 141 ARG A N   1 
ATOM   1120 C  CA  . ARG A 1 144 ? -1.334  1.261   -22.675 1.00 29.74 ? 141 ARG A CA  1 
ATOM   1121 C  C   . ARG A 1 144 ? -0.216  0.597   -21.883 1.00 29.71 ? 141 ARG A C   1 
ATOM   1122 O  O   . ARG A 1 144 ? -0.258  0.517   -20.644 1.00 27.60 ? 141 ARG A O   1 
ATOM   1123 C  CB  . ARG A 1 144 ? -0.824  2.603   -23.214 1.00 30.17 ? 141 ARG A CB  1 
ATOM   1124 C  CG  . ARG A 1 144 ? -0.286  3.578   -22.158 1.00 31.30 ? 141 ARG A CG  1 
ATOM   1125 C  CD  . ARG A 1 144 ? 0.338   4.831   -22.739 1.00 32.69 ? 141 ARG A CD  1 
ATOM   1126 N  NE  . ARG A 1 144 ? 0.700   5.822   -21.724 1.00 34.85 ? 141 ARG A NE  1 
ATOM   1127 C  CZ  . ARG A 1 144 ? 1.777   5.757   -20.940 1.00 34.77 ? 141 ARG A CZ  1 
ATOM   1128 N  NH1 . ARG A 1 144 ? 2.635   4.748   -21.040 1.00 33.76 ? 141 ARG A NH1 1 
ATOM   1129 N  NH2 . ARG A 1 144 ? 1.994   6.721   -20.047 1.00 36.03 ? 141 ARG A NH2 1 
ATOM   1130 N  N   . GLU A 1 145 ? 0.811   0.161   -22.607 1.00 28.70 ? 142 GLU A N   1 
ATOM   1131 C  CA  . GLU A 1 145 ? 2.018   -0.352  -21.991 1.00 29.24 ? 142 GLU A CA  1 
ATOM   1132 C  C   . GLU A 1 145 ? 2.805   0.827   -21.431 1.00 28.11 ? 142 GLU A C   1 
ATOM   1133 O  O   . GLU A 1 145 ? 2.750   1.934   -21.975 1.00 26.89 ? 142 GLU A O   1 
ATOM   1134 C  CB  . GLU A 1 145 ? 2.859   -1.127  -23.016 1.00 30.08 ? 142 GLU A CB  1 
ATOM   1135 C  CG  . GLU A 1 145 ? 3.889   -2.061  -22.412 1.00 33.92 ? 142 GLU A CG  1 
ATOM   1136 C  CD  . GLU A 1 145 ? 4.644   -2.844  -23.492 1.00 40.05 ? 142 GLU A CD  1 
ATOM   1137 O  OE1 . GLU A 1 145 ? 3.979   -3.574  -24.266 1.00 43.12 ? 142 GLU A OE1 1 
ATOM   1138 O  OE2 . GLU A 1 145 ? 5.886   -2.725  -23.572 1.00 42.80 ? 142 GLU A OE2 1 
ATOM   1139 N  N   . LEU A 1 146 ? 3.525   0.600   -20.336 1.00 26.96 ? 143 LEU A N   1 
ATOM   1140 C  CA  . LEU A 1 146 ? 4.380   1.639   -19.774 1.00 27.21 ? 143 LEU A CA  1 
ATOM   1141 C  C   . LEU A 1 146 ? 5.696   1.702   -20.537 1.00 28.20 ? 143 LEU A C   1 
ATOM   1142 O  O   . LEU A 1 146 ? 6.143   0.700   -21.098 1.00 27.42 ? 143 LEU A O   1 
ATOM   1143 C  CB  . LEU A 1 146 ? 4.675   1.381   -18.293 1.00 26.60 ? 143 LEU A CB  1 
ATOM   1144 C  CG  . LEU A 1 146 ? 3.442   1.407   -17.383 1.00 24.89 ? 143 LEU A CG  1 
ATOM   1145 C  CD1 . LEU A 1 146 ? 3.827   0.932   -16.002 1.00 23.58 ? 143 LEU A CD1 1 
ATOM   1146 C  CD2 . LEU A 1 146 ? 2.851   2.799   -17.309 1.00 24.82 ? 143 LEU A CD2 1 
ATOM   1147 N  N   . THR A 1 147 ? 6.320   2.872   -20.511 1.00 29.82 ? 144 THR A N   1 
ATOM   1148 C  CA  . THR A 1 147 ? 7.612   3.089   -21.171 1.00 31.61 ? 144 THR A CA  1 
ATOM   1149 C  C   . THR A 1 147 ? 8.745   3.094   -20.165 1.00 32.69 ? 144 THR A C   1 
ATOM   1150 O  O   . THR A 1 147 ? 8.523   3.099   -18.955 1.00 31.03 ? 144 THR A O   1 
ATOM   1151 C  CB  . THR A 1 147 ? 7.627   4.445   -21.896 1.00 31.88 ? 144 THR A CB  1 
ATOM   1152 O  OG1 . THR A 1 147 ? 7.481   5.511   -20.953 1.00 32.26 ? 144 THR A OG1 1 
ATOM   1153 C  CG2 . THR A 1 147 ? 6.417   4.605   -22.813 1.00 33.41 ? 144 THR A CG2 1 
ATOM   1154 N  N   . ALA A 1 148 ? 9.970   3.141   -20.690 1.00 33.20 ? 145 ALA A N   1 
ATOM   1155 C  CA  . ALA A 1 148 ? 11.172  3.279   -19.882 1.00 33.87 ? 145 ALA A CA  1 
ATOM   1156 C  C   . ALA A 1 148 ? 11.097  4.536   -19.025 1.00 34.26 ? 145 ALA A C   1 
ATOM   1157 O  O   . ALA A 1 148 ? 11.509  4.519   -17.870 1.00 34.27 ? 145 ALA A O   1 
ATOM   1158 C  CB  . ALA A 1 148 ? 12.430  3.303   -20.778 1.00 34.51 ? 145 ALA A CB  1 
ATOM   1159 N  N   . GLU A 1 149 ? 10.551  5.609   -19.584 1.00 34.73 ? 146 GLU A N   1 
ATOM   1160 C  CA  . GLU A 1 149 ? 10.400  6.866   -18.851 1.00 35.57 ? 146 GLU A CA  1 
ATOM   1161 C  C   . GLU A 1 149 ? 9.383   6.757   -17.691 1.00 34.62 ? 146 GLU A C   1 
ATOM   1162 O  O   . GLU A 1 149 ? 9.605   7.308   -16.604 1.00 33.81 ? 146 GLU A O   1 
ATOM   1163 C  CB  A GLU A 1 149 ? 9.981   7.985   -19.826 0.53 36.17 ? 146 GLU A CB  1 
ATOM   1164 C  CB  B GLU A 1 149 ? 10.041  8.024   -19.783 0.47 35.96 ? 146 GLU A CB  1 
ATOM   1165 C  CG  A GLU A 1 149 ? 9.381   9.248   -19.202 0.53 38.55 ? 146 GLU A CG  1 
ATOM   1166 C  CG  B GLU A 1 149 ? 10.268  9.413   -19.181 0.47 37.68 ? 146 GLU A CG  1 
ATOM   1167 C  CD  A GLU A 1 149 ? 9.314   10.419  -20.179 0.53 41.73 ? 146 GLU A CD  1 
ATOM   1168 C  CD  B GLU A 1 149 ? 11.538  9.522   -18.342 0.47 39.58 ? 146 GLU A CD  1 
ATOM   1169 O  OE1 A GLU A 1 149 ? 8.504   10.359  -21.134 0.53 43.58 ? 146 GLU A OE1 1 
ATOM   1170 O  OE1 B GLU A 1 149 ? 12.642  9.505   -18.927 0.47 39.66 ? 146 GLU A OE1 1 
ATOM   1171 O  OE2 A GLU A 1 149 ? 10.074  11.403  -19.998 0.53 44.02 ? 146 GLU A OE2 1 
ATOM   1172 O  OE2 B GLU A 1 149 ? 11.424  9.619   -17.091 0.47 41.67 ? 146 GLU A OE2 1 
ATOM   1173 N  N   . ASP A 1 150 ? 8.276   6.057   -17.923 1.00 33.19 ? 147 ASP A N   1 
ATOM   1174 C  CA  . ASP A 1 150 ? 7.304   5.824   -16.852 1.00 32.32 ? 147 ASP A CA  1 
ATOM   1175 C  C   . ASP A 1 150 ? 7.978   5.063   -15.724 1.00 31.61 ? 147 ASP A C   1 
ATOM   1176 O  O   . ASP A 1 150 ? 7.773   5.392   -14.552 1.00 30.91 ? 147 ASP A O   1 
ATOM   1177 C  CB  . ASP A 1 150 ? 6.126   4.999   -17.331 1.00 32.30 ? 147 ASP A CB  1 
ATOM   1178 C  CG  . ASP A 1 150 ? 5.284   5.709   -18.365 1.00 32.65 ? 147 ASP A CG  1 
ATOM   1179 O  OD1 . ASP A 1 150 ? 5.015   6.924   -18.244 1.00 33.55 ? 147 ASP A OD1 1 
ATOM   1180 O  OD2 . ASP A 1 150 ? 4.816   5.090   -19.318 1.00 31.80 ? 147 ASP A OD2 1 
ATOM   1181 N  N   . ARG A 1 151 ? 8.793   4.069   -16.083 1.00 31.03 ? 148 ARG A N   1 
ATOM   1182 C  CA  . ARG A 1 151 ? 9.426   3.205   -15.103 1.00 31.54 ? 148 ARG A CA  1 
ATOM   1183 C  C   . ARG A 1 151 ? 10.506  3.928   -14.311 1.00 31.95 ? 148 ARG A C   1 
ATOM   1184 O  O   . ARG A 1 151 ? 10.706  3.639   -13.129 1.00 30.36 ? 148 ARG A O   1 
ATOM   1185 C  CB  . ARG A 1 151 ? 9.984   1.935   -15.743 1.00 31.70 ? 148 ARG A CB  1 
ATOM   1186 C  CG  . ARG A 1 151 ? 8.908   0.953   -16.208 1.00 31.79 ? 148 ARG A CG  1 
ATOM   1187 C  CD  . ARG A 1 151 ? 9.454   -0.410  -16.572 1.00 34.41 ? 148 ARG A CD  1 
ATOM   1188 N  NE  . ARG A 1 151 ? 10.282  -0.332  -17.791 1.00 36.81 ? 148 ARG A NE  1 
ATOM   1189 C  CZ  . ARG A 1 151 ? 9.811   -0.285  -19.040 1.00 39.33 ? 148 ARG A CZ  1 
ATOM   1190 N  NH1 . ARG A 1 151 ? 8.502   -0.313  -19.290 1.00 37.79 ? 148 ARG A NH1 1 
ATOM   1191 N  NH2 . ARG A 1 151 ? 10.666  -0.208  -20.061 1.00 41.18 ? 148 ARG A NH2 1 
ATOM   1192 N  N   . LYS A 1 152 ? 11.189  4.876   -14.955 1.00 32.18 ? 149 LYS A N   1 
ATOM   1193 C  CA  . LYS A 1 152 ? 12.191  5.679   -14.269 1.00 32.86 ? 149 LYS A CA  1 
ATOM   1194 C  C   . LYS A 1 152 ? 11.547  6.590   -13.227 1.00 31.43 ? 149 LYS A C   1 
ATOM   1195 O  O   . LYS A 1 152 ? 12.096  6.740   -12.128 1.00 31.66 ? 149 LYS A O   1 
ATOM   1196 C  CB  . LYS A 1 152 ? 13.027  6.524   -15.253 1.00 34.17 ? 149 LYS A CB  1 
ATOM   1197 C  CG  . LYS A 1 152 ? 14.204  7.233   -14.563 1.00 38.49 ? 149 LYS A CG  1 
ATOM   1198 C  CD  . LYS A 1 152 ? 15.366  7.554   -15.520 1.00 44.07 ? 149 LYS A CD  1 
ATOM   1199 C  CE  . LYS A 1 152 ? 15.088  8.819   -16.314 1.00 47.41 ? 149 LYS A CE  1 
ATOM   1200 N  NZ  . LYS A 1 152 ? 15.291  10.061  -15.495 1.00 49.82 ? 149 LYS A NZ  1 
ATOM   1201 N  N   . ASP A 1 153 ? 10.406  7.187   -13.553 1.00 29.55 ? 150 ASP A N   1 
ATOM   1202 C  CA  . ASP A 1 153 ? 9.704   8.019   -12.581 1.00 29.60 ? 150 ASP A CA  1 
ATOM   1203 C  C   . ASP A 1 153 ? 9.200   7.180   -11.400 1.00 27.88 ? 150 ASP A C   1 
ATOM   1204 O  O   . ASP A 1 153 ? 9.220   7.654   -10.284 1.00 26.83 ? 150 ASP A O   1 
ATOM   1205 C  CB  A ASP A 1 153 ? 8.508   8.716   -13.218 0.58 30.12 ? 150 ASP A CB  1 
ATOM   1206 C  CB  B ASP A 1 153 ? 8.542   8.816   -13.181 0.42 29.30 ? 150 ASP A CB  1 
ATOM   1207 C  CG  A ASP A 1 153 ? 8.908   9.793   -14.206 0.58 33.44 ? 150 ASP A CG  1 
ATOM   1208 C  CG  B ASP A 1 153 ? 8.274   10.119  -12.411 0.42 29.75 ? 150 ASP A CG  1 
ATOM   1209 O  OD1 A ASP A 1 153 ? 9.970   10.433  -14.013 0.58 38.45 ? 150 ASP A OD1 1 
ATOM   1210 O  OD1 B ASP A 1 153 ? 9.231   10.907  -12.249 0.42 30.27 ? 150 ASP A OD1 1 
ATOM   1211 O  OD2 A ASP A 1 153 ? 8.198   10.071  -15.196 0.58 37.29 ? 150 ASP A OD2 1 
ATOM   1212 O  OD2 B ASP A 1 153 ? 7.159   10.439  -11.928 0.42 29.03 ? 150 ASP A OD2 1 
HETATM 1213 N  N   . MSE A 1 154 ? 8.752   5.957   -11.666 1.00 26.38 ? 151 MSE A N   1 
HETATM 1214 C  CA  . MSE A 1 154 ? 8.289   5.068   -10.589 1.00 25.87 ? 151 MSE A CA  1 
HETATM 1215 C  C   . MSE A 1 154 ? 9.439   4.723   -9.650  1.00 25.25 ? 151 MSE A C   1 
HETATM 1216 O  O   . MSE A 1 154 ? 9.260   4.673   -8.436  1.00 24.46 ? 151 MSE A O   1 
HETATM 1217 C  CB  . MSE A 1 154 ? 7.651   3.806   -11.174 1.00 25.57 ? 151 MSE A CB  1 
HETATM 1218 C  CG  . MSE A 1 154 ? 6.346   4.105   -11.923 1.00 24.35 ? 151 MSE A CG  1 
HETATM 1219 SE SE  . MSE A 1 154 ? 5.772   2.657   -13.074 0.75 25.54 ? 151 MSE A SE  1 
HETATM 1220 C  CE  . MSE A 1 154 ? 4.945   1.541   -11.714 1.00 23.92 ? 151 MSE A CE  1 
ATOM   1221 N  N   . GLU A 1 155 ? 10.629  4.504   -10.213 1.00 25.21 ? 152 GLU A N   1 
ATOM   1222 C  CA  . GLU A 1 155 ? 11.823  4.202   -9.423  1.00 25.58 ? 152 GLU A CA  1 
ATOM   1223 C  C   . GLU A 1 155 ? 12.223  5.398   -8.562  1.00 25.13 ? 152 GLU A C   1 
ATOM   1224 O  O   . GLU A 1 155 ? 12.571  5.237   -7.395  1.00 24.04 ? 152 GLU A O   1 
ATOM   1225 C  CB  . GLU A 1 155 ? 12.995  3.770   -10.328 1.00 26.63 ? 152 GLU A CB  1 
ATOM   1226 C  CG  . GLU A 1 155 ? 14.340  3.595   -9.615  1.00 29.13 ? 152 GLU A CG  1 
ATOM   1227 C  CD  . GLU A 1 155 ? 14.413  2.365   -8.710  1.00 32.46 ? 152 GLU A CD  1 
ATOM   1228 O  OE1 . GLU A 1 155 ? 13.428  1.595   -8.610  1.00 32.75 ? 152 GLU A OE1 1 
ATOM   1229 O  OE2 . GLU A 1 155 ? 15.479  2.146   -8.091  1.00 34.60 ? 152 GLU A OE2 1 
ATOM   1230 N  N   . ARG A 1 156 ? 12.171  6.597   -9.135  1.00 24.47 ? 153 ARG A N   1 
ATOM   1231 C  CA  . ARG A 1 156 ? 12.418  7.809   -8.374  1.00 24.82 ? 153 ARG A CA  1 
ATOM   1232 C  C   . ARG A 1 156 ? 11.470  7.905   -7.176  1.00 23.26 ? 153 ARG A C   1 
ATOM   1233 O  O   . ARG A 1 156 ? 11.893  8.199   -6.075  1.00 22.08 ? 153 ARG A O   1 
ATOM   1234 C  CB  . ARG A 1 156 ? 12.243  9.045   -9.259  1.00 25.86 ? 153 ARG A CB  1 
ATOM   1235 C  CG  . ARG A 1 156 ? 12.385  10.391  -8.517  1.00 29.76 ? 153 ARG A CG  1 
ATOM   1236 C  CD  . ARG A 1 156 ? 12.091  11.638  -9.400  1.00 35.38 ? 153 ARG A CD  1 
ATOM   1237 N  NE  . ARG A 1 156 ? 10.660  11.797  -9.737  1.00 40.16 ? 153 ARG A NE  1 
ATOM   1238 C  CZ  . ARG A 1 156 ? 9.702   12.242  -8.900  1.00 41.81 ? 153 ARG A CZ  1 
ATOM   1239 N  NH1 . ARG A 1 156 ? 9.991   12.592  -7.657  1.00 43.10 ? 153 ARG A NH1 1 
ATOM   1240 N  NH2 . ARG A 1 156 ? 8.442   12.355  -9.323  1.00 43.23 ? 153 ARG A NH2 1 
ATOM   1241 N  N   . ILE A 1 157 ? 10.189  7.646   -7.397  1.00 22.56 ? 154 ILE A N   1 
ATOM   1242 C  CA  . ILE A 1 157 ? 9.200   7.828   -6.340  1.00 21.93 ? 154 ILE A CA  1 
ATOM   1243 C  C   . ILE A 1 157 ? 9.425   6.823   -5.205  1.00 20.95 ? 154 ILE A C   1 
ATOM   1244 O  O   . ILE A 1 157 ? 9.458   7.195   -4.034  1.00 20.74 ? 154 ILE A O   1 
ATOM   1245 C  CB  . ILE A 1 157 ? 7.776   7.709   -6.909  1.00 22.17 ? 154 ILE A CB  1 
ATOM   1246 C  CG1 . ILE A 1 157 ? 7.451   8.910   -7.799  1.00 25.16 ? 154 ILE A CG1 1 
ATOM   1247 C  CG2 . ILE A 1 157 ? 6.736   7.635   -5.772  1.00 21.28 ? 154 ILE A CG2 1 
ATOM   1248 C  CD1 . ILE A 1 157 ? 6.287   8.636   -8.768  1.00 28.11 ? 154 ILE A CD1 1 
ATOM   1249 N  N   . ARG A 1 158 ? 9.601   5.552   -5.538  1.00 20.83 ? 155 ARG A N   1 
ATOM   1250 C  CA  . ARG A 1 158 ? 9.711   4.529   -4.483  1.00 20.45 ? 155 ARG A CA  1 
ATOM   1251 C  C   . ARG A 1 158 ? 11.001  4.689   -3.679  1.00 20.26 ? 155 ARG A C   1 
ATOM   1252 O  O   . ARG A 1 158 ? 11.008  4.500   -2.452  1.00 19.34 ? 155 ARG A O   1 
ATOM   1253 C  CB  . ARG A 1 158 ? 9.557   3.123   -5.055  1.00 20.45 ? 155 ARG A CB  1 
ATOM   1254 C  CG  . ARG A 1 158 ? 10.716  2.608   -5.904  1.00 22.82 ? 155 ARG A CG  1 
ATOM   1255 C  CD  . ARG A 1 158 ? 10.556  1.168   -6.342  1.00 23.64 ? 155 ARG A CD  1 
ATOM   1256 N  NE  . ARG A 1 158 ? 9.421   1.030   -7.248  1.00 26.02 ? 155 ARG A NE  1 
ATOM   1257 C  CZ  . ARG A 1 158 ? 9.491   0.959   -8.582  1.00 25.29 ? 155 ARG A CZ  1 
ATOM   1258 N  NH1 . ARG A 1 158 ? 10.659  0.996   -9.216  1.00 25.67 ? 155 ARG A NH1 1 
ATOM   1259 N  NH2 . ARG A 1 158 ? 8.383   0.841   -9.287  1.00 25.86 ? 155 ARG A NH2 1 
ATOM   1260 N  N   . THR A 1 159 ? 12.087  5.063   -4.355  1.00 20.47 ? 156 THR A N   1 
ATOM   1261 C  CA  . THR A 1 159 ? 13.368  5.240   -3.665  1.00 20.80 ? 156 THR A CA  1 
ATOM   1262 C  C   . THR A 1 159 ? 13.371  6.474   -2.790  1.00 20.67 ? 156 THR A C   1 
ATOM   1263 O  O   . THR A 1 159 ? 13.870  6.438   -1.673  1.00 19.87 ? 156 THR A O   1 
ATOM   1264 C  CB  . THR A 1 159 ? 14.583  5.274   -4.635  1.00 21.85 ? 156 THR A CB  1 
ATOM   1265 O  OG1 . THR A 1 159 ? 14.374  6.241   -5.672  1.00 21.60 ? 156 THR A OG1 1 
ATOM   1266 C  CG2 . THR A 1 159 ? 14.744  3.946   -5.344  1.00 23.08 ? 156 THR A CG2 1 
ATOM   1267 N  N   . GLN A 1 160 ? 12.811  7.574   -3.287  1.00 21.70 ? 157 GLN A N   1 
ATOM   1268 C  CA  . GLN A 1 160 ? 12.696  8.783   -2.476  1.00 22.24 ? 157 GLN A CA  1 
ATOM   1269 C  C   . GLN A 1 160 ? 11.824  8.572   -1.263  1.00 20.72 ? 157 GLN A C   1 
ATOM   1270 O  O   . GLN A 1 160 ? 12.097  9.123   -0.206  1.00 20.01 ? 157 GLN A O   1 
ATOM   1271 C  CB  . GLN A 1 160 ? 12.183  9.969   -3.303  1.00 23.56 ? 157 GLN A CB  1 
ATOM   1272 C  CG  . GLN A 1 160 ? 13.314  10.500  -4.187  1.00 29.68 ? 157 GLN A CG  1 
ATOM   1273 C  CD  . GLN A 1 160 ? 12.928  11.706  -4.998  1.00 36.19 ? 157 GLN A CD  1 
ATOM   1274 O  OE1 . GLN A 1 160 ? 11.767  12.122  -4.989  1.00 42.46 ? 157 GLN A OE1 1 
ATOM   1275 N  NE2 . GLN A 1 160 ? 13.897  12.267  -5.725  1.00 39.59 ? 157 GLN A NE2 1 
ATOM   1276 N  N   . TYR A 1 161 ? 10.758  7.786   -1.404  1.00 19.94 ? 158 TYR A N   1 
ATOM   1277 C  CA  . TYR A 1 161 ? 9.928   7.469   -0.249  1.00 19.20 ? 158 TYR A CA  1 
ATOM   1278 C  C   . TYR A 1 161 ? 10.667  6.691   0.826   1.00 18.53 ? 158 TYR A C   1 
ATOM   1279 O  O   . TYR A 1 161 ? 10.456  6.936   2.006   1.00 17.39 ? 158 TYR A O   1 
ATOM   1280 C  CB  . TYR A 1 161 ? 8.629   6.738   -0.661  1.00 19.20 ? 158 TYR A CB  1 
ATOM   1281 C  CG  . TYR A 1 161 ? 7.492   7.729   -0.706  1.00 19.92 ? 158 TYR A CG  1 
ATOM   1282 C  CD1 . TYR A 1 161 ? 7.058   8.262   -1.906  1.00 20.00 ? 158 TYR A CD1 1 
ATOM   1283 C  CD2 . TYR A 1 161 ? 6.882   8.153   0.462   1.00 19.91 ? 158 TYR A CD2 1 
ATOM   1284 C  CE1 . TYR A 1 161 ? 6.043   9.200   -1.949  1.00 21.14 ? 158 TYR A CE1 1 
ATOM   1285 C  CE2 . TYR A 1 161 ? 5.878   9.101   0.441   1.00 20.51 ? 158 TYR A CE2 1 
ATOM   1286 C  CZ  . TYR A 1 161 ? 5.462   9.620   -0.762  1.00 21.91 ? 158 TYR A CZ  1 
ATOM   1287 O  OH  . TYR A 1 161 ? 4.465   10.545  -0.777  1.00 22.77 ? 158 TYR A OH  1 
ATOM   1288 N  N   . VAL A 1 162 ? 11.495  5.724   0.441   1.00 18.54 ? 159 VAL A N   1 
ATOM   1289 C  CA  . VAL A 1 162 ? 12.295  5.041   1.451   1.00 18.61 ? 159 VAL A CA  1 
ATOM   1290 C  C   . VAL A 1 162 ? 13.111  6.060   2.242   1.00 18.76 ? 159 VAL A C   1 
ATOM   1291 O  O   . VAL A 1 162 ? 13.126  6.042   3.483   1.00 18.65 ? 159 VAL A O   1 
ATOM   1292 C  CB  . VAL A 1 162 ? 13.236  3.973   0.838   1.00 18.78 ? 159 VAL A CB  1 
ATOM   1293 C  CG1 . VAL A 1 162 ? 14.215  3.458   1.911   1.00 19.71 ? 159 VAL A CG1 1 
ATOM   1294 C  CG2 . VAL A 1 162 ? 12.411  2.809   0.252   1.00 19.43 ? 159 VAL A CG2 1 
ATOM   1295 N  N   . GLU A 1 163 ? 13.785  6.968   1.531   1.00 19.90 ? 160 GLU A N   1 
ATOM   1296 C  CA  . GLU A 1 163 ? 14.658  7.952   2.169   1.00 20.88 ? 160 GLU A CA  1 
ATOM   1297 C  C   . GLU A 1 163 ? 13.854  8.907   3.053   1.00 20.19 ? 160 GLU A C   1 
ATOM   1298 O  O   . GLU A 1 163 ? 14.217  9.184   4.182   1.00 19.54 ? 160 GLU A O   1 
ATOM   1299 C  CB  . GLU A 1 163 ? 15.403  8.799   1.116   1.00 22.58 ? 160 GLU A CB  1 
ATOM   1300 C  CG  . GLU A 1 163 ? 16.422  8.045   0.294   1.00 29.06 ? 160 GLU A CG  1 
ATOM   1301 C  CD  . GLU A 1 163 ? 17.065  8.944   -0.771  1.00 39.71 ? 160 GLU A CD  1 
ATOM   1302 O  OE1 . GLU A 1 163 ? 17.482  10.093  -0.423  1.00 44.53 ? 160 GLU A OE1 1 
ATOM   1303 O  OE2 . GLU A 1 163 ? 17.117  8.518   -1.957  1.00 45.26 ? 160 GLU A OE2 1 
ATOM   1304 N  N   . LYS A 1 164 ? 12.743  9.386   2.533   1.00 20.03 ? 161 LYS A N   1 
ATOM   1305 C  CA  . LYS A 1 164 ? 11.908  10.308  3.277   1.00 20.56 ? 161 LYS A CA  1 
ATOM   1306 C  C   . LYS A 1 164 ? 11.317  9.650   4.510   1.00 18.84 ? 161 LYS A C   1 
ATOM   1307 O  O   . LYS A 1 164 ? 11.212  10.261  5.557   1.00 18.83 ? 161 LYS A O   1 
ATOM   1308 C  CB  . LYS A 1 164 ? 10.804  10.859  2.383   1.00 21.38 ? 161 LYS A CB  1 
ATOM   1309 C  CG  . LYS A 1 164 ? 10.814  12.340  2.341   1.00 26.15 ? 161 LYS A CG  1 
ATOM   1310 C  CD  . LYS A 1 164 ? 9.859   12.885  1.343   1.00 26.74 ? 161 LYS A CD  1 
ATOM   1311 C  CE  . LYS A 1 164 ? 10.585  13.508  0.212   1.00 29.10 ? 161 LYS A CE  1 
ATOM   1312 N  NZ  . LYS A 1 164 ? 9.654   14.219  -0.645  1.00 28.67 ? 161 LYS A NZ  1 
ATOM   1313 N  N   . GLY A 1 165 ? 10.937  8.391   4.388   1.00 18.72 ? 162 GLY A N   1 
ATOM   1314 C  CA  . GLY A 1 165 ? 10.477  7.631   5.545   1.00 18.01 ? 162 GLY A CA  1 
ATOM   1315 C  C   . GLY A 1 165 ? 11.522  7.570   6.649   1.00 17.92 ? 162 GLY A C   1 
ATOM   1316 O  O   . GLY A 1 165 ? 11.221  7.796   7.815   1.00 17.29 ? 162 GLY A O   1 
ATOM   1317 N  N   . GLN A 1 166 ? 12.765  7.279   6.282   1.00 18.24 ? 163 GLN A N   1 
ATOM   1318 C  CA  . GLN A 1 166 ? 13.837  7.229   7.270   1.00 18.91 ? 163 GLN A CA  1 
ATOM   1319 C  C   . GLN A 1 166 ? 14.095  8.602   7.873   1.00 18.64 ? 163 GLN A C   1 
ATOM   1320 O  O   . GLN A 1 166 ? 14.355  8.723   9.072   1.00 18.29 ? 163 GLN A O   1 
ATOM   1321 C  CB  . GLN A 1 166 ? 15.119  6.635   6.666   1.00 20.17 ? 163 GLN A CB  1 
ATOM   1322 C  CG  . GLN A 1 166 ? 14.952  5.197   6.192   1.00 20.68 ? 163 GLN A CG  1 
ATOM   1323 C  CD  . GLN A 1 166 ? 14.475  4.245   7.302   1.00 24.73 ? 163 GLN A CD  1 
ATOM   1324 O  OE1 . GLN A 1 166 ? 13.362  3.656   7.218   1.00 25.56 ? 163 GLN A OE1 1 
ATOM   1325 N  NE2 . GLN A 1 166 ? 15.260  4.130   8.344   1.00 19.67 ? 163 GLN A NE2 1 
ATOM   1326 N  N   . TYR A 1 167 ? 13.979  9.648   7.061   1.00 18.32 ? 164 TYR A N   1 
ATOM   1327 C  CA  . TYR A 1 167 ? 14.152  11.006  7.570   1.00 18.21 ? 164 TYR A CA  1 
ATOM   1328 C  C   . TYR A 1 167 ? 13.070  11.368  8.609   1.00 17.60 ? 164 TYR A C   1 
ATOM   1329 O  O   . TYR A 1 167 ? 13.374  11.778  9.739   1.00 17.06 ? 164 TYR A O   1 
ATOM   1330 C  CB  . TYR A 1 167 ? 14.197  12.042  6.438   1.00 19.13 ? 164 TYR A CB  1 
ATOM   1331 C  CG  . TYR A 1 167 ? 14.194  13.436  7.010   1.00 21.02 ? 164 TYR A CG  1 
ATOM   1332 C  CD1 . TYR A 1 167 ? 15.350  13.973  7.579   1.00 24.66 ? 164 TYR A CD1 1 
ATOM   1333 C  CD2 . TYR A 1 167 ? 13.016  14.170  7.093   1.00 22.71 ? 164 TYR A CD2 1 
ATOM   1334 C  CE1 . TYR A 1 167 ? 15.329  15.225  8.171   1.00 25.63 ? 164 TYR A CE1 1 
ATOM   1335 C  CE2 . TYR A 1 167 ? 12.992  15.408  7.676   1.00 22.54 ? 164 TYR A CE2 1 
ATOM   1336 C  CZ  . TYR A 1 167 ? 14.152  15.934  8.218   1.00 24.49 ? 164 TYR A CZ  1 
ATOM   1337 O  OH  . TYR A 1 167 ? 14.109  17.190  8.804   1.00 25.49 ? 164 TYR A OH  1 
ATOM   1338 N  N   . TYR A 1 168 ? 11.791  11.213  8.269   1.00 17.14 ? 165 TYR A N   1 
ATOM   1339 C  CA  . TYR A 1 168 ? 10.757  11.563  9.226   1.00 16.70 ? 165 TYR A CA  1 
ATOM   1340 C  C   . TYR A 1 168 ? 10.812  10.650  10.456  1.00 16.84 ? 165 TYR A C   1 
ATOM   1341 O  O   . TYR A 1 168 ? 10.526  11.080  11.566  1.00 16.84 ? 165 TYR A O   1 
ATOM   1342 C  CB  . TYR A 1 168 ? 9.376   11.433  8.582   1.00 17.05 ? 165 TYR A CB  1 
ATOM   1343 C  CG  . TYR A 1 168 ? 8.977   12.608  7.729   1.00 16.77 ? 165 TYR A CG  1 
ATOM   1344 C  CD1 . TYR A 1 168 ? 8.484   13.764  8.302   1.00 22.40 ? 165 TYR A CD1 1 
ATOM   1345 C  CD2 . TYR A 1 168 ? 9.091   12.569  6.364   1.00 17.44 ? 165 TYR A CD2 1 
ATOM   1346 C  CE1 . TYR A 1 168 ? 8.096   14.859  7.499   1.00 22.61 ? 165 TYR A CE1 1 
ATOM   1347 C  CE2 . TYR A 1 168 ? 8.689   13.651  5.550   1.00 17.34 ? 165 TYR A CE2 1 
ATOM   1348 C  CZ  . TYR A 1 168 ? 8.181   14.779  6.127   1.00 19.75 ? 165 TYR A CZ  1 
ATOM   1349 O  OH  . TYR A 1 168 ? 7.773   15.860  5.350   1.00 20.02 ? 165 TYR A OH  1 
ATOM   1350 N  N   . LYS A 1 169 ? 11.224  9.412   10.264  1.00 17.64 ? 166 LYS A N   1 
ATOM   1351 C  CA  . LYS A 1 169 ? 11.396  8.496   11.405  1.00 18.31 ? 166 LYS A CA  1 
ATOM   1352 C  C   . LYS A 1 169 ? 12.408  9.052   12.405  1.00 19.67 ? 166 LYS A C   1 
ATOM   1353 O  O   . LYS A 1 169 ? 12.193  8.980   13.621  1.00 19.11 ? 166 LYS A O   1 
ATOM   1354 C  CB  . LYS A 1 169 ? 11.798  7.104   10.922  1.00 18.67 ? 166 LYS A CB  1 
ATOM   1355 C  CG  . LYS A 1 169 ? 11.881  6.030   12.039  1.00 19.89 ? 166 LYS A CG  1 
ATOM   1356 C  CD  . LYS A 1 169 ? 12.248  4.658   11.451  1.00 22.04 ? 166 LYS A CD  1 
ATOM   1357 C  CE  . LYS A 1 169 ? 12.490  3.625   12.547  1.00 24.52 ? 166 LYS A CE  1 
ATOM   1358 N  NZ  . LYS A 1 169 ? 11.227  3.262   13.174  1.00 26.29 ? 166 LYS A NZ  1 
ATOM   1359 N  N   . SER A 1 170 ? 13.484  9.650   11.888  1.00 21.03 ? 167 SER A N   1 
ATOM   1360 C  CA  . SER A 1 170 ? 14.532  10.239  12.719  1.00 21.93 ? 167 SER A CA  1 
ATOM   1361 C  C   . SER A 1 170 ? 14.041  11.425  13.560  1.00 22.91 ? 167 SER A C   1 
ATOM   1362 O  O   . SER A 1 170 ? 14.650  11.746  14.568  1.00 21.70 ? 167 SER A O   1 
ATOM   1363 C  CB  . SER A 1 170 ? 15.744  10.661  11.860  1.00 22.65 ? 167 SER A CB  1 
ATOM   1364 O  OG  . SER A 1 170 ? 15.488  11.869  11.144  1.00 21.03 ? 167 SER A OG  1 
ATOM   1365 N  N   . LEU A 1 171 ? 12.947  12.070  13.142  1.00 22.85 ? 168 LEU A N   1 
ATOM   1366 C  CA  . LEU A 1 171 ? 12.360  13.189  13.886  1.00 24.12 ? 168 LEU A CA  1 
ATOM   1367 C  C   . LEU A 1 171 ? 11.428  12.769  15.012  1.00 25.47 ? 168 LEU A C   1 
ATOM   1368 O  O   . LEU A 1 171 ? 11.015  13.599  15.825  1.00 25.66 ? 168 LEU A O   1 
ATOM   1369 C  CB  . LEU A 1 171 ? 11.592  14.101  12.936  1.00 24.69 ? 168 LEU A CB  1 
ATOM   1370 C  CG  . LEU A 1 171 ? 12.356  14.696  11.755  1.00 26.12 ? 168 LEU A CG  1 
ATOM   1371 C  CD1 . LEU A 1 171 ? 11.428  15.573  10.951  1.00 27.53 ? 168 LEU A CD1 1 
ATOM   1372 C  CD2 . LEU A 1 171 ? 13.606  15.483  12.219  1.00 28.00 ? 168 LEU A CD2 1 
ATOM   1373 N  N   . GLN A 1 172 ? 11.057  11.494  15.042  1.00 25.63 ? 169 GLN A N   1 
ATOM   1374 C  CA  . GLN A 1 172 ? 10.279  10.964  16.142  1.00 26.80 ? 169 GLN A CA  1 
ATOM   1375 C  C   . GLN A 1 172 ? 11.183  10.726  17.364  1.00 27.47 ? 169 GLN A C   1 
ATOM   1376 O  O   . GLN A 1 172 ? 10.774  11.151  18.426  1.00 31.34 ? 169 GLN A O   1 
ATOM   1377 C  CB  . GLN A 1 172 ? 9.592   9.652   15.759  1.00 26.16 ? 169 GLN A CB  1 
ATOM   1378 C  CG  . GLN A 1 172 ? 8.691   9.770   14.519  1.00 23.86 ? 169 GLN A CG  1 
ATOM   1379 C  CD  . GLN A 1 172 ? 8.029   8.438   14.161  1.00 22.59 ? 169 GLN A CD  1 
ATOM   1380 O  OE1 . GLN A 1 172 ? 8.644   7.392   14.320  1.00 23.15 ? 169 GLN A OE1 1 
ATOM   1381 N  NE2 . GLN A 1 172 ? 6.776   8.482   13.692  1.00 20.47 ? 169 GLN A NE2 1 
HETATM 1382 S  S   . SO4 B 2 .   ? -15.359 -3.450  5.284   1.00 40.70 ? 201 SO4 A S   1 
HETATM 1383 O  O1  . SO4 B 2 .   ? -15.923 -4.558  4.481   1.00 36.93 ? 201 SO4 A O1  1 
HETATM 1384 O  O2  . SO4 B 2 .   ? -16.193 -2.275  4.895   1.00 39.53 ? 201 SO4 A O2  1 
HETATM 1385 O  O3  . SO4 B 2 .   ? -15.489 -3.723  6.726   1.00 35.99 ? 201 SO4 A O3  1 
HETATM 1386 O  O4  . SO4 B 2 .   ? -13.889 -3.199  4.997   1.00 22.03 ? 201 SO4 A O4  1 
HETATM 1387 O  O   . HOH C 3 .   ? -2.417  14.426  10.475  1.00 24.82 ? 202 HOH A O   1 
HETATM 1388 O  O   . HOH C 3 .   ? 9.264   3.437   2.101   1.00 19.82 ? 203 HOH A O   1 
HETATM 1389 O  O   . HOH C 3 .   ? 10.921  0.869   -2.988  1.00 24.18 ? 204 HOH A O   1 
HETATM 1390 O  O   . HOH C 3 .   ? -17.409 5.055   -9.663  1.00 22.91 ? 205 HOH A O   1 
HETATM 1391 O  O   . HOH C 3 .   ? -10.629 10.105  1.524   0.33 18.81 ? 206 HOH A O   1 
HETATM 1392 O  O   . HOH C 3 .   ? 8.967   3.236   -0.851  1.00 21.95 ? 207 HOH A O   1 
HETATM 1393 O  O   . HOH C 3 .   ? -6.057  -14.572 14.063  0.50 36.60 ? 208 HOH A O   1 
HETATM 1394 O  O   . HOH C 3 .   ? -2.109  9.656   -12.366 1.00 30.91 ? 209 HOH A O   1 
HETATM 1395 O  O   . HOH C 3 .   ? 5.841   10.855  12.394  1.00 22.48 ? 210 HOH A O   1 
HETATM 1396 O  O   . HOH C 3 .   ? -5.436  -10.825 -2.347  1.00 23.33 ? 211 HOH A O   1 
HETATM 1397 O  O   . HOH C 3 .   ? -6.599  -10.425 -4.770  1.00 24.62 ? 212 HOH A O   1 
HETATM 1398 O  O   . HOH C 3 .   ? -6.720  -12.478 9.682   1.00 23.79 ? 213 HOH A O   1 
HETATM 1399 O  O   . HOH C 3 .   ? -7.566  -10.980 11.881  1.00 25.70 ? 214 HOH A O   1 
HETATM 1400 O  O   . HOH C 3 .   ? 8.352   4.899   13.041  1.00 21.30 ? 215 HOH A O   1 
HETATM 1401 O  O   . HOH C 3 .   ? -11.786 -2.378  -13.013 1.00 28.22 ? 216 HOH A O   1 
HETATM 1402 O  O   . HOH C 3 .   ? 11.563  4.215   4.979   1.00 22.46 ? 217 HOH A O   1 
HETATM 1403 O  O   . HOH C 3 .   ? 2.704   -9.759  -12.491 1.00 30.29 ? 218 HOH A O   1 
HETATM 1404 O  O   . HOH C 3 .   ? -9.365  7.562   -12.842 1.00 26.13 ? 219 HOH A O   1 
HETATM 1405 O  O   . HOH C 3 .   ? 6.353   1.165   -6.986  1.00 24.02 ? 220 HOH A O   1 
HETATM 1406 O  O   . HOH C 3 .   ? 8.074   12.475  11.675  1.00 25.07 ? 221 HOH A O   1 
HETATM 1407 O  O   . HOH C 3 .   ? -15.033 -9.000  17.149  1.00 27.02 ? 222 HOH A O   1 
HETATM 1408 O  O   . HOH C 3 .   ? -9.132  -3.579  -19.292 1.00 31.61 ? 223 HOH A O   1 
HETATM 1409 O  O   . HOH C 3 .   ? -4.782  -7.875  8.415   1.00 32.67 ? 224 HOH A O   1 
HETATM 1410 O  O   . HOH C 3 .   ? 6.623   -1.407  -15.023 1.00 34.69 ? 225 HOH A O   1 
HETATM 1411 O  O   . HOH C 3 .   ? -1.455  14.712  18.767  1.00 33.80 ? 226 HOH A O   1 
HETATM 1412 O  O   . HOH C 3 .   ? 13.899  -7.502  -0.164  1.00 39.40 ? 227 HOH A O   1 
HETATM 1413 O  O   . HOH C 3 .   ? -9.775  -9.260  -15.173 1.00 29.27 ? 228 HOH A O   1 
HETATM 1414 O  O   . HOH C 3 .   ? 16.097  4.889   -1.214  1.00 28.95 ? 229 HOH A O   1 
HETATM 1415 O  O   . HOH C 3 .   ? 6.752   3.876   -7.403  1.00 30.03 ? 230 HOH A O   1 
HETATM 1416 O  O   . HOH C 3 .   ? 7.186   12.657  -0.650  1.00 29.08 ? 231 HOH A O   1 
HETATM 1417 O  O   . HOH C 3 .   ? 7.090   -9.232  -1.971  1.00 26.45 ? 232 HOH A O   1 
HETATM 1418 O  O   . HOH C 3 .   ? 9.297   0.554   13.273  1.00 28.40 ? 233 HOH A O   1 
HETATM 1419 O  O   . HOH C 3 .   ? -3.873  -12.968 -2.754  1.00 32.80 ? 234 HOH A O   1 
HETATM 1420 O  O   . HOH C 3 .   ? 6.257   -9.864  2.161   1.00 29.54 ? 235 HOH A O   1 
HETATM 1421 O  O   . HOH C 3 .   ? -8.564  8.837   4.906   1.00 38.90 ? 236 HOH A O   1 
HETATM 1422 O  O   . HOH C 3 .   ? -0.649  9.250   -7.769  1.00 37.75 ? 237 HOH A O   1 
HETATM 1423 O  O   . HOH C 3 .   ? 4.872   5.556   15.325  1.00 36.79 ? 238 HOH A O   1 
HETATM 1424 O  O   . HOH C 3 .   ? 13.449  1.693   -3.076  1.00 27.38 ? 239 HOH A O   1 
HETATM 1425 O  O   . HOH C 3 .   ? 16.720  9.841   4.855   1.00 29.38 ? 240 HOH A O   1 
HETATM 1426 O  O   . HOH C 3 .   ? -16.554 -4.476  -8.021  1.00 33.58 ? 241 HOH A O   1 
HETATM 1427 O  O   . HOH C 3 .   ? 15.710  2.278   -1.539  1.00 26.72 ? 242 HOH A O   1 
HETATM 1428 O  O   . HOH C 3 .   ? 5.744   -10.631 -8.098  1.00 30.32 ? 243 HOH A O   1 
HETATM 1429 O  O   . HOH C 3 .   ? -15.386 -10.200 19.603  1.00 29.38 ? 244 HOH A O   1 
HETATM 1430 O  O   . HOH C 3 .   ? -10.782 -14.454 6.651   1.00 38.80 ? 245 HOH A O   1 
HETATM 1431 O  O   . HOH C 3 .   ? -5.912  2.979   24.147  1.00 33.59 ? 246 HOH A O   1 
HETATM 1432 O  O   . HOH C 3 .   ? 12.811  -5.856  12.639  1.00 34.44 ? 247 HOH A O   1 
HETATM 1433 O  O   . HOH C 3 .   ? 15.715  -2.648  2.034   1.00 33.59 ? 248 HOH A O   1 
HETATM 1434 O  O   . HOH C 3 .   ? 2.753   -5.469  17.912  1.00 39.98 ? 249 HOH A O   1 
HETATM 1435 O  O   . HOH C 3 .   ? 6.058   -5.230  15.850  1.00 32.33 ? 250 HOH A O   1 
HETATM 1436 O  O   . HOH C 3 .   ? 8.470   -9.512  0.669   1.00 36.19 ? 251 HOH A O   1 
HETATM 1437 O  O   . HOH C 3 .   ? -13.919 6.066   -16.160 1.00 34.15 ? 252 HOH A O   1 
HETATM 1438 O  O   . HOH C 3 .   ? 10.606  1.262   -12.120 1.00 33.63 ? 253 HOH A O   1 
HETATM 1439 O  O   . HOH C 3 .   ? -15.133 -12.502 1.111   1.00 36.27 ? 254 HOH A O   1 
HETATM 1440 O  O   . HOH C 3 .   ? 15.361  2.787   10.601  1.00 34.94 ? 255 HOH A O   1 
HETATM 1441 O  O   . HOH C 3 .   ? 0.537   -10.322 13.307  1.00 32.32 ? 256 HOH A O   1 
HETATM 1442 O  O   . HOH C 3 .   ? 8.400   -7.656  9.610   1.00 41.01 ? 257 HOH A O   1 
HETATM 1443 O  O   . HOH C 3 .   ? 16.896  0.783   0.388   1.00 34.29 ? 258 HOH A O   1 
HETATM 1444 O  O   . HOH C 3 .   ? 15.737  6.951   10.657  1.00 35.40 ? 259 HOH A O   1 
HETATM 1445 O  O   . HOH C 3 .   ? -7.282  12.049  7.363   1.00 41.07 ? 260 HOH A O   1 
HETATM 1446 O  O   . HOH C 3 .   ? -5.744  -11.643 14.474  1.00 36.59 ? 261 HOH A O   1 
HETATM 1447 O  O   . HOH C 3 .   ? 4.649   -10.722 -0.887  1.00 41.43 ? 262 HOH A O   1 
HETATM 1448 O  O   . HOH C 3 .   ? -10.674 4.343   -18.511 1.00 36.52 ? 263 HOH A O   1 
HETATM 1449 O  O   . HOH C 3 .   ? 4.143   -8.898  0.641   1.00 32.36 ? 264 HOH A O   1 
HETATM 1450 O  O   . HOH C 3 .   ? 3.782   -12.884 -6.682  1.00 30.89 ? 265 HOH A O   1 
HETATM 1451 O  O   . HOH C 3 .   ? -13.272 -11.975 14.545  1.00 36.09 ? 266 HOH A O   1 
HETATM 1452 O  O   . HOH C 3 .   ? -0.292  1.963   20.701  1.00 34.95 ? 267 HOH A O   1 
HETATM 1453 O  O   . HOH C 3 .   ? 7.856   2.744   14.602  1.00 35.17 ? 268 HOH A O   1 
HETATM 1454 O  O   . HOH C 3 .   ? -6.165  9.619   -13.544 1.00 39.73 ? 269 HOH A O   1 
HETATM 1455 O  O   . HOH C 3 .   ? 2.569   -13.287 -9.257  1.00 44.15 ? 270 HOH A O   1 
HETATM 1456 O  O   . HOH C 3 .   ? 6.451   -8.470  4.945   1.00 39.51 ? 271 HOH A O   1 
HETATM 1457 O  O   . HOH C 3 .   ? 6.855   12.325  -3.284  1.00 38.30 ? 272 HOH A O   1 
HETATM 1458 O  O   . HOH C 3 .   ? -3.749  8.717   -15.076 1.00 47.64 ? 273 HOH A O   1 
HETATM 1459 O  O   . HOH C 3 .   ? -7.750  -16.399 -0.971  1.00 40.82 ? 274 HOH A O   1 
HETATM 1460 O  O   . HOH C 3 .   ? -11.557 -11.937 12.363  1.00 39.69 ? 275 HOH A O   1 
HETATM 1461 O  O   . HOH C 3 .   ? 8.451   -0.058  -12.155 1.00 34.25 ? 276 HOH A O   1 
HETATM 1462 O  O   . HOH C 3 .   ? 3.258   6.930   -15.882 1.00 52.13 ? 277 HOH A O   1 
HETATM 1463 O  O   . HOH C 3 .   ? -2.583  -12.816 -7.184  1.00 42.10 ? 278 HOH A O   1 
HETATM 1464 O  O   . HOH C 3 .   ? 17.625  5.056   0.994   1.00 41.36 ? 279 HOH A O   1 
HETATM 1465 O  O   . HOH C 3 .   ? 10.814  5.719   15.348  1.00 38.18 ? 280 HOH A O   1 
HETATM 1466 O  O   . HOH C 3 .   ? 0.566   0.006   -25.509 1.00 40.71 ? 281 HOH A O   1 
HETATM 1467 O  O   . HOH C 3 .   ? 17.100  13.825  12.035  1.00 41.51 ? 282 HOH A O   1 
HETATM 1468 O  O   . HOH C 3 .   ? 12.497  -2.392  -7.656  1.00 41.70 ? 283 HOH A O   1 
HETATM 1469 O  O   . HOH C 3 .   ? -14.946 -7.197  5.548   1.00 36.61 ? 284 HOH A O   1 
HETATM 1470 O  O   . HOH C 3 .   ? 7.320   5.724   16.783  1.00 52.50 ? 285 HOH A O   1 
HETATM 1471 O  O   . HOH C 3 .   ? 14.002  11.648  -0.205  1.00 39.71 ? 286 HOH A O   1 
HETATM 1472 O  O   . HOH C 3 .   ? 10.700  -10.208 -12.015 1.00 56.46 ? 287 HOH A O   1 
HETATM 1473 O  O   . HOH C 3 .   ? 1.112   8.307   -16.124 1.00 52.51 ? 288 HOH A O   1 
HETATM 1474 O  O   . HOH C 3 .   ? 15.435  6.580   13.141  1.00 42.44 ? 289 HOH A O   1 
HETATM 1475 O  O   . HOH C 3 .   ? 11.575  1.521   15.281  1.00 35.54 ? 290 HOH A O   1 
HETATM 1476 O  O   . HOH C 3 .   ? -12.171 -12.854 9.836   1.00 37.43 ? 291 HOH A O   1 
HETATM 1477 O  O   . HOH C 3 .   ? -6.289  -15.686 -8.893  1.00 36.52 ? 292 HOH A O   1 
HETATM 1478 O  O   . HOH C 3 .   ? 8.312   13.688  -5.732  1.00 43.71 ? 293 HOH A O   1 
HETATM 1479 O  O   . HOH C 3 .   ? 13.415  -11.177 -9.142  1.00 37.82 ? 294 HOH A O   1 
HETATM 1480 O  O   . HOH C 3 .   ? -12.644 -2.760  -16.570 1.00 43.61 ? 295 HOH A O   1 
HETATM 1481 O  O   . HOH C 3 .   ? 8.828   -1.788  14.897  1.00 34.98 ? 296 HOH A O   1 
HETATM 1482 O  O   . HOH C 3 .   ? 3.050   8.543   -5.739  1.00 41.61 ? 297 HOH A O   1 
HETATM 1483 O  O   . HOH C 3 .   ? -9.088  -12.924 -7.857  1.00 37.21 ? 298 HOH A O   1 
HETATM 1484 O  O   . HOH C 3 .   ? 14.768  6.809   -11.405 1.00 43.71 ? 299 HOH A O   1 
HETATM 1485 O  O   . HOH C 3 .   ? 11.387  14.811  -2.548  1.00 47.84 ? 300 HOH A O   1 
HETATM 1486 O  O   . HOH C 3 .   ? 3.326   2.727   -24.476 1.00 40.56 ? 301 HOH A O   1 
HETATM 1487 O  O   . HOH C 3 .   ? 11.139  -5.583  -6.229  1.00 42.69 ? 302 HOH A O   1 
HETATM 1488 O  O   . HOH C 3 .   ? 11.969  -9.408  -0.358  1.00 40.31 ? 303 HOH A O   1 
HETATM 1489 O  O   . HOH C 3 .   ? -11.907 -11.365 23.008  1.00 43.98 ? 304 HOH A O   1 
HETATM 1490 O  O   . HOH C 3 .   ? -9.986  6.409   -2.085  1.00 39.90 ? 305 HOH A O   1 
HETATM 1491 O  O   . HOH C 3 .   ? -14.938 -11.666 9.157   1.00 40.49 ? 306 HOH A O   1 
HETATM 1492 O  O   . HOH C 3 .   ? -13.665 -10.986 -5.977  1.00 43.15 ? 307 HOH A O   1 
HETATM 1493 O  O   . HOH C 3 .   ? -2.299  -9.254  -13.296 1.00 45.32 ? 308 HOH A O   1 
HETATM 1494 O  O   . HOH C 3 .   ? -13.840 -4.172  -14.478 1.00 40.51 ? 309 HOH A O   1 
HETATM 1495 O  O   . HOH C 3 .   ? -12.283 7.126   -2.551  1.00 42.36 ? 310 HOH A O   1 
HETATM 1496 O  O   . HOH C 3 .   ? -10.340 8.588   -1.236  1.00 49.13 ? 311 HOH A O   1 
HETATM 1497 O  O   . HOH C 3 .   ? 14.414  -3.929  10.503  1.00 37.70 ? 312 HOH A O   1 
HETATM 1498 O  O   . HOH C 3 .   ? 0.635   6.109   21.083  1.00 53.28 ? 313 HOH A O   1 
HETATM 1499 O  O   . HOH C 3 .   ? -11.425 9.505   -5.896  1.00 41.43 ? 314 HOH A O   1 
HETATM 1500 O  O   . HOH C 3 .   ? 16.095  17.836  10.368  1.00 37.59 ? 315 HOH A O   1 
HETATM 1501 O  O   . HOH C 3 .   ? 4.325   -7.936  18.640  1.00 41.74 ? 316 HOH A O   1 
HETATM 1502 O  O   . HOH C 3 .   ? 1.858   -6.634  -19.925 1.00 42.95 ? 317 HOH A O   1 
HETATM 1503 O  O   . HOH C 3 .   ? -12.183 -12.847 -7.325  1.00 49.71 ? 318 HOH A O   1 
HETATM 1504 O  O   . HOH C 3 .   ? -3.575  -16.578 15.697  1.00 36.28 ? 319 HOH A O   1 
HETATM 1505 O  O   . HOH C 3 .   ? 10.187  2.619   -23.731 1.00 51.17 ? 320 HOH A O   1 
HETATM 1506 O  O   . HOH C 3 .   ? 0.391   -10.656 -12.772 1.00 45.11 ? 321 HOH A O   1 
HETATM 1507 O  O   . HOH C 3 .   ? 10.329  -11.365 -7.109  1.00 51.12 ? 322 HOH A O   1 
HETATM 1508 O  O   . HOH C 3 .   ? -4.330  -13.253 -5.618  1.00 48.36 ? 323 HOH A O   1 
HETATM 1509 O  O   . HOH C 3 .   ? 6.526   -5.584  -15.020 1.00 41.47 ? 324 HOH A O   1 
HETATM 1510 O  O   . HOH C 3 .   ? -2.729  -10.300 -15.917 1.00 46.17 ? 325 HOH A O   1 
HETATM 1511 O  O   . HOH C 3 .   ? -1.729  7.935   -21.514 1.00 51.64 ? 326 HOH A O   1 
HETATM 1512 O  O   . HOH C 3 .   ? 5.322   1.458   15.486  1.00 46.50 ? 327 HOH A O   1 
HETATM 1513 O  O   . HOH C 3 .   ? 13.548  3.017   -17.158 1.00 49.92 ? 328 HOH A O   1 
HETATM 1514 O  O   . HOH C 3 .   ? 6.668   -7.208  17.697  1.00 45.69 ? 329 HOH A O   1 
HETATM 1515 O  O   . HOH C 3 .   ? 16.515  -2.598  7.046   1.00 48.59 ? 330 HOH A O   1 
HETATM 1516 O  O   . HOH C 3 .   ? -9.778  -7.806  -17.587 1.00 51.60 ? 331 HOH A O   1 
# 
